data_5NFV
#
_entry.id   5NFV
#
_cell.length_a   82.421
_cell.length_b   143.703
_cell.length_c   84.628
_cell.angle_alpha   90.00
_cell.angle_beta   94.16
_cell.angle_gamma   90.00
#
_symmetry.space_group_name_H-M   'P 1 21 1'
#
loop_
_entity.id
_entity.type
_entity.pdbx_description
1 polymer 'CRISPR-associated endonuclease Cpf1'
2 polymer pre-crRNA
3 polymer 'DNA target strand'
4 polymer 'DNA non-target strand'
5 non-polymer 'MAGNESIUM ION'
6 non-polymer 2-[3-(2-HYDROXY-1,1-DIHYDROXYMETHYL-ETHYLAMINO)-PROPYLAMINO]-2-HYDROXYMETHYL-PROPANE-1,3-DIOL
7 water water
#
loop_
_entity_poly.entity_id
_entity_poly.type
_entity_poly.pdbx_seq_one_letter_code
_entity_poly.pdbx_strand_id
1 'polypeptide(L)'
;SNASIYQEFVNKYSLSKTLRFELIPQGKTLENIKARGLILDDEKRAKDYKKAKQIIDKYHQFFIEEILSSVCISEDLLQN
YSDVYFKLKKSDDDNLQKDFKSAKDTIKKQISEYIKDSEKFKNLFNQNLIDAKKGQESDLILWLKQSKDNGIELFKANSD
ITDIDEALEIIKSFKGWTTYFKGFHENRKNVYSSNDIPTSIIYRIVDDNLPKFLENKAKYESLKDKAPEAINYEQIKKDL
AEELTFDIDYKTSEVNQRVFSLDEVFEIANFNNYLNQSGITKFNTIIGGKFVNGENTKRKGINEYINLYSQQINDKTLKK
YKMSVLFKQILSDTESKSFVIDKLEDDSDVVTTMQSFYEQIAAFKTVEEKSIKETLSLLFDDLKAQKLDLSKIYFKNDKS
LTDLSQQVFDDYSVIGTAVLEYITQQIAPKNLDNPSKKEQELIAKKTEKAKYLSLETIKLALEEFNKHRDIDKQCRFEEI
LANFAAIPMIFDEIAQNKDNLAQISIKYQNQGKKDLLQASAEDDVKAIKDLLDQTNNLLHKLKIFHISQSEDKANILDKD
EHFYLVFEECYFELANIVPLYNKIRNYITQKPYSDEKFKLNFENSTLANGWDKNKEPDNTAILFIKDDKYYLGVMNKKNN
KIFDDKAIKENKGEGYKKIVYKLLPGANKMLPKVFFSAKSIKFYNPSEDILRIRNHSTHTKNGSPQKGYEKFEFNIEDCR
KFIDFYKQSISKHPEWKDFGFRFSDTQRYNSIDEFYREVENQGYKLTFENISESYIDSVVNQGKLYLFQIYNKDFSAYSK
GRPNLHTLYWKALFDERNLQDVVYKLNGEAELFYRKQSIPKKITHPAKEAIANKNKDNPKKESVFEYDLIKDKRFTEDKF
FFHCPITINFKSSGANKFNDEINLLLKEKANDVHILSIDRGERHLAYYTLVDGKGNIIKQDTFNIIGNDRMKTNYHDKLA
AIEKDRDSARKDWKKINNIKEMKEGYLSQVVHEIAKLVIEYNAIVVFQDLNFGFKRGRFKVEKQVYQKLEKMLIEKLNYL
VFKDNEFDKTGGVLRAYQLTAPFETFKKMGKQTGIIYYVPAGFTSKICPVTGFVNQLYPKYESVSKSQEFFSKFDKICYN
LDKGYFEFSFDYKNFGDKAAKGKWTIASFGSRLINFRNSDKNHNWDTREVYPTKELEKLLKDYSIEYGHGECIKAAICGE
SDKKFFAKLTSVLNTILQMANSKTGTELDYLISPVADVNGNFFDSRQAPKNMPQDADANGAYHIGLKGLMLLGRIKNNQE
GKKLNLVIKNEEYFEFVQNRNN
;
A
2 'polydeoxyribonucleotide/polyribonucleotide hybrid' AA(DU)AAUUUCUACUGUUGUAGAUAGAUUAAAAGGUAAUUCUAUCUUG B
3 'polydeoxyribonucleotide'
;(DA)(DT)(DA)(DG)(DT)(DT)(DC)(DA)(DT)(DA)(DG)(DA)(DA)(DT)(DT)(DA)(DC)(DC)(DT)(DT)
(DT)(DT)(DA)(DA)(DT)(DC)(DT)(DT)(DA)(DA)(DA)(DG)(DG)(DA)(DC)(DT)(DG)(DC)
;
C
4 'polydeoxyribonucleotide'
;(DA)(DG)(DT)(DC)(DC)(DT)(DT)(DT)(DA)(DT)(DC)(DT)(DA)(DA)(DT)(DT)(DT)(DT)(DC)(DC)
(DA)(DT)(DT)(DA)(DA)(DG)(DA)(DT)(DA)(DG)(DA)(DA)(DC)(DT)(DA)(DT)(DG)(DC)
;
D
#
# COMPACT_ATOMS: atom_id res chain seq x y z
N ASN A 2 -23.21 -30.56 -18.15
CA ASN A 2 -23.11 -29.71 -16.97
C ASN A 2 -21.72 -29.77 -16.35
N ALA A 3 -20.73 -30.16 -17.15
CA ALA A 3 -19.34 -30.23 -16.69
C ALA A 3 -18.61 -28.95 -17.05
N SER A 4 -17.82 -28.45 -16.11
CA SER A 4 -17.12 -27.18 -16.31
C SER A 4 -16.02 -27.33 -17.34
N ILE A 5 -15.86 -26.29 -18.17
CA ILE A 5 -14.75 -26.26 -19.10
C ILE A 5 -13.42 -26.14 -18.37
N TYR A 6 -13.43 -25.71 -17.12
CA TYR A 6 -12.23 -25.61 -16.31
C TYR A 6 -11.89 -26.91 -15.59
N GLN A 7 -12.58 -27.99 -15.94
CA GLN A 7 -12.45 -29.25 -15.22
C GLN A 7 -11.00 -29.73 -15.15
N GLU A 8 -10.25 -29.58 -16.24
CA GLU A 8 -8.88 -30.05 -16.26
C GLU A 8 -7.90 -29.11 -15.56
N PHE A 9 -8.35 -27.96 -15.09
CA PHE A 9 -7.47 -27.01 -14.41
C PHE A 9 -7.54 -27.27 -12.92
N VAL A 10 -6.79 -28.28 -12.49
CA VAL A 10 -6.83 -28.84 -11.16
C VAL A 10 -5.45 -29.43 -10.88
N ASN A 11 -4.99 -29.28 -9.64
CA ASN A 11 -3.65 -29.74 -9.28
C ASN A 11 -2.60 -29.18 -10.24
N LYS A 12 -2.76 -27.90 -10.60
CA LYS A 12 -1.90 -27.31 -11.62
C LYS A 12 -0.56 -26.86 -11.04
N TYR A 13 -0.58 -26.15 -9.92
CA TYR A 13 0.66 -25.67 -9.34
C TYR A 13 0.52 -25.61 -7.83
N SER A 14 1.65 -25.68 -7.15
CA SER A 14 1.67 -25.72 -5.70
C SER A 14 1.65 -24.31 -5.13
N LEU A 15 1.20 -24.21 -3.89
CA LEU A 15 1.41 -22.98 -3.15
C LEU A 15 1.52 -23.29 -1.68
N SER A 16 2.05 -22.33 -0.93
CA SER A 16 2.29 -22.46 0.49
C SER A 16 1.27 -21.64 1.25
N LYS A 17 0.75 -22.20 2.34
CA LYS A 17 -0.26 -21.55 3.16
C LYS A 17 0.09 -21.79 4.61
N THR A 18 -0.49 -21.00 5.50
CA THR A 18 -0.35 -21.25 6.93
C THR A 18 -1.73 -21.21 7.58
N LEU A 19 -2.05 -22.29 8.29
CA LEU A 19 -3.32 -22.40 8.98
C LEU A 19 -3.13 -22.03 10.45
N ARG A 20 -4.15 -21.41 11.03
CA ARG A 20 -4.05 -20.87 12.38
C ARG A 20 -5.14 -21.46 13.26
N PHE A 21 -4.74 -21.91 14.45
CA PHE A 21 -5.66 -22.52 15.39
C PHE A 21 -5.38 -22.01 16.79
N GLU A 22 -6.36 -22.22 17.67
CA GLU A 22 -6.16 -22.02 19.09
C GLU A 22 -5.71 -23.32 19.72
N LEU A 23 -4.80 -23.23 20.68
CA LEU A 23 -4.37 -24.39 21.46
C LEU A 23 -5.07 -24.35 22.81
N ILE A 24 -5.88 -25.36 23.09
CA ILE A 24 -6.58 -25.49 24.36
C ILE A 24 -5.75 -26.41 25.27
N PRO A 25 -5.15 -25.90 26.33
CA PRO A 25 -4.43 -26.79 27.25
C PRO A 25 -5.35 -27.89 27.78
N GLN A 26 -4.81 -29.10 27.87
CA GLN A 26 -5.56 -30.28 28.25
C GLN A 26 -5.08 -30.81 29.60
N GLY A 27 -6.01 -31.05 30.51
CA GLY A 27 -5.65 -31.72 31.75
C GLY A 27 -4.87 -30.82 32.68
N LYS A 28 -3.80 -31.37 33.25
CA LYS A 28 -2.95 -30.61 34.16
C LYS A 28 -1.85 -29.84 33.44
N THR A 29 -1.95 -29.70 32.11
CA THR A 29 -0.92 -29.05 31.33
C THR A 29 -0.71 -27.61 31.79
N LEU A 30 -1.78 -26.81 31.77
CA LEU A 30 -1.62 -25.39 32.11
C LEU A 30 -1.05 -25.21 33.52
N GLU A 31 -1.53 -25.99 34.49
CA GLU A 31 -0.99 -25.86 35.83
C GLU A 31 0.49 -26.20 35.88
N ASN A 32 0.94 -27.16 35.07
CA ASN A 32 2.37 -27.49 35.05
C ASN A 32 3.17 -26.40 34.36
N ILE A 33 2.65 -25.85 33.25
CA ILE A 33 3.27 -24.69 32.61
C ILE A 33 3.50 -23.58 33.63
N LYS A 34 2.42 -23.15 34.29
CA LYS A 34 2.55 -22.11 35.29
C LYS A 34 3.43 -22.54 36.45
N ALA A 35 3.54 -23.86 36.69
CA ALA A 35 4.39 -24.36 37.77
C ALA A 35 5.86 -24.19 37.44
N ARG A 36 6.24 -24.26 36.16
CA ARG A 36 7.62 -23.98 35.75
C ARG A 36 7.80 -22.55 35.24
N GLY A 37 6.73 -21.75 35.19
CA GLY A 37 6.85 -20.37 34.75
C GLY A 37 7.32 -20.22 33.32
N LEU A 38 6.87 -21.10 32.42
CA LEU A 38 7.36 -21.06 31.05
C LEU A 38 6.87 -19.82 30.31
N ILE A 39 5.61 -19.44 30.53
CA ILE A 39 4.99 -18.36 29.75
C ILE A 39 5.67 -17.03 30.04
N LEU A 40 5.76 -16.67 31.32
CA LEU A 40 6.44 -15.43 31.69
C LEU A 40 7.89 -15.43 31.21
N ASP A 41 8.56 -16.58 31.35
CA ASP A 41 9.92 -16.69 30.85
C ASP A 41 9.97 -16.40 29.36
N ASP A 42 8.95 -16.81 28.61
CA ASP A 42 8.96 -16.57 27.17
C ASP A 42 8.64 -15.12 26.84
N GLU A 43 7.85 -14.45 27.68
CA GLU A 43 7.67 -13.02 27.51
C GLU A 43 9.00 -12.29 27.68
N LYS A 44 9.65 -12.53 28.83
CA LYS A 44 10.99 -11.99 29.06
C LYS A 44 11.92 -12.30 27.90
N ARG A 45 11.88 -13.53 27.40
CA ARG A 45 12.76 -13.92 26.32
C ARG A 45 12.43 -13.19 25.02
N ALA A 46 11.16 -12.89 24.78
CA ALA A 46 10.80 -12.14 23.58
C ALA A 46 11.36 -10.73 23.64
N LYS A 47 11.21 -10.05 24.80
CA LYS A 47 11.77 -8.71 24.92
C LYS A 47 13.30 -8.74 24.85
N ASP A 48 13.93 -9.68 25.55
CA ASP A 48 15.38 -9.83 25.48
C ASP A 48 15.85 -10.10 24.05
N TYR A 49 15.07 -10.90 23.31
CA TYR A 49 15.41 -11.20 21.93
C TYR A 49 15.37 -9.94 21.07
N LYS A 50 14.30 -9.16 21.20
CA LYS A 50 14.25 -7.87 20.52
C LYS A 50 15.50 -7.05 20.82
N LYS A 51 15.84 -6.92 22.10
CA LYS A 51 17.01 -6.13 22.48
C LYS A 51 18.29 -6.69 21.84
N ALA A 52 18.46 -8.01 21.88
CA ALA A 52 19.64 -8.62 21.27
C ALA A 52 19.74 -8.28 19.79
N LYS A 53 18.61 -8.36 19.07
CA LYS A 53 18.62 -7.96 17.67
C LYS A 53 18.99 -6.49 17.51
N GLN A 54 18.59 -5.64 18.46
CA GLN A 54 18.95 -4.23 18.36
C GLN A 54 20.46 -4.02 18.56
N ILE A 55 21.05 -4.76 19.50
CA ILE A 55 22.50 -4.68 19.73
C ILE A 55 23.25 -5.14 18.48
N ILE A 56 22.95 -6.36 18.02
CA ILE A 56 23.58 -6.85 16.80
C ILE A 56 23.40 -5.86 15.67
N ASP A 57 22.23 -5.23 15.59
CA ASP A 57 21.99 -4.24 14.55
C ASP A 57 22.93 -3.05 14.70
N LYS A 58 23.18 -2.61 15.94
CA LYS A 58 24.18 -1.57 16.16
C LYS A 58 25.54 -1.99 15.60
N TYR A 59 25.99 -3.20 15.95
CA TYR A 59 27.25 -3.69 15.42
C TYR A 59 27.27 -3.67 13.90
N HIS A 60 26.17 -4.14 13.27
CA HIS A 60 26.05 -4.07 11.83
C HIS A 60 26.23 -2.64 11.31
N GLN A 61 25.53 -1.69 11.94
CA GLN A 61 25.59 -0.30 11.49
C GLN A 61 27.01 0.23 11.53
N PHE A 62 27.71 0.01 12.64
CA PHE A 62 29.11 0.44 12.71
C PHE A 62 29.93 -0.20 11.59
N PHE A 63 29.78 -1.51 11.41
CA PHE A 63 30.53 -2.19 10.37
C PHE A 63 30.27 -1.56 9.00
N ILE A 64 29.00 -1.38 8.65
CA ILE A 64 28.64 -0.78 7.37
C ILE A 64 29.29 0.59 7.23
N GLU A 65 29.20 1.41 8.28
CA GLU A 65 29.76 2.76 8.22
C GLU A 65 31.26 2.74 7.94
N GLU A 66 32.01 1.94 8.71
CA GLU A 66 33.46 1.93 8.51
C GLU A 66 33.83 1.34 7.16
N ILE A 67 33.25 0.21 6.81
CA ILE A 67 33.64 -0.47 5.58
C ILE A 67 33.29 0.38 4.36
N LEU A 68 32.16 1.10 4.39
CA LEU A 68 31.82 1.96 3.27
C LEU A 68 32.68 3.23 3.24
N SER A 69 32.94 3.82 4.40
CA SER A 69 33.92 4.89 4.44
C SER A 69 35.19 4.47 3.68
N SER A 70 35.67 3.25 4.00
CA SER A 70 36.94 2.77 3.44
C SER A 70 36.86 2.50 1.95
N VAL A 71 35.68 2.20 1.43
CA VAL A 71 35.54 1.83 0.02
C VAL A 71 35.87 3.01 -0.88
N CYS A 72 36.65 2.75 -1.93
CA CYS A 72 36.98 3.74 -2.95
C CYS A 72 36.81 3.09 -4.32
N ILE A 73 35.80 3.51 -5.05
CA ILE A 73 35.55 2.98 -6.39
C ILE A 73 36.42 3.74 -7.37
N SER A 74 37.05 3.00 -8.29
CA SER A 74 37.89 3.62 -9.30
C SER A 74 37.10 4.69 -10.06
N GLU A 75 37.69 5.89 -10.13
CA GLU A 75 37.05 6.97 -10.87
C GLU A 75 36.78 6.56 -12.32
N ASP A 76 37.68 5.77 -12.91
CA ASP A 76 37.46 5.28 -14.27
C ASP A 76 36.23 4.38 -14.34
N LEU A 77 36.02 3.55 -13.31
CA LEU A 77 34.82 2.71 -13.26
C LEU A 77 33.57 3.57 -13.30
N LEU A 78 33.47 4.53 -12.38
CA LEU A 78 32.30 5.41 -12.36
C LEU A 78 32.12 6.10 -13.70
N GLN A 79 33.20 6.61 -14.29
CA GLN A 79 33.09 7.30 -15.57
C GLN A 79 32.55 6.37 -16.66
N ASN A 80 33.08 5.15 -16.72
CA ASN A 80 32.60 4.16 -17.69
C ASN A 80 31.11 3.89 -17.49
N TYR A 81 30.73 3.52 -16.27
CA TYR A 81 29.33 3.32 -15.93
C TYR A 81 28.48 4.50 -16.38
N SER A 82 28.95 5.71 -16.11
CA SER A 82 28.17 6.91 -16.42
C SER A 82 27.99 7.06 -17.93
N ASP A 83 29.07 6.93 -18.69
CA ASP A 83 28.98 7.11 -20.13
C ASP A 83 28.04 6.08 -20.75
N VAL A 84 28.16 4.81 -20.35
CA VAL A 84 27.23 3.80 -20.85
C VAL A 84 25.80 4.12 -20.40
N TYR A 85 25.65 4.62 -19.17
CA TYR A 85 24.34 4.86 -18.60
C TYR A 85 23.60 5.95 -19.37
N PHE A 86 24.29 7.03 -19.72
CA PHE A 86 23.65 8.07 -20.51
C PHE A 86 23.51 7.67 -21.97
N LYS A 87 24.43 6.87 -22.51
CA LYS A 87 24.23 6.36 -23.86
C LYS A 87 23.00 5.47 -23.95
N LEU A 88 22.67 4.75 -22.87
CA LEU A 88 21.46 3.92 -22.87
C LEU A 88 20.23 4.77 -23.11
N LYS A 89 20.18 5.98 -22.55
CA LYS A 89 19.17 6.93 -22.94
C LYS A 89 19.34 7.28 -24.41
N LYS A 90 18.28 7.06 -25.20
CA LYS A 90 18.19 7.32 -26.63
C LYS A 90 18.62 6.12 -27.46
N SER A 91 19.15 5.05 -26.86
CA SER A 91 19.62 3.89 -27.61
C SER A 91 19.48 2.64 -26.78
N ASP A 92 18.96 1.57 -27.39
CA ASP A 92 18.74 0.29 -26.74
C ASP A 92 19.76 -0.76 -27.15
N ASP A 93 20.84 -0.36 -27.83
CA ASP A 93 21.77 -1.29 -28.43
C ASP A 93 22.17 -2.40 -27.46
N ASP A 94 22.34 -3.62 -28.00
CA ASP A 94 22.78 -4.74 -27.18
C ASP A 94 24.18 -4.53 -26.65
N ASN A 95 25.08 -4.00 -27.49
CA ASN A 95 26.42 -3.68 -27.03
C ASN A 95 26.36 -2.77 -25.80
N LEU A 96 25.43 -1.82 -25.80
CA LEU A 96 25.33 -0.89 -24.68
C LEU A 96 24.85 -1.58 -23.41
N GLN A 97 23.86 -2.46 -23.51
CA GLN A 97 23.39 -3.14 -22.31
C GLN A 97 24.41 -4.14 -21.79
N LYS A 98 25.17 -4.78 -22.67
CA LYS A 98 26.22 -5.68 -22.21
C LYS A 98 27.34 -4.89 -21.54
N ASP A 99 27.71 -3.74 -22.10
CA ASP A 99 28.74 -2.91 -21.47
C ASP A 99 28.27 -2.34 -20.13
N PHE A 100 26.99 -1.94 -20.06
CA PHE A 100 26.43 -1.43 -18.82
C PHE A 100 26.40 -2.52 -17.75
N LYS A 101 25.86 -3.69 -18.10
CA LYS A 101 25.94 -4.84 -17.22
C LYS A 101 27.37 -5.08 -16.76
N SER A 102 28.34 -4.91 -17.66
CA SER A 102 29.73 -5.17 -17.31
C SER A 102 30.23 -4.16 -16.28
N ALA A 103 30.00 -2.88 -16.52
CA ALA A 103 30.51 -1.85 -15.59
C ALA A 103 29.82 -1.95 -14.24
N LYS A 104 28.48 -1.96 -14.24
CA LYS A 104 27.72 -2.14 -13.00
C LYS A 104 28.22 -3.36 -12.23
N ASP A 105 28.39 -4.49 -12.93
CA ASP A 105 28.79 -5.70 -12.23
C ASP A 105 30.23 -5.63 -11.74
N THR A 106 31.11 -4.89 -12.44
CA THR A 106 32.47 -4.73 -11.95
C THR A 106 32.50 -3.92 -10.66
N ILE A 107 31.78 -2.80 -10.63
CA ILE A 107 31.70 -2.01 -9.39
C ILE A 107 31.13 -2.87 -8.27
N LYS A 108 30.01 -3.56 -8.53
CA LYS A 108 29.41 -4.42 -7.53
C LYS A 108 30.41 -5.46 -7.03
N LYS A 109 31.20 -6.04 -7.94
CA LYS A 109 32.16 -7.06 -7.55
C LYS A 109 33.25 -6.46 -6.66
N GLN A 110 33.75 -5.27 -7.01
CA GLN A 110 34.76 -4.65 -6.17
C GLN A 110 34.25 -4.44 -4.76
N ILE A 111 33.07 -3.81 -4.62
CA ILE A 111 32.52 -3.61 -3.28
C ILE A 111 32.34 -4.94 -2.56
N SER A 112 31.68 -5.89 -3.22
CA SER A 112 31.39 -7.18 -2.60
C SER A 112 32.66 -7.84 -2.08
N GLU A 113 33.67 -7.99 -2.94
CA GLU A 113 34.93 -8.58 -2.51
C GLU A 113 35.55 -7.78 -1.37
N TYR A 114 35.39 -6.46 -1.39
CA TYR A 114 36.01 -5.64 -0.34
C TYR A 114 35.38 -5.91 1.02
N ILE A 115 34.05 -6.01 1.09
CA ILE A 115 33.44 -6.28 2.39
C ILE A 115 33.64 -7.75 2.78
N LYS A 116 33.71 -8.65 1.79
CA LYS A 116 33.88 -10.07 2.12
C LYS A 116 35.26 -10.37 2.67
N ASP A 117 36.26 -9.56 2.32
CA ASP A 117 37.62 -9.79 2.79
C ASP A 117 37.87 -9.29 4.21
N SER A 118 36.93 -8.53 4.77
CA SER A 118 37.14 -7.92 6.08
C SER A 118 37.18 -8.96 7.18
N GLU A 119 37.80 -8.58 8.30
CA GLU A 119 37.95 -9.50 9.42
C GLU A 119 36.65 -9.66 10.18
N LYS A 120 35.87 -8.58 10.32
CA LYS A 120 34.65 -8.61 11.10
C LYS A 120 33.51 -9.34 10.40
N PHE A 121 33.57 -9.46 9.06
CA PHE A 121 32.52 -10.15 8.32
C PHE A 121 32.53 -11.65 8.55
N LYS A 122 33.71 -12.22 8.83
CA LYS A 122 33.81 -13.66 9.00
C LYS A 122 32.95 -14.14 10.16
N ASN A 123 32.96 -13.42 11.28
CA ASN A 123 32.26 -13.84 12.50
C ASN A 123 30.84 -13.30 12.59
N LEU A 124 30.30 -12.73 11.50
CA LEU A 124 29.08 -11.95 11.59
C LEU A 124 27.85 -12.83 11.83
N PHE A 125 27.77 -13.97 11.16
CA PHE A 125 26.56 -14.78 11.17
C PHE A 125 26.71 -16.11 11.89
N ASN A 126 27.90 -16.41 12.43
CA ASN A 126 28.13 -17.68 13.11
C ASN A 126 27.99 -17.51 14.62
N GLN A 127 28.15 -18.61 15.34
CA GLN A 127 27.95 -18.60 16.78
C GLN A 127 28.99 -17.76 17.51
N ASN A 128 30.15 -17.51 16.88
CA ASN A 128 31.19 -16.70 17.52
C ASN A 128 30.69 -15.29 17.82
N LEU A 129 29.61 -14.85 17.18
CA LEU A 129 29.13 -13.49 17.40
C LEU A 129 28.62 -13.30 18.83
N ILE A 130 27.89 -14.29 19.36
CA ILE A 130 27.23 -14.17 20.65
C ILE A 130 27.76 -15.17 21.67
N ASP A 131 28.08 -16.40 21.25
CA ASP A 131 28.56 -17.42 22.18
C ASP A 131 29.83 -18.06 21.59
N ALA A 132 30.96 -17.41 21.83
CA ALA A 132 32.23 -17.94 21.38
C ALA A 132 32.54 -19.25 22.08
N LYS A 133 32.96 -20.25 21.30
CA LYS A 133 33.39 -21.51 21.90
C LYS A 133 34.53 -21.28 22.87
N LYS A 134 35.52 -20.47 22.48
CA LYS A 134 36.70 -20.15 23.30
C LYS A 134 37.06 -21.21 24.33
N SER A 138 33.96 -13.40 21.76
CA SER A 138 33.00 -12.88 20.79
C SER A 138 33.39 -11.50 20.28
N ASP A 139 33.19 -11.27 18.99
CA ASP A 139 33.45 -9.94 18.43
C ASP A 139 32.43 -8.94 18.92
N LEU A 140 31.18 -9.38 19.17
CA LEU A 140 30.18 -8.49 19.73
C LEU A 140 30.58 -8.06 21.14
N ILE A 141 30.83 -9.04 22.02
CA ILE A 141 31.28 -8.71 23.37
C ILE A 141 32.50 -7.81 23.32
N LEU A 142 33.44 -8.10 22.41
CA LEU A 142 34.65 -7.30 22.32
C LEU A 142 34.34 -5.86 21.94
N TRP A 143 33.50 -5.67 20.93
CA TRP A 143 33.15 -4.32 20.49
C TRP A 143 32.44 -3.54 21.59
N LEU A 144 31.49 -4.19 22.28
CA LEU A 144 30.83 -3.55 23.41
C LEU A 144 31.84 -3.17 24.48
N LYS A 145 32.78 -4.07 24.79
CA LYS A 145 33.76 -3.81 25.85
C LYS A 145 34.66 -2.64 25.47
N GLN A 146 35.18 -2.63 24.25
CA GLN A 146 35.94 -1.47 23.79
C GLN A 146 35.12 -0.20 23.90
N SER A 147 33.86 -0.26 23.47
CA SER A 147 33.00 0.93 23.51
C SER A 147 32.81 1.43 24.94
N LYS A 148 32.78 0.53 25.92
CA LYS A 148 32.73 0.96 27.31
C LYS A 148 34.07 1.57 27.73
N ASP A 149 35.17 0.86 27.44
CA ASP A 149 36.50 1.37 27.78
C ASP A 149 36.77 2.71 27.10
N ASN A 150 36.27 2.88 25.88
CA ASN A 150 36.42 4.14 25.17
C ASN A 150 35.44 5.21 25.65
N GLY A 151 34.59 4.90 26.61
CA GLY A 151 33.65 5.88 27.15
C GLY A 151 32.67 6.43 26.13
N ILE A 152 32.11 5.57 25.29
CA ILE A 152 31.18 5.96 24.25
C ILE A 152 29.90 5.17 24.43
N GLU A 153 28.78 5.86 24.61
CA GLU A 153 27.51 5.25 24.96
C GLU A 153 26.68 5.04 23.70
N LEU A 154 26.46 3.76 23.34
CA LEU A 154 25.75 3.44 22.11
C LEU A 154 24.24 3.54 22.29
N PHE A 155 23.73 3.13 23.45
CA PHE A 155 22.30 2.95 23.67
C PHE A 155 21.63 4.16 24.31
N LYS A 156 22.26 5.33 24.22
CA LYS A 156 21.67 6.53 24.81
C LYS A 156 20.31 6.84 24.21
N ALA A 157 20.09 6.45 22.95
CA ALA A 157 18.90 6.92 22.23
C ALA A 157 17.63 6.18 22.62
N ASN A 158 17.72 4.91 23.03
CA ASN A 158 16.52 4.11 23.28
C ASN A 158 16.32 3.89 24.78
N SER A 159 15.06 3.72 25.16
CA SER A 159 14.69 3.58 26.56
C SER A 159 14.85 2.14 27.06
N ASP A 160 14.65 1.16 26.18
CA ASP A 160 14.57 -0.23 26.65
C ASP A 160 15.93 -0.73 27.15
N ILE A 161 17.02 -0.34 26.50
CA ILE A 161 18.36 -0.77 26.88
C ILE A 161 19.04 0.38 27.60
N THR A 162 19.28 0.21 28.90
CA THR A 162 19.78 1.30 29.72
C THR A 162 21.21 1.67 29.33
N ASP A 163 22.14 0.70 29.39
CA ASP A 163 23.54 0.98 29.20
C ASP A 163 24.22 -0.24 28.55
N ILE A 164 25.54 -0.14 28.42
CA ILE A 164 26.32 -1.21 27.77
C ILE A 164 26.26 -2.48 28.60
N ASP A 165 26.40 -2.37 29.91
CA ASP A 165 26.42 -3.55 30.78
C ASP A 165 25.16 -4.39 30.58
N GLU A 166 24.00 -3.74 30.56
CA GLU A 166 22.76 -4.46 30.29
C GLU A 166 22.84 -5.20 28.96
N ALA A 167 23.43 -4.55 27.95
CA ALA A 167 23.60 -5.23 26.66
C ALA A 167 24.47 -6.46 26.79
N LEU A 168 25.54 -6.38 27.59
CA LEU A 168 26.37 -7.55 27.86
C LEU A 168 25.55 -8.67 28.46
N GLU A 169 24.78 -8.37 29.50
CA GLU A 169 23.99 -9.40 30.16
C GLU A 169 22.96 -10.01 29.21
N ILE A 170 22.37 -9.17 28.34
CA ILE A 170 21.39 -9.66 27.38
C ILE A 170 22.04 -10.61 26.38
N ILE A 171 23.19 -10.21 25.84
CA ILE A 171 23.90 -11.06 24.88
C ILE A 171 24.24 -12.39 25.53
N LYS A 172 24.83 -12.35 26.73
CA LYS A 172 25.18 -13.58 27.43
C LYS A 172 23.96 -14.39 27.83
N SER A 173 22.79 -13.77 27.93
CA SER A 173 21.58 -14.51 28.28
C SER A 173 21.23 -15.58 27.24
N PHE A 174 21.70 -15.44 26.00
CA PHE A 174 21.48 -16.42 24.94
C PHE A 174 22.68 -17.34 24.75
N LYS A 175 23.35 -17.71 25.84
CA LYS A 175 24.60 -18.47 25.72
C LYS A 175 24.43 -19.70 24.83
N GLY A 176 23.38 -20.48 25.07
CA GLY A 176 23.20 -21.70 24.32
C GLY A 176 22.15 -21.65 23.24
N TRP A 177 21.76 -20.45 22.78
CA TRP A 177 20.60 -20.27 21.93
C TRP A 177 20.94 -19.63 20.59
N THR A 178 22.14 -19.88 20.06
CA THR A 178 22.54 -19.19 18.84
C THR A 178 21.67 -19.61 17.65
N THR A 179 21.27 -20.87 17.60
CA THR A 179 20.39 -21.31 16.52
C THR A 179 19.09 -20.52 16.50
N TYR A 180 18.63 -20.07 17.67
CA TYR A 180 17.42 -19.24 17.75
C TYR A 180 17.50 -18.01 16.86
N PHE A 181 18.70 -17.62 16.43
CA PHE A 181 18.90 -16.42 15.64
C PHE A 181 19.08 -16.72 14.16
N LYS A 182 19.06 -18.00 13.75
CA LYS A 182 19.43 -18.34 12.38
C LYS A 182 18.62 -17.55 11.36
N GLY A 183 17.29 -17.57 11.50
CA GLY A 183 16.47 -16.76 10.62
C GLY A 183 16.93 -15.31 10.56
N PHE A 184 17.06 -14.68 11.73
CA PHE A 184 17.57 -13.31 11.77
C PHE A 184 18.86 -13.18 10.98
N HIS A 185 19.79 -14.12 11.16
CA HIS A 185 21.06 -14.04 10.43
C HIS A 185 20.82 -14.07 8.93
N GLU A 186 19.91 -14.95 8.48
CA GLU A 186 19.51 -14.92 7.08
C GLU A 186 19.16 -13.50 6.65
N ASN A 187 18.23 -12.85 7.37
CA ASN A 187 17.87 -11.49 7.02
C ASN A 187 19.11 -10.60 6.94
N ARG A 188 20.02 -10.73 7.91
CA ARG A 188 21.21 -9.89 7.90
C ARG A 188 22.12 -10.23 6.72
N LYS A 189 22.20 -11.51 6.34
CA LYS A 189 22.93 -11.84 5.13
C LYS A 189 22.37 -11.08 3.93
N ASN A 190 21.05 -10.88 3.89
CA ASN A 190 20.48 -10.16 2.75
C ASN A 190 21.00 -8.73 2.69
N VAL A 191 21.48 -8.19 3.82
CA VAL A 191 22.04 -6.86 3.84
C VAL A 191 23.37 -6.80 3.09
N TYR A 192 24.14 -7.89 3.09
CA TYR A 192 25.46 -7.90 2.48
C TYR A 192 25.50 -8.73 1.21
N SER A 193 24.37 -9.27 0.78
CA SER A 193 24.35 -10.24 -0.31
C SER A 193 24.87 -9.64 -1.62
N SER A 194 25.69 -10.42 -2.32
CA SER A 194 26.16 -10.06 -3.64
C SER A 194 25.18 -10.45 -4.74
N ASN A 195 24.12 -11.20 -4.41
CA ASN A 195 23.05 -11.43 -5.36
C ASN A 195 22.36 -10.11 -5.71
N ASP A 196 21.57 -10.14 -6.77
CA ASP A 196 20.82 -8.95 -7.19
C ASP A 196 19.51 -8.92 -6.43
N ILE A 197 19.50 -8.25 -5.28
CA ILE A 197 18.31 -8.15 -4.46
C ILE A 197 18.25 -6.79 -3.76
N PRO A 198 17.05 -6.22 -3.58
CA PRO A 198 16.96 -4.84 -3.07
C PRO A 198 17.42 -4.66 -1.63
N THR A 199 17.58 -5.74 -0.86
CA THR A 199 17.94 -5.63 0.55
C THR A 199 19.43 -5.43 0.79
N SER A 200 20.24 -5.37 -0.26
CA SER A 200 21.70 -5.34 -0.12
C SER A 200 22.21 -3.91 -0.14
N ILE A 201 23.25 -3.65 0.65
CA ILE A 201 23.89 -2.34 0.60
C ILE A 201 24.59 -2.15 -0.74
N ILE A 202 25.08 -3.24 -1.34
CA ILE A 202 25.66 -3.15 -2.67
C ILE A 202 24.60 -2.71 -3.67
N TYR A 203 23.40 -3.29 -3.58
CA TYR A 203 22.31 -2.88 -4.44
C TYR A 203 21.93 -1.43 -4.19
N ARG A 204 21.80 -1.06 -2.91
CA ARG A 204 21.44 0.30 -2.56
C ARG A 204 22.44 1.32 -3.10
N ILE A 205 23.71 0.95 -3.13
CA ILE A 205 24.73 1.86 -3.66
C ILE A 205 24.66 1.92 -5.18
N VAL A 206 24.75 0.76 -5.83
CA VAL A 206 24.96 0.73 -7.28
C VAL A 206 23.65 0.85 -8.05
N ASP A 207 22.62 0.09 -7.66
CA ASP A 207 21.37 0.13 -8.40
C ASP A 207 20.55 1.37 -8.09
N ASP A 208 20.54 1.80 -6.83
CA ASP A 208 19.67 2.89 -6.39
C ASP A 208 20.36 4.24 -6.43
N ASN A 209 21.41 4.40 -5.62
CA ASN A 209 21.95 5.74 -5.36
C ASN A 209 22.84 6.26 -6.48
N LEU A 210 23.58 5.40 -7.16
CA LEU A 210 24.47 5.89 -8.21
C LEU A 210 23.71 6.56 -9.34
N PRO A 211 22.68 5.94 -9.93
CA PRO A 211 21.91 6.64 -10.98
C PRO A 211 21.29 7.93 -10.48
N LYS A 212 20.78 7.95 -9.25
CA LYS A 212 20.22 9.18 -8.70
C LYS A 212 21.28 10.27 -8.60
N PHE A 213 22.46 9.92 -8.12
CA PHE A 213 23.55 10.88 -8.05
C PHE A 213 23.90 11.43 -9.43
N LEU A 214 24.16 10.53 -10.39
CA LEU A 214 24.50 10.98 -11.74
C LEU A 214 23.40 11.85 -12.32
N GLU A 215 22.14 11.53 -12.01
CA GLU A 215 21.03 12.37 -12.46
C GLU A 215 21.09 13.75 -11.82
N ASN A 216 21.41 13.80 -10.52
CA ASN A 216 21.56 15.09 -9.85
C ASN A 216 22.70 15.91 -10.44
N LYS A 217 23.79 15.23 -10.81
CA LYS A 217 24.91 15.94 -11.43
C LYS A 217 24.51 16.52 -12.78
N ALA A 218 23.90 15.70 -13.63
CA ALA A 218 23.40 16.20 -14.91
C ALA A 218 22.48 17.39 -14.70
N LYS A 219 21.51 17.27 -13.78
CA LYS A 219 20.61 18.37 -13.51
C LYS A 219 21.34 19.60 -12.98
N TYR A 220 22.48 19.39 -12.31
CA TYR A 220 23.21 20.51 -11.74
C TYR A 220 23.97 21.28 -12.81
N GLU A 221 24.72 20.56 -13.66
CA GLU A 221 25.38 21.23 -14.77
C GLU A 221 24.37 21.92 -15.67
N SER A 222 23.29 21.22 -16.02
CA SER A 222 22.24 21.84 -16.82
C SER A 222 21.64 23.05 -16.11
N LEU A 223 21.55 23.01 -14.79
CA LEU A 223 21.02 24.15 -14.04
C LEU A 223 21.97 25.34 -14.10
N LYS A 224 23.27 25.10 -13.97
CA LYS A 224 24.25 26.18 -14.16
C LYS A 224 24.16 26.73 -15.57
N ASP A 225 23.78 25.89 -16.54
CA ASP A 225 23.65 26.36 -17.91
C ASP A 225 22.45 27.29 -18.06
N LYS A 226 21.27 26.85 -17.60
CA LYS A 226 20.05 27.60 -17.87
C LYS A 226 19.83 28.74 -16.88
N ALA A 227 20.15 28.53 -15.61
CA ALA A 227 19.91 29.52 -14.56
C ALA A 227 21.11 29.60 -13.65
N PRO A 228 22.16 30.33 -14.06
CA PRO A 228 23.38 30.39 -13.23
C PRO A 228 23.16 31.05 -11.87
N GLU A 229 22.40 32.14 -11.83
CA GLU A 229 22.18 32.89 -10.60
C GLU A 229 21.04 32.32 -9.76
N ALA A 230 20.51 31.15 -10.12
CA ALA A 230 19.35 30.61 -9.41
C ALA A 230 19.67 30.29 -7.96
N ILE A 231 20.82 29.68 -7.70
CA ILE A 231 21.21 29.26 -6.35
C ILE A 231 22.31 30.17 -5.84
N ASN A 232 22.21 30.56 -4.57
CA ASN A 232 23.16 31.46 -3.94
C ASN A 232 24.27 30.64 -3.30
N TYR A 233 25.44 30.62 -3.94
CA TYR A 233 26.51 29.74 -3.50
C TYR A 233 27.10 30.17 -2.17
N GLU A 234 27.33 31.47 -1.98
CA GLU A 234 27.85 31.95 -0.70
C GLU A 234 26.92 31.55 0.44
N GLN A 235 25.61 31.67 0.22
CA GLN A 235 24.65 31.43 1.29
C GLN A 235 24.65 29.96 1.70
N ILE A 236 24.62 29.03 0.74
CA ILE A 236 24.66 27.62 1.11
C ILE A 236 26.03 27.25 1.66
N LYS A 237 27.09 27.87 1.18
CA LYS A 237 28.41 27.63 1.74
C LYS A 237 28.47 28.07 3.20
N LYS A 238 27.64 29.04 3.59
CA LYS A 238 27.56 29.40 5.01
C LYS A 238 26.63 28.47 5.77
N ASP A 239 25.37 28.40 5.36
CA ASP A 239 24.35 27.66 6.12
C ASP A 239 24.70 26.18 6.23
N LEU A 240 25.08 25.56 5.13
CA LEU A 240 25.33 24.13 5.07
C LEU A 240 26.81 23.79 5.15
N ALA A 241 27.65 24.74 5.56
CA ALA A 241 29.08 24.46 5.68
C ALA A 241 29.33 23.18 6.47
N GLU A 242 28.48 22.88 7.44
CA GLU A 242 28.64 21.67 8.25
C GLU A 242 28.51 20.43 7.37
N GLU A 243 27.41 20.33 6.62
CA GLU A 243 27.16 19.19 5.75
C GLU A 243 27.98 19.21 4.47
N LEU A 244 28.63 20.34 4.16
CA LEU A 244 29.54 20.41 3.02
C LEU A 244 30.97 20.03 3.37
N THR A 245 31.22 19.60 4.61
CA THR A 245 32.57 19.27 5.05
C THR A 245 32.83 17.78 4.82
N PHE A 246 33.90 17.47 4.09
CA PHE A 246 34.27 16.11 3.77
C PHE A 246 35.74 15.88 4.07
N ASP A 247 36.07 14.63 4.44
CA ASP A 247 37.43 14.30 4.83
C ASP A 247 38.34 14.19 3.62
N ILE A 248 37.87 13.55 2.55
CA ILE A 248 38.68 13.24 1.39
C ILE A 248 38.03 13.79 0.13
N ASP A 249 38.84 14.43 -0.71
CA ASP A 249 38.43 14.73 -2.08
C ASP A 249 38.94 13.58 -2.95
N TYR A 250 38.03 12.68 -3.33
CA TYR A 250 38.43 11.51 -4.09
C TYR A 250 38.87 11.85 -5.52
N LYS A 251 38.63 13.08 -5.98
CA LYS A 251 39.15 13.47 -7.29
C LYS A 251 40.66 13.71 -7.22
N THR A 252 41.12 14.40 -6.19
CA THR A 252 42.54 14.69 -6.01
C THR A 252 43.21 13.79 -4.99
N SER A 253 42.46 12.92 -4.33
CA SER A 253 42.95 12.05 -3.25
C SER A 253 43.43 12.84 -2.04
N GLU A 254 43.31 14.17 -2.05
CA GLU A 254 43.68 14.99 -0.90
C GLU A 254 42.91 14.57 0.34
N VAL A 255 43.63 14.38 1.44
CA VAL A 255 43.04 13.81 2.65
C VAL A 255 42.70 14.88 3.68
N ASN A 256 42.86 16.15 3.34
CA ASN A 256 42.60 17.22 4.29
C ASN A 256 41.11 17.58 4.32
N GLN A 257 40.58 17.79 5.52
CA GLN A 257 39.17 18.07 5.71
C GLN A 257 38.88 19.56 5.54
N ARG A 258 37.80 19.86 4.82
CA ARG A 258 37.44 21.21 4.45
C ARG A 258 36.05 21.19 3.83
N VAL A 259 35.40 22.34 3.81
CA VAL A 259 34.15 22.47 3.08
C VAL A 259 34.42 22.42 1.59
N PHE A 260 33.50 21.81 0.84
CA PHE A 260 33.66 21.64 -0.59
C PHE A 260 32.70 22.56 -1.34
N SER A 261 33.10 22.93 -2.56
CA SER A 261 32.20 23.66 -3.45
C SER A 261 31.19 22.70 -4.06
N LEU A 262 30.02 23.23 -4.39
CA LEU A 262 29.02 22.41 -5.06
C LEU A 262 29.57 21.78 -6.33
N ASP A 263 30.47 22.49 -7.04
CA ASP A 263 31.17 21.87 -8.16
C ASP A 263 31.91 20.62 -7.70
N GLU A 264 32.54 20.67 -6.53
CA GLU A 264 33.33 19.55 -6.04
C GLU A 264 32.45 18.42 -5.50
N VAL A 265 31.33 18.75 -4.86
CA VAL A 265 30.49 17.69 -4.30
C VAL A 265 29.86 16.88 -5.42
N PHE A 266 29.66 17.48 -6.60
CA PHE A 266 29.12 16.77 -7.75
C PHE A 266 30.21 16.20 -8.65
N GLU A 267 31.47 16.25 -8.22
CA GLU A 267 32.51 15.48 -8.88
C GLU A 267 32.17 14.00 -8.82
N ILE A 268 32.35 13.30 -9.94
CA ILE A 268 31.89 11.92 -10.01
C ILE A 268 32.65 11.05 -9.01
N ALA A 269 33.97 11.24 -8.90
CA ALA A 269 34.73 10.48 -7.92
C ALA A 269 34.23 10.73 -6.51
N ASN A 270 33.77 11.95 -6.23
CA ASN A 270 33.29 12.26 -4.88
C ASN A 270 31.98 11.55 -4.55
N PHE A 271 31.40 10.81 -5.50
CA PHE A 271 30.34 9.88 -5.13
C PHE A 271 30.81 8.91 -4.06
N ASN A 272 32.13 8.69 -3.96
CA ASN A 272 32.69 7.82 -2.93
C ASN A 272 32.49 8.36 -1.52
N ASN A 273 32.00 9.61 -1.41
CA ASN A 273 31.65 10.22 -0.13
C ASN A 273 30.18 10.03 0.24
N TYR A 274 29.37 9.51 -0.67
CA TYR A 274 27.93 9.37 -0.44
C TYR A 274 27.51 7.92 -0.30
N LEU A 275 28.46 7.02 0.00
CA LEU A 275 28.15 5.61 0.12
C LEU A 275 27.41 5.30 1.41
N ASN A 276 27.98 5.69 2.55
CA ASN A 276 27.42 5.33 3.84
C ASN A 276 26.36 6.35 4.25
N GLN A 277 25.72 6.09 5.41
CA GLN A 277 24.60 6.93 5.83
C GLN A 277 25.05 8.35 6.16
N SER A 278 26.25 8.50 6.71
CA SER A 278 26.75 9.84 7.02
C SER A 278 26.78 10.71 5.77
N GLY A 279 27.42 10.21 4.70
CA GLY A 279 27.48 10.97 3.47
C GLY A 279 26.11 11.15 2.82
N ILE A 280 25.27 10.11 2.89
CA ILE A 280 23.91 10.23 2.36
C ILE A 280 23.18 11.38 3.05
N THR A 281 23.26 11.43 4.38
CA THR A 281 22.60 12.49 5.12
C THR A 281 23.14 13.86 4.73
N LYS A 282 24.47 13.98 4.61
CA LYS A 282 25.05 15.24 4.19
C LYS A 282 24.49 15.66 2.83
N PHE A 283 24.61 14.79 1.82
CA PHE A 283 24.13 15.11 0.48
C PHE A 283 22.66 15.51 0.50
N ASN A 284 21.82 14.68 1.12
CA ASN A 284 20.38 14.96 1.16
C ASN A 284 20.08 16.26 1.91
N THR A 285 20.96 16.69 2.82
CA THR A 285 20.77 17.97 3.49
C THR A 285 21.21 19.12 2.59
N ILE A 286 22.30 18.94 1.85
CA ILE A 286 22.67 19.89 0.80
C ILE A 286 21.49 20.10 -0.15
N ILE A 287 20.70 19.05 -0.37
CA ILE A 287 19.53 19.20 -1.23
C ILE A 287 18.37 19.87 -0.48
N GLY A 288 18.13 19.47 0.77
CA GLY A 288 16.91 19.87 1.45
C GLY A 288 17.02 20.92 2.53
N GLY A 289 18.24 21.30 2.92
CA GLY A 289 18.40 22.27 3.98
C GLY A 289 18.12 21.69 5.35
N LYS A 290 17.99 22.58 6.32
CA LYS A 290 17.79 22.17 7.70
C LYS A 290 17.22 23.33 8.51
N PHE A 291 16.55 22.98 9.59
CA PHE A 291 16.15 23.93 10.63
C PHE A 291 17.20 23.93 11.74
N VAL A 292 17.48 25.11 12.28
CA VAL A 292 18.37 25.27 13.42
C VAL A 292 17.60 26.01 14.51
N ASN A 293 17.64 25.47 15.73
CA ASN A 293 17.04 26.16 16.85
C ASN A 293 17.75 27.49 17.08
N GLY A 294 16.97 28.53 17.39
CA GLY A 294 17.50 29.86 17.50
C GLY A 294 17.54 30.63 16.20
N GLU A 295 17.29 29.97 15.07
CA GLU A 295 17.15 30.63 13.78
C GLU A 295 15.67 30.75 13.45
N ASN A 296 15.25 31.95 13.05
CA ASN A 296 13.83 32.16 12.74
C ASN A 296 13.43 31.42 11.48
N THR A 297 14.23 31.55 10.42
CA THR A 297 13.92 30.96 9.13
C THR A 297 14.83 29.77 8.85
N LYS A 298 14.31 28.84 8.05
CA LYS A 298 15.03 27.62 7.75
C LYS A 298 16.16 27.90 6.75
N ARG A 299 17.25 27.15 6.91
CA ARG A 299 18.38 27.25 5.99
C ARG A 299 18.03 26.53 4.68
N LYS A 300 18.17 27.25 3.57
CA LYS A 300 17.71 26.76 2.28
C LYS A 300 18.66 25.73 1.68
N GLY A 301 18.08 24.76 0.96
CA GLY A 301 18.83 23.81 0.16
C GLY A 301 18.63 24.07 -1.32
N ILE A 302 19.34 23.28 -2.13
CA ILE A 302 19.33 23.48 -3.57
C ILE A 302 17.91 23.56 -4.10
N ASN A 303 17.08 22.57 -3.76
CA ASN A 303 15.74 22.51 -4.30
C ASN A 303 14.94 23.76 -3.95
N GLU A 304 15.15 24.30 -2.75
CA GLU A 304 14.49 25.55 -2.40
C GLU A 304 14.93 26.68 -3.32
N TYR A 305 16.24 26.79 -3.60
CA TYR A 305 16.70 27.83 -4.52
C TYR A 305 16.10 27.66 -5.90
N ILE A 306 16.08 26.43 -6.41
CA ILE A 306 15.47 26.18 -7.71
C ILE A 306 14.02 26.64 -7.72
N ASN A 307 13.23 26.18 -6.74
CA ASN A 307 11.83 26.57 -6.68
C ASN A 307 11.67 28.09 -6.63
N LEU A 308 12.39 28.74 -5.72
CA LEU A 308 12.24 30.19 -5.56
C LEU A 308 12.59 30.94 -6.85
N TYR A 309 13.68 30.55 -7.52
CA TYR A 309 14.07 31.24 -8.74
C TYR A 309 13.10 30.94 -9.88
N SER A 310 12.61 29.70 -9.95
CA SER A 310 11.63 29.35 -10.97
C SER A 310 10.36 30.17 -10.79
N GLN A 311 9.93 30.39 -9.54
CA GLN A 311 8.77 31.22 -9.28
C GLN A 311 9.08 32.71 -9.43
N GLN A 312 10.36 33.09 -9.36
CA GLN A 312 10.75 34.48 -9.54
C GLN A 312 10.67 34.89 -11.01
N ILE A 313 11.21 34.04 -11.89
CA ILE A 313 11.18 34.31 -13.33
C ILE A 313 9.98 33.69 -14.01
N ASN A 314 9.09 33.03 -13.26
CA ASN A 314 7.86 32.47 -13.81
C ASN A 314 8.16 31.46 -14.92
N ASP A 315 9.03 30.50 -14.61
CA ASP A 315 9.42 29.47 -15.57
C ASP A 315 9.34 28.11 -14.88
N LYS A 316 8.36 27.30 -15.27
CA LYS A 316 8.21 25.96 -14.72
C LYS A 316 9.20 24.96 -15.29
N THR A 317 9.92 25.32 -16.36
CA THR A 317 10.94 24.43 -16.90
C THR A 317 11.94 24.02 -15.83
N LEU A 318 12.35 24.97 -14.97
CA LEU A 318 13.31 24.69 -13.92
C LEU A 318 12.87 23.54 -13.03
N LYS A 319 11.57 23.30 -12.91
CA LYS A 319 11.08 22.19 -12.09
C LYS A 319 11.78 20.89 -12.45
N LYS A 320 12.07 20.69 -13.74
CA LYS A 320 12.64 19.42 -14.17
C LYS A 320 14.02 19.18 -13.56
N TYR A 321 14.66 20.23 -13.06
CA TYR A 321 16.00 20.14 -12.48
C TYR A 321 15.98 19.90 -10.97
N LYS A 322 14.80 19.77 -10.35
CA LYS A 322 14.76 19.52 -8.92
C LYS A 322 15.38 18.17 -8.62
N MET A 323 16.27 18.14 -7.64
CA MET A 323 17.14 16.99 -7.44
C MET A 323 16.48 15.96 -6.53
N SER A 324 16.77 14.69 -6.81
CA SER A 324 16.23 13.59 -6.04
C SER A 324 17.16 13.28 -4.88
N VAL A 325 16.57 12.93 -3.75
CA VAL A 325 17.31 12.55 -2.56
C VAL A 325 17.82 11.14 -2.72
N LEU A 326 18.98 10.85 -2.12
CA LEU A 326 19.50 9.49 -2.12
C LEU A 326 18.75 8.66 -1.09
N PHE A 327 18.45 7.41 -1.45
CA PHE A 327 17.80 6.53 -0.49
C PHE A 327 18.73 6.28 0.69
N LYS A 328 18.14 5.91 1.82
CA LYS A 328 18.94 5.66 3.01
C LYS A 328 19.80 4.43 2.81
N GLN A 329 20.93 4.39 3.51
CA GLN A 329 21.68 3.15 3.57
C GLN A 329 20.94 2.16 4.48
N ILE A 330 21.10 0.88 4.16
CA ILE A 330 20.29 -0.14 4.81
C ILE A 330 20.70 -0.29 6.27
N LEU A 331 19.71 -0.45 7.14
CA LEU A 331 19.96 -0.68 8.56
C LEU A 331 20.31 0.60 9.29
N SER A 332 20.68 1.65 8.57
CA SER A 332 21.16 2.86 9.21
C SER A 332 20.05 3.49 10.03
N ASP A 333 20.36 3.81 11.28
CA ASP A 333 19.45 4.49 12.20
C ASP A 333 20.22 5.72 12.70
N THR A 334 20.01 6.85 12.04
CA THR A 334 20.84 8.03 12.26
C THR A 334 19.99 9.24 12.55
N GLU A 335 20.61 10.24 13.17
CA GLU A 335 19.93 11.45 13.60
C GLU A 335 19.81 12.45 12.44
N SER A 336 18.76 13.25 12.49
CA SER A 336 18.51 14.24 11.45
C SER A 336 19.28 15.52 11.72
N LYS A 337 19.78 16.15 10.66
CA LYS A 337 20.45 17.43 10.80
C LYS A 337 19.48 18.55 11.11
N SER A 338 18.19 18.35 10.90
CA SER A 338 17.19 19.37 11.20
C SER A 338 16.69 19.22 12.63
N PHE A 339 16.22 20.32 13.19
CA PHE A 339 15.80 20.33 14.59
C PHE A 339 14.65 19.36 14.81
N VAL A 340 14.70 18.66 15.95
CA VAL A 340 13.70 17.65 16.30
C VAL A 340 13.09 18.01 17.65
N ILE A 341 11.76 18.14 17.69
CA ILE A 341 11.07 18.53 18.90
C ILE A 341 11.22 17.45 19.97
N ASP A 342 11.24 17.87 21.24
CA ASP A 342 11.18 16.93 22.34
C ASP A 342 9.80 16.29 22.41
N LYS A 343 9.72 15.15 23.08
CA LYS A 343 8.50 14.36 23.16
C LYS A 343 7.94 14.41 24.57
N LEU A 344 6.61 14.44 24.66
CA LEU A 344 5.92 14.25 25.93
C LEU A 344 5.68 12.76 26.14
N GLU A 345 6.05 12.28 27.33
CA GLU A 345 6.10 10.83 27.55
C GLU A 345 4.73 10.24 27.86
N ASP A 346 3.90 10.95 28.62
CA ASP A 346 2.65 10.37 29.08
C ASP A 346 1.60 11.47 29.21
N ASP A 347 0.44 11.11 29.77
CA ASP A 347 -0.67 12.04 29.87
C ASP A 347 -0.34 13.19 30.83
N SER A 348 0.38 12.90 31.91
CA SER A 348 0.72 13.95 32.87
C SER A 348 1.50 15.08 32.19
N ASP A 349 2.42 14.73 31.28
CA ASP A 349 3.11 15.75 30.50
C ASP A 349 2.11 16.66 29.79
N VAL A 350 1.11 16.05 29.15
CA VAL A 350 0.14 16.81 28.37
C VAL A 350 -0.63 17.78 29.26
N VAL A 351 -1.30 17.24 30.27
CA VAL A 351 -2.17 18.08 31.09
C VAL A 351 -1.36 19.12 31.85
N THR A 352 -0.25 18.73 32.45
CA THR A 352 0.55 19.66 33.24
C THR A 352 1.16 20.76 32.36
N THR A 353 1.73 20.38 31.22
CA THR A 353 2.32 21.39 30.33
C THR A 353 1.25 22.34 29.81
N MET A 354 0.10 21.81 29.43
CA MET A 354 -0.99 22.66 28.96
C MET A 354 -1.42 23.66 30.05
N GLN A 355 -1.69 23.16 31.25
CA GLN A 355 -2.06 24.02 32.37
C GLN A 355 -1.00 25.09 32.60
N SER A 356 0.28 24.68 32.64
CA SER A 356 1.35 25.64 32.84
C SER A 356 1.30 26.74 31.79
N PHE A 357 1.09 26.37 30.52
CA PHE A 357 1.04 27.38 29.47
C PHE A 357 -0.11 28.36 29.70
N TYR A 358 -1.33 27.84 29.87
CA TYR A 358 -2.46 28.76 29.95
C TYR A 358 -2.43 29.61 31.21
N GLU A 359 -1.85 29.10 32.30
CA GLU A 359 -1.68 29.92 33.48
C GLU A 359 -0.59 30.98 33.28
N GLN A 360 0.49 30.62 32.58
CA GLN A 360 1.50 31.61 32.25
C GLN A 360 0.90 32.73 31.40
N ILE A 361 -0.02 32.40 30.50
CA ILE A 361 -0.72 33.42 29.74
C ILE A 361 -1.61 34.25 30.64
N ALA A 362 -2.31 33.61 31.56
CA ALA A 362 -3.25 34.35 32.41
C ALA A 362 -2.53 35.33 33.32
N ALA A 363 -1.39 34.92 33.90
CA ALA A 363 -0.72 35.72 34.91
C ALA A 363 0.18 36.81 34.35
N PHE A 364 0.55 36.71 33.07
CA PHE A 364 1.55 37.62 32.51
C PHE A 364 1.05 39.05 32.51
N LYS A 365 1.96 39.98 32.80
CA LYS A 365 1.68 41.41 32.76
C LYS A 365 2.80 42.11 32.00
N THR A 366 2.42 43.15 31.27
CA THR A 366 3.35 43.84 30.38
C THR A 366 4.19 44.84 31.17
N VAL A 367 4.97 45.65 30.46
CA VAL A 367 5.68 46.75 31.08
C VAL A 367 4.67 47.70 31.73
N GLU A 368 3.58 48.00 31.02
CA GLU A 368 2.50 48.83 31.54
C GLU A 368 1.68 48.14 32.62
N GLU A 369 2.03 46.90 32.97
CA GLU A 369 1.37 46.16 34.06
C GLU A 369 -0.11 45.95 33.77
N LYS A 370 -0.43 45.64 32.52
CA LYS A 370 -1.77 45.26 32.12
C LYS A 370 -1.74 43.85 31.56
N SER A 371 -2.86 43.15 31.67
CA SER A 371 -2.91 41.79 31.17
C SER A 371 -2.81 41.80 29.64
N ILE A 372 -2.43 40.65 29.09
CA ILE A 372 -2.32 40.53 27.64
C ILE A 372 -3.65 40.86 26.99
N LYS A 373 -4.76 40.40 27.58
CA LYS A 373 -6.08 40.73 27.05
C LYS A 373 -6.30 42.24 27.08
N GLU A 374 -6.09 42.86 28.24
CA GLU A 374 -6.26 44.30 28.37
C GLU A 374 -5.28 45.05 27.48
N THR A 375 -4.05 44.54 27.34
CA THR A 375 -3.05 45.23 26.55
C THR A 375 -3.42 45.22 25.06
N LEU A 376 -3.75 44.05 24.53
CA LEU A 376 -4.15 43.98 23.13
C LEU A 376 -5.44 44.76 22.89
N SER A 377 -6.41 44.65 23.80
CA SER A 377 -7.65 45.41 23.66
C SER A 377 -7.37 46.91 23.67
N LEU A 378 -6.39 47.35 24.46
CA LEU A 378 -6.02 48.76 24.51
C LEU A 378 -5.36 49.19 23.21
N LEU A 379 -4.42 48.37 22.71
CA LEU A 379 -3.69 48.68 21.50
C LEU A 379 -4.62 48.74 20.29
N PHE A 380 -5.56 47.80 20.20
CA PHE A 380 -6.47 47.74 19.07
C PHE A 380 -7.64 48.70 19.20
N ASP A 381 -8.01 49.09 20.42
CA ASP A 381 -8.96 50.19 20.55
C ASP A 381 -8.32 51.51 20.14
N ASP A 382 -7.09 51.76 20.59
CA ASP A 382 -6.37 52.94 20.12
C ASP A 382 -6.15 52.91 18.62
N LEU A 383 -5.97 51.72 18.04
CA LEU A 383 -5.80 51.63 16.59
C LEU A 383 -7.13 51.88 15.88
N LYS A 384 -8.23 51.38 16.44
CA LYS A 384 -9.54 51.70 15.90
C LYS A 384 -9.81 53.19 15.96
N ALA A 385 -9.27 53.88 16.97
CA ALA A 385 -9.60 55.27 17.20
C ALA A 385 -8.89 56.23 16.24
N GLN A 386 -7.80 55.81 15.61
CA GLN A 386 -6.93 56.65 14.78
C GLN A 386 -5.96 57.45 15.64
N LYS A 387 -5.92 57.21 16.95
CA LYS A 387 -4.93 57.86 17.80
C LYS A 387 -3.50 57.50 17.39
N LEU A 388 -3.30 56.28 16.90
CA LEU A 388 -1.97 55.81 16.55
C LEU A 388 -1.55 56.29 15.16
N ASP A 389 -0.26 56.20 14.90
CA ASP A 389 0.34 56.69 13.65
C ASP A 389 0.39 55.53 12.65
N LEU A 390 -0.46 55.61 11.62
CA LEU A 390 -0.57 54.51 10.65
C LEU A 390 0.65 54.40 9.74
N SER A 391 1.50 55.42 9.68
CA SER A 391 2.68 55.33 8.84
C SER A 391 3.79 54.51 9.47
N LYS A 392 3.76 54.33 10.80
CA LYS A 392 4.85 53.70 11.53
C LYS A 392 4.55 52.28 11.99
N ILE A 393 3.39 51.72 11.63
CA ILE A 393 3.08 50.33 11.91
C ILE A 393 2.69 49.66 10.61
N TYR A 394 3.15 48.41 10.42
CA TYR A 394 3.09 47.74 9.13
C TYR A 394 2.57 46.32 9.28
N PHE A 395 1.97 45.83 8.21
CA PHE A 395 1.65 44.42 8.04
C PHE A 395 2.78 43.74 7.29
N LYS A 396 3.05 42.48 7.65
CA LYS A 396 3.92 41.64 6.85
C LYS A 396 3.28 41.42 5.49
N ASN A 397 4.05 41.67 4.43
CA ASN A 397 3.50 41.61 3.07
C ASN A 397 3.30 40.18 2.56
N ASP A 398 3.47 39.18 3.43
CA ASP A 398 3.42 37.78 2.99
C ASP A 398 2.01 37.21 2.99
N LYS A 399 1.91 35.90 3.25
CA LYS A 399 0.60 35.24 3.24
C LYS A 399 -0.33 35.82 4.29
N SER A 400 0.21 36.28 5.42
CA SER A 400 -0.65 36.78 6.49
C SER A 400 -1.59 37.87 6.00
N LEU A 401 -1.10 38.77 5.13
CA LEU A 401 -1.95 39.83 4.61
C LEU A 401 -3.07 39.25 3.74
N THR A 402 -2.71 38.35 2.83
CA THR A 402 -3.69 37.60 2.05
C THR A 402 -4.79 37.03 2.94
N ASP A 403 -4.39 36.32 3.99
CA ASP A 403 -5.37 35.75 4.92
C ASP A 403 -6.20 36.83 5.59
N LEU A 404 -5.61 38.00 5.87
CA LEU A 404 -6.37 39.11 6.40
C LEU A 404 -7.51 39.48 5.44
N SER A 405 -7.17 39.71 4.17
CA SER A 405 -8.20 39.98 3.17
C SER A 405 -9.29 38.92 3.19
N GLN A 406 -8.92 37.67 2.90
CA GLN A 406 -9.94 36.62 2.84
C GLN A 406 -10.76 36.54 4.12
N GLN A 407 -10.19 36.95 5.26
CA GLN A 407 -10.93 36.92 6.50
C GLN A 407 -11.93 38.06 6.61
N VAL A 408 -11.61 39.23 6.07
CA VAL A 408 -12.49 40.40 6.17
C VAL A 408 -13.22 40.69 4.85
N PHE A 409 -12.50 40.64 3.73
CA PHE A 409 -13.05 41.05 2.44
C PHE A 409 -13.46 39.89 1.53
N ASP A 410 -13.18 38.65 1.93
CA ASP A 410 -13.55 37.44 1.20
C ASP A 410 -12.77 37.26 -0.10
N ASP A 411 -11.88 38.19 -0.47
CA ASP A 411 -11.02 38.03 -1.63
C ASP A 411 -9.59 38.36 -1.25
N TYR A 412 -8.66 37.47 -1.60
CA TYR A 412 -7.31 37.52 -1.04
C TYR A 412 -6.45 38.61 -1.67
N SER A 413 -6.63 38.89 -2.96
CA SER A 413 -5.78 39.84 -3.66
C SER A 413 -6.25 41.28 -3.53
N VAL A 414 -7.34 41.53 -2.80
CA VAL A 414 -7.91 42.88 -2.69
C VAL A 414 -6.84 43.88 -2.27
N ILE A 415 -6.19 43.62 -1.14
CA ILE A 415 -5.20 44.55 -0.62
C ILE A 415 -4.01 44.62 -1.57
N GLY A 416 -3.53 43.47 -2.03
CA GLY A 416 -2.36 43.45 -2.91
C GLY A 416 -2.60 44.19 -4.20
N THR A 417 -3.76 43.98 -4.83
CA THR A 417 -4.10 44.78 -6.00
C THR A 417 -4.20 46.25 -5.65
N ALA A 418 -4.83 46.56 -4.52
CA ALA A 418 -5.04 47.95 -4.13
C ALA A 418 -3.71 48.71 -4.05
N VAL A 419 -2.72 48.13 -3.36
CA VAL A 419 -1.42 48.78 -3.32
C VAL A 419 -0.74 48.71 -4.68
N LEU A 420 -0.95 47.61 -5.41
CA LEU A 420 -0.29 47.41 -6.69
C LEU A 420 -0.60 48.56 -7.65
N GLU A 421 -1.89 48.88 -7.84
CA GLU A 421 -2.26 50.03 -8.65
C GLU A 421 -2.28 51.33 -7.84
N TYR A 422 -2.04 51.27 -6.53
CA TYR A 422 -1.73 52.49 -5.80
C TYR A 422 -0.40 53.06 -6.26
N ILE A 423 0.60 52.20 -6.46
CA ILE A 423 1.88 52.67 -6.95
C ILE A 423 1.74 53.25 -8.36
N THR A 424 0.97 52.60 -9.23
CA THR A 424 0.76 53.13 -10.57
C THR A 424 0.19 54.53 -10.53
N GLN A 425 -0.82 54.74 -9.68
CA GLN A 425 -1.45 56.04 -9.53
C GLN A 425 -0.55 57.00 -8.76
N LYS A 446 8.89 48.81 -12.51
CA LYS A 446 10.00 48.21 -11.78
C LYS A 446 9.89 48.50 -10.28
N THR A 447 8.84 47.96 -9.65
CA THR A 447 8.62 48.11 -8.21
C THR A 447 8.77 46.74 -7.57
N GLU A 448 9.82 46.58 -6.77
CA GLU A 448 10.11 45.30 -6.14
C GLU A 448 9.30 45.15 -4.85
N LYS A 449 9.09 43.89 -4.46
CA LYS A 449 8.22 43.58 -3.34
C LYS A 449 8.85 44.01 -2.03
N ALA A 450 8.09 44.77 -1.23
CA ALA A 450 8.53 45.15 0.10
C ALA A 450 8.22 44.05 1.10
N LYS A 451 9.06 43.95 2.14
CA LYS A 451 8.82 42.96 3.17
C LYS A 451 7.64 43.35 4.07
N TYR A 452 7.50 44.65 4.34
CA TYR A 452 6.41 45.15 5.17
C TYR A 452 5.74 46.33 4.48
N LEU A 453 4.44 46.48 4.73
CA LEU A 453 3.65 47.59 4.19
C LEU A 453 3.02 48.35 5.34
N SER A 454 3.31 49.65 5.42
CA SER A 454 2.75 50.48 6.48
C SER A 454 1.25 50.58 6.34
N LEU A 455 0.56 50.74 7.47
CA LEU A 455 -0.89 50.87 7.45
C LEU A 455 -1.34 52.12 6.68
N GLU A 456 -0.49 53.14 6.64
CA GLU A 456 -0.81 54.33 5.86
C GLU A 456 -1.10 53.97 4.41
N THR A 457 -0.10 53.41 3.73
CA THR A 457 -0.26 53.03 2.33
C THR A 457 -1.47 52.11 2.15
N ILE A 458 -1.72 51.24 3.13
CA ILE A 458 -2.91 50.39 3.06
C ILE A 458 -4.16 51.25 2.98
N LYS A 459 -4.38 52.07 4.02
CA LYS A 459 -5.60 52.87 4.08
C LYS A 459 -5.80 53.69 2.81
N LEU A 460 -4.80 54.47 2.41
CA LEU A 460 -4.95 55.24 1.18
C LEU A 460 -5.27 54.33 0.00
N ALA A 461 -4.61 53.17 -0.07
CA ALA A 461 -4.75 52.29 -1.22
C ALA A 461 -6.16 51.76 -1.36
N LEU A 462 -6.73 51.22 -0.28
CA LEU A 462 -8.07 50.67 -0.36
C LEU A 462 -9.14 51.75 -0.38
N GLU A 463 -8.85 52.96 0.12
CA GLU A 463 -9.77 54.07 -0.07
C GLU A 463 -9.88 54.43 -1.55
N GLU A 464 -8.73 54.67 -2.20
CA GLU A 464 -8.75 54.87 -3.65
C GLU A 464 -9.39 53.68 -4.37
N PHE A 465 -9.19 52.48 -3.84
CA PHE A 465 -9.79 51.29 -4.45
C PHE A 465 -11.32 51.35 -4.40
N ASN A 466 -11.88 51.77 -3.26
CA ASN A 466 -13.33 51.91 -3.17
C ASN A 466 -13.84 53.08 -3.99
N LYS A 467 -13.00 54.11 -4.21
CA LYS A 467 -13.44 55.25 -5.02
C LYS A 467 -13.52 54.88 -6.50
N HIS A 468 -12.60 54.05 -6.98
CA HIS A 468 -12.52 53.70 -8.39
C HIS A 468 -13.50 52.60 -8.80
N ARG A 469 -14.29 52.05 -7.88
CA ARG A 469 -15.17 50.94 -8.20
C ARG A 469 -16.54 51.16 -7.58
N ASP A 470 -17.48 50.32 -7.97
CA ASP A 470 -18.88 50.45 -7.54
C ASP A 470 -18.96 50.50 -6.01
N ILE A 471 -19.76 51.45 -5.52
CA ILE A 471 -19.76 51.75 -4.09
C ILE A 471 -20.30 50.57 -3.28
N ASP A 472 -21.50 50.08 -3.63
CA ASP A 472 -22.17 49.11 -2.78
C ASP A 472 -21.31 47.86 -2.55
N LYS A 473 -20.52 47.47 -3.54
CA LYS A 473 -19.58 46.36 -3.40
C LYS A 473 -18.20 46.98 -3.18
N GLN A 474 -17.80 47.09 -1.91
CA GLN A 474 -16.52 47.71 -1.58
C GLN A 474 -16.09 47.24 -0.19
N CYS A 475 -14.84 47.56 0.15
CA CYS A 475 -14.20 47.06 1.36
C CYS A 475 -13.46 48.20 2.05
N ARG A 476 -13.77 48.42 3.33
CA ARG A 476 -13.34 49.60 4.05
C ARG A 476 -12.33 49.26 5.14
N PHE A 477 -11.41 50.20 5.38
CA PHE A 477 -10.38 50.03 6.39
C PHE A 477 -10.99 49.79 7.77
N GLU A 478 -12.13 50.42 8.05
CA GLU A 478 -12.79 50.23 9.33
C GLU A 478 -13.14 48.77 9.58
N GLU A 479 -13.29 47.98 8.51
CA GLU A 479 -13.52 46.55 8.71
C GLU A 479 -12.28 45.85 9.23
N ILE A 480 -11.11 46.22 8.68
CA ILE A 480 -9.84 45.72 9.21
C ILE A 480 -9.71 46.08 10.68
N LEU A 481 -9.77 47.39 10.98
CA LEU A 481 -9.63 47.84 12.36
C LEU A 481 -10.66 47.18 13.27
N ALA A 482 -11.86 46.92 12.76
CA ALA A 482 -12.88 46.26 13.57
C ALA A 482 -12.53 44.81 13.84
N ASN A 483 -11.91 44.13 12.86
CA ASN A 483 -11.40 42.79 13.10
C ASN A 483 -10.39 42.79 14.23
N PHE A 484 -9.38 43.66 14.14
CA PHE A 484 -8.37 43.70 15.18
C PHE A 484 -8.96 44.13 16.53
N ALA A 485 -10.01 44.95 16.52
CA ALA A 485 -10.67 45.33 17.76
C ALA A 485 -11.50 44.19 18.34
N ALA A 486 -11.97 43.28 17.48
CA ALA A 486 -12.73 42.12 17.93
C ALA A 486 -11.84 40.99 18.42
N ILE A 487 -10.56 40.98 18.04
CA ILE A 487 -9.65 39.91 18.45
C ILE A 487 -9.74 39.60 19.95
N PRO A 488 -9.68 40.59 20.85
CA PRO A 488 -9.50 40.27 22.27
C PRO A 488 -10.56 39.37 22.89
N MET A 489 -11.77 39.30 22.32
CA MET A 489 -12.82 38.46 22.88
C MET A 489 -12.44 36.98 22.91
N ILE A 490 -11.50 36.57 22.06
CA ILE A 490 -11.12 35.16 21.95
C ILE A 490 -10.62 34.62 23.29
N PHE A 491 -9.99 35.47 24.10
CA PHE A 491 -9.56 35.05 25.43
C PHE A 491 -10.75 34.64 26.27
N ASP A 492 -11.78 35.50 26.32
CA ASP A 492 -13.02 35.15 27.00
C ASP A 492 -13.57 33.83 26.47
N GLU A 493 -13.57 33.66 25.15
CA GLU A 493 -14.00 32.38 24.60
C GLU A 493 -13.14 31.24 25.12
N ILE A 494 -11.88 31.51 25.48
CA ILE A 494 -10.98 30.45 25.89
C ILE A 494 -11.12 30.09 27.37
N ALA A 495 -11.61 31.02 28.19
CA ALA A 495 -11.60 30.80 29.65
C ALA A 495 -12.40 29.57 30.04
N GLN A 496 -13.71 29.56 29.73
CA GLN A 496 -14.57 28.45 30.12
C GLN A 496 -13.95 27.10 29.74
N ASN A 497 -13.60 26.94 28.46
CA ASN A 497 -12.90 25.75 28.00
C ASN A 497 -11.65 25.51 28.83
N LYS A 498 -11.03 26.56 29.34
CA LYS A 498 -9.85 26.40 30.17
C LYS A 498 -10.20 25.70 31.49
N ASP A 499 -11.34 26.04 32.07
CA ASP A 499 -11.69 25.42 33.35
C ASP A 499 -12.19 23.99 33.16
N ASN A 500 -13.12 23.75 32.22
CA ASN A 500 -13.50 22.37 31.98
C ASN A 500 -12.28 21.54 31.58
N LEU A 501 -11.35 22.16 30.84
CA LEU A 501 -10.04 21.54 30.63
C LEU A 501 -9.37 21.21 31.96
N ALA A 502 -9.50 22.09 32.95
CA ALA A 502 -8.96 21.78 34.27
C ALA A 502 -9.56 20.51 34.84
N GLN A 503 -10.87 20.31 34.62
CA GLN A 503 -11.48 19.04 35.02
C GLN A 503 -10.81 17.87 34.32
N ILE A 504 -10.73 17.94 32.99
CA ILE A 504 -10.07 16.86 32.23
C ILE A 504 -8.67 16.60 32.77
N SER A 505 -7.96 17.67 33.15
CA SER A 505 -6.62 17.53 33.69
C SER A 505 -6.63 16.77 35.00
N ILE A 506 -7.59 17.07 35.87
CA ILE A 506 -7.78 16.24 37.05
C ILE A 506 -7.92 14.78 36.64
N LYS A 507 -8.63 14.51 35.55
CA LYS A 507 -8.80 13.12 35.11
C LYS A 507 -7.47 12.50 34.71
N TYR A 508 -6.60 13.23 34.01
CA TYR A 508 -5.44 12.63 33.36
C TYR A 508 -4.12 12.91 34.05
N GLN A 509 -4.12 13.53 35.23
CA GLN A 509 -2.84 13.93 35.81
C GLN A 509 -2.02 12.74 36.33
N ASN A 510 -2.50 11.50 36.16
CA ASN A 510 -1.77 10.33 36.63
C ASN A 510 -0.47 10.17 35.85
N GLN A 511 0.57 9.66 36.52
CA GLN A 511 1.93 9.84 36.05
C GLN A 511 2.22 9.01 34.79
N GLY A 512 1.86 7.73 34.80
CA GLY A 512 2.29 6.87 33.72
C GLY A 512 1.20 6.21 32.90
N LYS A 513 -0.02 6.74 32.98
CA LYS A 513 -1.17 6.04 32.41
C LYS A 513 -1.02 5.85 30.90
N LYS A 514 -0.89 6.95 30.17
CA LYS A 514 -0.68 6.93 28.73
C LYS A 514 -1.90 6.43 27.97
N ASP A 515 -3.07 6.37 28.62
CA ASP A 515 -4.30 5.93 27.99
C ASP A 515 -5.09 7.08 27.36
N LEU A 516 -4.52 8.28 27.33
CA LEU A 516 -5.20 9.41 26.69
C LEU A 516 -5.34 9.22 25.19
N LEU A 517 -4.57 8.32 24.60
CA LEU A 517 -4.67 8.01 23.17
C LEU A 517 -5.59 6.84 22.88
N GLN A 518 -6.23 6.27 23.91
CA GLN A 518 -7.27 5.27 23.68
C GLN A 518 -8.47 5.93 23.01
N ALA A 519 -9.13 5.18 22.12
CA ALA A 519 -10.31 5.71 21.46
C ALA A 519 -11.37 6.17 22.46
N SER A 520 -11.43 5.51 23.63
CA SER A 520 -12.42 5.88 24.64
C SER A 520 -12.30 7.33 25.09
N ALA A 521 -11.13 7.94 24.92
CA ALA A 521 -10.89 9.31 25.34
C ALA A 521 -11.22 10.32 24.24
N GLU A 522 -11.72 9.87 23.09
CA GLU A 522 -11.99 10.75 21.96
C GLU A 522 -12.53 12.12 22.38
N ASP A 523 -13.71 12.14 22.98
CA ASP A 523 -14.32 13.38 23.49
C ASP A 523 -13.26 14.27 24.11
N ASP A 524 -12.68 13.81 25.22
CA ASP A 524 -11.63 14.56 25.90
C ASP A 524 -10.62 15.11 24.91
N VAL A 525 -10.00 14.23 24.12
CA VAL A 525 -9.00 14.67 23.16
C VAL A 525 -9.52 15.85 22.33
N LYS A 526 -10.69 15.69 21.73
CA LYS A 526 -11.26 16.76 20.93
C LYS A 526 -11.25 18.07 21.72
N ALA A 527 -11.84 18.06 22.91
CA ALA A 527 -11.84 19.26 23.75
C ALA A 527 -10.44 19.87 23.81
N ILE A 528 -9.45 19.07 24.20
CA ILE A 528 -8.08 19.57 24.25
C ILE A 528 -7.74 20.29 22.95
N LYS A 529 -7.82 19.57 21.83
CA LYS A 529 -7.48 20.18 20.55
C LYS A 529 -8.21 21.50 20.38
N ASP A 530 -9.52 21.52 20.64
CA ASP A 530 -10.28 22.74 20.48
C ASP A 530 -9.57 23.91 21.17
N LEU A 531 -9.32 23.76 22.47
CA LEU A 531 -8.58 24.78 23.19
C LEU A 531 -7.36 25.22 22.39
N LEU A 532 -6.42 24.29 22.18
CA LEU A 532 -5.21 24.61 21.42
C LEU A 532 -5.58 25.33 20.13
N ASP A 533 -6.50 24.75 19.36
CA ASP A 533 -6.87 25.34 18.08
C ASP A 533 -7.20 26.82 18.27
N GLN A 534 -8.14 27.12 19.17
CA GLN A 534 -8.48 28.52 19.44
C GLN A 534 -7.22 29.34 19.63
N THR A 535 -6.41 28.98 20.62
CA THR A 535 -5.19 29.75 20.89
C THR A 535 -4.34 29.85 19.63
N ASN A 536 -4.12 28.71 18.97
CA ASN A 536 -3.33 28.72 17.75
C ASN A 536 -3.88 29.74 16.77
N ASN A 537 -5.19 29.67 16.50
CA ASN A 537 -5.79 30.64 15.58
C ASN A 537 -5.49 32.05 16.04
N LEU A 538 -5.71 32.34 17.33
CA LEU A 538 -5.41 33.67 17.84
C LEU A 538 -4.00 34.09 17.43
N LEU A 539 -3.01 33.22 17.70
CA LEU A 539 -1.64 33.56 17.37
C LEU A 539 -1.54 34.04 15.93
N HIS A 540 -2.11 33.27 15.01
CA HIS A 540 -1.95 33.61 13.59
C HIS A 540 -2.60 34.95 13.28
N LYS A 541 -3.76 35.24 13.89
CA LYS A 541 -4.38 36.54 13.66
C LYS A 541 -3.41 37.66 14.02
N LEU A 542 -2.67 37.51 15.12
CA LEU A 542 -1.72 38.54 15.52
C LEU A 542 -0.41 38.45 14.74
N LYS A 543 -0.15 37.33 14.06
CA LYS A 543 1.13 37.11 13.41
C LYS A 543 1.44 38.19 12.38
N ILE A 544 0.41 38.79 11.79
CA ILE A 544 0.60 39.75 10.71
C ILE A 544 1.40 40.95 11.19
N PHE A 545 1.30 41.28 12.48
CA PHE A 545 2.07 42.41 13.02
C PHE A 545 3.50 42.01 13.36
N HIS A 546 3.73 40.77 13.77
CA HIS A 546 5.02 40.38 14.32
C HIS A 546 6.14 40.55 13.30
N ILE A 547 7.28 41.04 13.76
CA ILE A 547 8.44 41.29 12.91
C ILE A 547 9.48 40.25 13.24
N SER A 548 9.62 39.24 12.38
CA SER A 548 10.62 38.20 12.57
C SER A 548 12.02 38.80 12.54
N GLN A 549 12.92 38.21 13.32
CA GLN A 549 14.27 38.72 13.50
C GLN A 549 15.25 38.28 12.42
N SER A 550 14.77 37.68 11.33
CA SER A 550 15.66 37.30 10.24
C SER A 550 16.60 38.44 9.91
N GLU A 551 17.90 38.14 9.94
CA GLU A 551 18.93 39.18 10.03
C GLU A 551 19.25 39.74 8.66
N ASP A 552 18.72 40.94 8.39
CA ASP A 552 19.18 41.79 7.30
C ASP A 552 19.44 43.17 7.89
N LYS A 553 20.71 43.54 8.00
CA LYS A 553 21.08 44.81 8.61
C LYS A 553 21.02 45.98 7.63
N ALA A 554 20.54 45.75 6.40
CA ALA A 554 20.51 46.80 5.40
C ALA A 554 19.62 47.95 5.83
N ASN A 555 18.32 47.69 6.00
CA ASN A 555 17.34 48.74 6.27
C ASN A 555 16.53 48.38 7.50
N ILE A 556 16.60 49.24 8.51
CA ILE A 556 15.73 49.16 9.68
C ILE A 556 14.62 50.20 9.51
N LEU A 557 13.37 49.75 9.62
CA LEU A 557 12.23 50.62 9.40
C LEU A 557 11.85 51.35 10.69
N ASP A 558 11.46 52.61 10.54
CA ASP A 558 11.00 53.40 11.68
C ASP A 558 9.57 53.02 12.02
N LYS A 559 9.32 52.77 13.31
CA LYS A 559 8.05 52.23 13.76
C LYS A 559 7.65 52.93 15.05
N ASP A 560 6.36 52.85 15.38
CA ASP A 560 5.92 53.24 16.71
C ASP A 560 6.55 52.28 17.71
N GLU A 561 7.54 52.76 18.47
CA GLU A 561 8.34 51.85 19.28
C GLU A 561 7.55 51.29 20.46
N HIS A 562 6.63 52.07 21.03
CA HIS A 562 5.87 51.57 22.17
C HIS A 562 4.84 50.52 21.74
N PHE A 563 4.05 50.85 20.71
CA PHE A 563 3.10 49.88 20.15
C PHE A 563 3.76 48.52 19.94
N TYR A 564 4.90 48.50 19.24
CA TYR A 564 5.59 47.24 18.97
C TYR A 564 6.28 46.69 20.19
N LEU A 565 6.58 47.52 21.18
CA LEU A 565 7.15 47.01 22.43
C LEU A 565 6.14 46.13 23.16
N VAL A 566 5.00 46.71 23.54
CA VAL A 566 3.98 45.94 24.25
C VAL A 566 3.48 44.79 23.36
N PHE A 567 3.21 45.09 22.09
CA PHE A 567 2.75 44.02 21.20
C PHE A 567 3.74 42.86 21.20
N GLU A 568 5.00 43.14 20.88
CA GLU A 568 5.97 42.06 20.76
C GLU A 568 6.13 41.30 22.08
N GLU A 569 5.91 41.96 23.21
CA GLU A 569 5.91 41.23 24.48
C GLU A 569 4.75 40.23 24.55
N CYS A 570 3.53 40.72 24.29
CA CYS A 570 2.37 39.83 24.26
C CYS A 570 2.56 38.67 23.27
N TYR A 571 2.92 39.01 22.03
CA TYR A 571 3.06 37.98 21.01
C TYR A 571 4.15 36.99 21.38
N PHE A 572 5.27 37.46 21.92
CA PHE A 572 6.31 36.52 22.33
C PHE A 572 5.78 35.57 23.40
N GLU A 573 4.91 36.04 24.29
CA GLU A 573 4.32 35.13 25.26
C GLU A 573 3.38 34.12 24.60
N LEU A 574 2.55 34.58 23.64
CA LEU A 574 1.59 33.69 23.00
C LEU A 574 2.22 32.75 21.99
N ALA A 575 3.45 33.02 21.53
CA ALA A 575 4.10 32.19 20.54
C ALA A 575 4.57 30.86 21.10
N ASN A 576 4.60 30.70 22.42
CA ASN A 576 4.88 29.40 23.02
C ASN A 576 3.85 28.33 22.62
N ILE A 577 2.83 28.71 21.85
CA ILE A 577 1.80 27.75 21.41
C ILE A 577 2.41 26.67 20.52
N VAL A 578 3.26 27.07 19.57
CA VAL A 578 3.63 26.17 18.48
C VAL A 578 4.42 24.97 18.99
N PRO A 579 5.42 25.14 19.86
CA PRO A 579 6.07 23.94 20.43
C PRO A 579 5.07 23.08 21.20
N LEU A 580 4.20 23.72 21.98
CA LEU A 580 3.20 22.99 22.75
C LEU A 580 2.24 22.25 21.82
N TYR A 581 1.72 22.95 20.81
CA TYR A 581 0.81 22.31 19.86
C TYR A 581 1.47 21.11 19.19
N ASN A 582 2.73 21.26 18.78
CA ASN A 582 3.43 20.15 18.14
C ASN A 582 3.62 18.99 19.11
N LYS A 583 4.05 19.28 20.34
CA LYS A 583 4.32 18.20 21.29
C LYS A 583 3.03 17.43 21.62
N ILE A 584 1.95 18.16 21.88
CA ILE A 584 0.68 17.50 22.19
C ILE A 584 0.19 16.70 20.99
N ARG A 585 0.22 17.30 19.79
CA ARG A 585 -0.22 16.57 18.61
C ARG A 585 0.60 15.29 18.42
N ASN A 586 1.92 15.40 18.57
CA ASN A 586 2.79 14.26 18.35
C ASN A 586 2.57 13.17 19.40
N TYR A 587 2.12 13.54 20.59
CA TYR A 587 1.82 12.51 21.59
C TYR A 587 0.43 11.89 21.35
N ILE A 588 -0.58 12.72 21.15
CA ILE A 588 -1.96 12.22 21.14
C ILE A 588 -2.20 11.32 19.95
N THR A 589 -1.72 11.70 18.77
CA THR A 589 -2.04 10.90 17.59
C THR A 589 -1.26 9.59 17.52
N GLN A 590 -0.48 9.25 18.54
CA GLN A 590 0.28 8.01 18.51
C GLN A 590 -0.66 6.81 18.42
N LYS A 591 -0.16 5.74 17.82
CA LYS A 591 -0.88 4.47 17.78
C LYS A 591 -0.82 3.80 19.16
N PRO A 592 -1.94 3.40 19.73
CA PRO A 592 -1.90 2.82 21.08
C PRO A 592 -1.01 1.60 21.15
N TYR A 593 -0.37 1.43 22.31
CA TYR A 593 0.55 0.33 22.57
C TYR A 593 -0.23 -0.86 23.13
N SER A 594 -0.35 -1.92 22.33
CA SER A 594 -1.03 -3.14 22.74
C SER A 594 -0.03 -4.28 22.73
N ASP A 595 0.02 -5.04 23.83
CA ASP A 595 1.05 -6.06 23.98
C ASP A 595 1.01 -7.09 22.86
N GLU A 596 -0.17 -7.39 22.32
CA GLU A 596 -0.32 -8.37 21.23
C GLU A 596 0.13 -9.73 21.78
N LYS A 597 0.81 -10.55 20.97
CA LYS A 597 1.20 -11.91 21.34
C LYS A 597 2.70 -12.09 21.20
N PHE A 598 3.22 -13.14 21.83
CA PHE A 598 4.65 -13.42 21.77
C PHE A 598 4.88 -14.91 21.59
N LYS A 599 6.09 -15.24 21.13
CA LYS A 599 6.44 -16.61 20.79
C LYS A 599 6.70 -17.45 22.04
N LEU A 600 6.10 -18.62 22.10
CA LEU A 600 6.33 -19.58 23.17
C LEU A 600 7.32 -20.63 22.68
N ASN A 601 8.44 -20.76 23.38
CA ASN A 601 9.49 -21.69 22.97
C ASN A 601 9.50 -22.99 23.76
N PHE A 602 8.90 -23.01 24.95
CA PHE A 602 8.93 -24.18 25.83
C PHE A 602 10.36 -24.67 26.04
N GLU A 603 11.27 -23.73 26.28
CA GLU A 603 12.66 -23.98 26.58
C GLU A 603 13.45 -24.55 25.40
N ASN A 604 12.82 -24.73 24.24
CA ASN A 604 13.46 -25.37 23.09
C ASN A 604 13.61 -24.36 21.96
N SER A 605 14.85 -24.07 21.59
CA SER A 605 15.11 -23.08 20.54
C SER A 605 14.74 -23.59 19.16
N THR A 606 14.62 -24.91 18.98
CA THR A 606 14.23 -25.52 17.71
C THR A 606 12.81 -26.09 17.78
N LEU A 607 11.96 -25.51 18.62
CA LEU A 607 10.69 -26.13 19.01
C LEU A 607 9.95 -26.79 17.85
N ALA A 608 9.52 -26.05 16.84
CA ALA A 608 8.69 -26.65 15.80
C ALA A 608 9.41 -26.69 14.44
N ASN A 609 10.74 -26.77 14.46
CA ASN A 609 11.53 -26.68 13.23
C ASN A 609 11.30 -27.85 12.28
N GLY A 610 10.73 -28.96 12.74
CA GLY A 610 10.57 -30.12 11.90
C GLY A 610 9.79 -31.23 12.57
N TRP A 611 9.02 -31.98 11.79
CA TRP A 611 8.14 -33.01 12.32
C TRP A 611 8.69 -34.42 12.15
N ASP A 612 9.86 -34.59 11.53
CA ASP A 612 10.34 -35.93 11.26
C ASP A 612 10.54 -36.71 12.55
N LYS A 613 10.31 -38.02 12.47
CA LYS A 613 10.46 -38.89 13.64
C LYS A 613 11.83 -38.72 14.26
N ASN A 614 12.88 -38.84 13.46
CA ASN A 614 14.24 -38.79 13.99
C ASN A 614 14.56 -37.47 14.68
N LYS A 615 13.80 -36.41 14.38
CA LYS A 615 14.05 -35.11 14.99
C LYS A 615 13.16 -34.82 16.19
N GLU A 616 12.28 -35.76 16.58
CA GLU A 616 11.39 -35.51 17.71
C GLU A 616 12.14 -35.09 18.98
N PRO A 617 13.15 -35.81 19.45
CA PRO A 617 13.86 -35.36 20.65
C PRO A 617 14.39 -33.95 20.55
N ASP A 618 14.78 -33.51 19.34
CA ASP A 618 15.35 -32.19 19.16
C ASP A 618 14.26 -31.12 19.11
N ASN A 619 13.23 -31.34 18.29
CA ASN A 619 12.17 -30.37 18.09
C ASN A 619 10.99 -30.55 19.05
N THR A 620 10.85 -31.72 19.66
CA THR A 620 9.99 -31.92 20.82
C THR A 620 8.50 -31.70 20.56
N ALA A 621 8.08 -31.48 19.31
CA ALA A 621 6.67 -31.25 18.99
C ALA A 621 6.10 -32.45 18.23
N ILE A 622 4.98 -32.97 18.72
CA ILE A 622 4.34 -34.18 18.22
C ILE A 622 2.86 -33.92 18.02
N LEU A 623 2.27 -34.58 17.02
CA LEU A 623 0.87 -34.42 16.68
C LEU A 623 0.10 -35.70 17.02
N PHE A 624 -1.12 -35.54 17.52
CA PHE A 624 -1.98 -36.68 17.86
C PHE A 624 -3.37 -36.50 17.27
N ILE A 625 -4.05 -37.62 17.09
CA ILE A 625 -5.45 -37.64 16.64
C ILE A 625 -6.21 -38.58 17.57
N LYS A 626 -7.19 -38.03 18.30
CA LYS A 626 -8.01 -38.81 19.22
C LYS A 626 -9.47 -38.53 18.94
N ASP A 627 -10.24 -39.59 18.71
CA ASP A 627 -11.64 -39.45 18.30
C ASP A 627 -11.62 -38.70 16.96
N ASP A 628 -12.36 -37.60 16.82
CA ASP A 628 -12.26 -36.76 15.65
C ASP A 628 -11.61 -35.41 15.97
N LYS A 629 -10.68 -35.41 16.93
CA LYS A 629 -10.03 -34.20 17.38
C LYS A 629 -8.52 -34.33 17.20
N TYR A 630 -7.85 -33.19 17.07
CA TYR A 630 -6.42 -33.14 16.83
C TYR A 630 -5.74 -32.46 18.00
N TYR A 631 -4.50 -32.87 18.25
CA TYR A 631 -3.77 -32.41 19.43
C TYR A 631 -2.32 -32.16 19.07
N LEU A 632 -1.73 -31.21 19.79
CA LEU A 632 -0.31 -30.90 19.73
C LEU A 632 0.28 -31.14 21.11
N GLY A 633 1.17 -32.12 21.20
CA GLY A 633 1.94 -32.37 22.40
C GLY A 633 3.34 -31.81 22.25
N VAL A 634 3.84 -31.21 23.34
CA VAL A 634 5.17 -30.62 23.40
C VAL A 634 5.90 -31.31 24.54
N MET A 635 6.95 -32.05 24.22
CA MET A 635 7.71 -32.73 25.25
C MET A 635 8.56 -31.75 26.04
N ASN A 636 8.51 -31.87 27.37
CA ASN A 636 9.41 -31.10 28.21
C ASN A 636 10.85 -31.36 27.79
N LYS A 637 11.68 -30.30 27.81
CA LYS A 637 13.05 -30.45 27.36
C LYS A 637 13.80 -31.49 28.17
N LYS A 638 13.59 -31.51 29.49
CA LYS A 638 14.34 -32.43 30.35
C LYS A 638 14.16 -33.88 29.91
N ASN A 639 12.94 -34.27 29.58
CA ASN A 639 12.62 -35.62 29.12
C ASN A 639 12.03 -35.52 27.72
N ASN A 640 12.90 -35.62 26.72
CA ASN A 640 12.51 -35.57 25.32
C ASN A 640 12.47 -36.94 24.66
N LYS A 641 12.78 -38.01 25.39
CA LYS A 641 12.72 -39.36 24.84
C LYS A 641 11.44 -40.07 25.27
N ILE A 642 10.41 -39.31 25.68
CA ILE A 642 9.15 -39.88 26.13
C ILE A 642 8.54 -40.79 25.05
N PHE A 643 8.73 -40.43 23.78
CA PHE A 643 8.07 -41.13 22.69
C PHE A 643 9.04 -41.90 21.80
N ASP A 644 10.23 -42.23 22.32
CA ASP A 644 11.16 -43.00 21.51
C ASP A 644 10.62 -44.40 21.28
N ASP A 645 11.39 -45.22 20.57
CA ASP A 645 10.89 -46.52 20.11
C ASP A 645 10.41 -47.37 21.29
N LYS A 646 11.26 -47.53 22.31
CA LYS A 646 10.89 -48.38 23.43
C LYS A 646 9.55 -47.97 24.01
N ALA A 647 9.32 -46.66 24.17
CA ALA A 647 8.12 -46.19 24.85
C ALA A 647 6.87 -46.40 24.00
N ILE A 648 6.97 -46.20 22.68
CA ILE A 648 5.79 -46.50 21.87
C ILE A 648 5.56 -48.00 21.85
N LYS A 649 6.62 -48.80 21.93
CA LYS A 649 6.47 -50.26 21.88
C LYS A 649 5.77 -50.78 23.13
N GLU A 650 6.17 -50.32 24.31
CA GLU A 650 5.56 -50.83 25.54
C GLU A 650 4.29 -50.09 25.93
N ASN A 651 3.99 -48.95 25.29
CA ASN A 651 2.77 -48.22 25.59
C ASN A 651 1.75 -48.30 24.46
N LYS A 652 1.94 -49.22 23.52
CA LYS A 652 1.04 -49.37 22.39
C LYS A 652 -0.38 -49.65 22.86
N GLY A 653 -1.32 -48.78 22.50
CA GLY A 653 -2.68 -48.90 22.98
C GLY A 653 -3.64 -48.07 22.15
N GLU A 654 -4.91 -48.06 22.57
CA GLU A 654 -5.98 -47.51 21.77
C GLU A 654 -6.36 -46.08 22.14
N GLY A 655 -5.61 -45.44 23.03
CA GLY A 655 -5.95 -44.08 23.46
C GLY A 655 -5.84 -43.01 22.39
N TYR A 656 -4.62 -42.73 21.93
CA TYR A 656 -4.34 -41.66 20.98
C TYR A 656 -3.62 -42.20 19.76
N LYS A 657 -3.80 -41.53 18.64
CA LYS A 657 -3.12 -41.87 17.39
C LYS A 657 -2.02 -40.86 17.14
N LYS A 658 -0.78 -41.26 17.41
CA LYS A 658 0.37 -40.40 17.19
C LYS A 658 0.75 -40.41 15.72
N ILE A 659 0.99 -39.23 15.17
CA ILE A 659 1.49 -39.11 13.80
C ILE A 659 2.99 -39.40 13.81
N VAL A 660 3.43 -40.31 12.96
CA VAL A 660 4.84 -40.47 12.65
C VAL A 660 5.07 -39.89 11.26
N TYR A 661 6.08 -39.04 11.16
CA TYR A 661 6.24 -38.09 10.05
C TYR A 661 7.63 -38.34 9.45
N LYS A 662 7.67 -38.60 8.15
CA LYS A 662 8.92 -38.84 7.45
C LYS A 662 8.99 -37.94 6.23
N LEU A 663 10.09 -37.22 6.09
CA LEU A 663 10.28 -36.25 5.01
C LEU A 663 11.72 -36.24 4.56
N LEU A 664 11.93 -36.16 3.25
CA LEU A 664 13.26 -36.03 2.63
C LEU A 664 13.28 -34.71 1.87
N PRO A 665 13.60 -33.61 2.54
CA PRO A 665 13.50 -32.29 1.90
C PRO A 665 14.76 -31.90 1.15
N GLY A 666 14.59 -30.95 0.22
CA GLY A 666 15.69 -30.42 -0.58
C GLY A 666 16.60 -31.50 -1.12
N ALA A 667 16.05 -32.42 -1.90
CA ALA A 667 16.83 -33.56 -2.37
C ALA A 667 18.12 -33.10 -3.03
N ASN A 668 18.05 -32.03 -3.83
CA ASN A 668 19.24 -31.51 -4.49
C ASN A 668 20.33 -31.10 -3.51
N LYS A 669 19.97 -30.79 -2.27
CA LYS A 669 20.95 -30.57 -1.21
C LYS A 669 21.19 -31.81 -0.36
N MET A 670 20.13 -32.55 -0.04
CA MET A 670 20.22 -33.62 0.94
C MET A 670 21.00 -34.82 0.39
N LEU A 671 20.75 -35.20 -0.87
CA LEU A 671 21.42 -36.38 -1.41
C LEU A 671 22.94 -36.22 -1.46
N PRO A 672 23.50 -35.17 -2.05
CA PRO A 672 24.96 -35.00 -2.01
C PRO A 672 25.48 -34.84 -0.59
N LYS A 673 24.73 -34.16 0.28
CA LYS A 673 25.16 -33.99 1.66
C LYS A 673 25.31 -35.34 2.35
N VAL A 674 24.36 -36.25 2.15
CA VAL A 674 24.41 -37.52 2.86
C VAL A 674 25.38 -38.50 2.19
N PHE A 675 25.39 -38.55 0.85
CA PHE A 675 26.16 -39.58 0.17
C PHE A 675 27.64 -39.25 0.08
N PHE A 676 28.00 -37.98 0.03
CA PHE A 676 29.39 -37.58 -0.09
C PHE A 676 29.98 -37.08 1.23
N SER A 677 29.28 -37.24 2.34
CA SER A 677 29.76 -36.71 3.60
C SER A 677 31.00 -37.44 4.07
N ALA A 678 31.83 -36.75 4.85
CA ALA A 678 33.00 -37.38 5.43
C ALA A 678 32.64 -38.62 6.23
N LYS A 679 31.47 -38.62 6.86
CA LYS A 679 31.05 -39.77 7.64
C LYS A 679 30.84 -41.00 6.75
N SER A 680 29.99 -40.86 5.73
CA SER A 680 29.48 -42.02 5.02
C SER A 680 30.03 -42.19 3.61
N ILE A 681 30.92 -41.30 3.15
CA ILE A 681 31.36 -41.37 1.76
C ILE A 681 32.01 -42.72 1.47
N LYS A 682 32.74 -43.28 2.45
CA LYS A 682 33.34 -44.58 2.26
C LYS A 682 32.27 -45.67 2.11
N PHE A 683 31.15 -45.52 2.82
CA PHE A 683 30.08 -46.49 2.73
C PHE A 683 29.41 -46.47 1.35
N TYR A 684 29.18 -45.28 0.80
CA TYR A 684 28.52 -45.21 -0.49
C TYR A 684 29.48 -45.41 -1.64
N ASN A 685 30.77 -45.20 -1.43
CA ASN A 685 31.81 -45.71 -2.32
C ASN A 685 31.61 -45.23 -3.75
N PRO A 686 31.51 -43.92 -3.98
CA PRO A 686 31.35 -43.43 -5.35
C PRO A 686 32.63 -43.66 -6.16
N SER A 687 32.45 -44.02 -7.43
CA SER A 687 33.59 -44.21 -8.32
C SER A 687 34.23 -42.87 -8.64
N GLU A 688 35.52 -42.92 -8.98
CA GLU A 688 36.22 -41.71 -9.42
C GLU A 688 35.45 -41.00 -10.51
N ASP A 689 34.75 -41.75 -11.36
CA ASP A 689 33.92 -41.13 -12.39
C ASP A 689 32.86 -40.22 -11.76
N ILE A 690 32.12 -40.75 -10.79
CA ILE A 690 31.10 -39.95 -10.14
C ILE A 690 31.72 -38.77 -9.39
N LEU A 691 32.88 -38.99 -8.76
CA LEU A 691 33.57 -37.88 -8.10
C LEU A 691 33.89 -36.77 -9.10
N ARG A 692 34.35 -37.14 -10.30
CA ARG A 692 34.66 -36.15 -11.33
C ARG A 692 33.40 -35.40 -11.75
N ILE A 693 32.36 -36.15 -12.13
CA ILE A 693 31.09 -35.54 -12.51
C ILE A 693 30.65 -34.54 -11.45
N ARG A 694 30.74 -34.92 -10.18
CA ARG A 694 30.33 -34.01 -9.11
C ARG A 694 31.24 -32.79 -9.04
N ASN A 695 32.55 -33.00 -9.19
CA ASN A 695 33.50 -31.90 -9.01
C ASN A 695 33.26 -30.81 -10.04
N HIS A 696 33.14 -31.18 -11.31
CA HIS A 696 32.89 -30.18 -12.35
C HIS A 696 31.41 -29.98 -12.61
N SER A 697 30.54 -30.69 -11.88
CA SER A 697 29.09 -30.51 -11.96
C SER A 697 28.57 -30.70 -13.39
N THR A 698 29.15 -31.67 -14.11
CA THR A 698 28.67 -31.95 -15.46
C THR A 698 27.28 -32.58 -15.47
N HIS A 699 26.74 -32.96 -14.30
CA HIS A 699 25.38 -33.49 -14.24
C HIS A 699 24.32 -32.40 -14.23
N THR A 700 24.72 -31.13 -14.18
CA THR A 700 23.77 -30.02 -14.13
C THR A 700 24.04 -29.04 -15.26
N LYS A 701 23.03 -28.24 -15.58
CA LYS A 701 23.18 -27.20 -16.58
C LYS A 701 23.80 -25.95 -15.98
N ASN A 702 23.29 -25.48 -14.85
CA ASN A 702 23.78 -24.29 -14.18
C ASN A 702 24.16 -24.55 -12.73
N GLY A 703 24.37 -25.82 -12.36
CA GLY A 703 24.67 -26.16 -10.99
C GLY A 703 26.02 -25.63 -10.55
N SER A 704 26.21 -25.64 -9.25
CA SER A 704 27.44 -25.13 -8.65
C SER A 704 28.49 -26.22 -8.63
N PRO A 705 29.70 -25.96 -9.11
CA PRO A 705 30.79 -26.93 -8.99
C PRO A 705 31.34 -26.96 -7.57
N GLN A 706 32.06 -28.03 -7.28
CA GLN A 706 32.74 -28.14 -6.00
C GLN A 706 33.84 -27.09 -5.92
N LYS A 707 34.03 -26.52 -4.72
CA LYS A 707 34.93 -25.37 -4.58
C LYS A 707 36.35 -25.74 -4.99
N GLY A 708 36.97 -24.86 -5.79
CA GLY A 708 38.27 -25.11 -6.35
C GLY A 708 38.25 -25.75 -7.72
N TYR A 709 37.08 -26.14 -8.22
CA TYR A 709 36.94 -26.81 -9.50
C TYR A 709 36.19 -25.93 -10.49
N GLU A 710 36.45 -26.17 -11.77
CA GLU A 710 35.83 -25.41 -12.85
C GLU A 710 34.54 -26.07 -13.29
N LYS A 711 33.48 -25.28 -13.42
CA LYS A 711 32.23 -25.79 -13.97
C LYS A 711 32.46 -26.26 -15.41
N PHE A 712 32.02 -27.47 -15.70
CA PHE A 712 32.13 -28.01 -17.04
C PHE A 712 30.74 -28.18 -17.66
N GLU A 713 30.73 -28.20 -18.99
CA GLU A 713 29.49 -28.23 -19.75
C GLU A 713 28.61 -29.40 -19.34
N PHE A 714 27.30 -29.21 -19.47
CA PHE A 714 26.35 -30.26 -19.14
C PHE A 714 26.49 -31.43 -20.10
N ASN A 715 26.51 -32.64 -19.54
CA ASN A 715 26.60 -33.87 -20.33
C ASN A 715 25.51 -34.82 -19.83
N ILE A 716 24.60 -35.20 -20.72
CA ILE A 716 23.47 -36.03 -20.31
C ILE A 716 23.92 -37.38 -19.79
N GLU A 717 25.00 -37.93 -20.34
CA GLU A 717 25.51 -39.20 -19.83
C GLU A 717 25.98 -39.07 -18.39
N ASP A 718 26.76 -38.01 -18.10
CA ASP A 718 27.17 -37.78 -16.72
C ASP A 718 25.96 -37.59 -15.82
N CYS A 719 24.92 -36.91 -16.32
CA CYS A 719 23.70 -36.70 -15.54
C CYS A 719 23.05 -38.04 -15.18
N ARG A 720 22.91 -38.93 -16.16
CA ARG A 720 22.25 -40.21 -15.90
C ARG A 720 23.12 -41.14 -15.07
N LYS A 721 24.44 -41.06 -15.22
CA LYS A 721 25.32 -41.81 -14.33
C LYS A 721 25.17 -41.33 -12.90
N PHE A 722 25.12 -40.01 -12.69
CA PHE A 722 24.91 -39.49 -11.35
C PHE A 722 23.56 -39.94 -10.80
N ILE A 723 22.53 -39.98 -11.65
CA ILE A 723 21.22 -40.45 -11.21
C ILE A 723 21.27 -41.92 -10.81
N ASP A 724 22.00 -42.74 -11.57
CA ASP A 724 22.14 -44.14 -11.20
C ASP A 724 22.86 -44.29 -9.86
N PHE A 725 23.95 -43.53 -9.67
CA PHE A 725 24.61 -43.54 -8.37
C PHE A 725 23.64 -43.15 -7.26
N TYR A 726 22.78 -42.16 -7.52
CA TYR A 726 21.78 -41.77 -6.54
C TYR A 726 20.82 -42.91 -6.21
N LYS A 727 20.35 -43.64 -7.23
CA LYS A 727 19.43 -44.73 -6.96
C LYS A 727 20.12 -45.81 -6.13
N GLN A 728 21.32 -46.20 -6.54
CA GLN A 728 22.09 -47.17 -5.76
C GLN A 728 22.23 -46.72 -4.31
N SER A 729 22.60 -45.46 -4.10
CA SER A 729 22.84 -44.98 -2.74
C SER A 729 21.55 -44.95 -1.94
N ILE A 730 20.44 -44.56 -2.56
CA ILE A 730 19.16 -44.58 -1.86
C ILE A 730 18.81 -46.00 -1.43
N SER A 731 18.95 -46.96 -2.34
CA SER A 731 18.68 -48.35 -1.99
C SER A 731 19.67 -48.88 -0.95
N LYS A 732 20.86 -48.28 -0.88
CA LYS A 732 21.85 -48.64 0.12
C LYS A 732 21.65 -47.89 1.44
N HIS A 733 20.82 -46.84 1.43
CA HIS A 733 20.63 -46.04 2.63
C HIS A 733 19.84 -46.83 3.67
N PRO A 734 20.24 -46.77 4.94
CA PRO A 734 19.53 -47.56 5.96
C PRO A 734 18.08 -47.16 6.14
N GLU A 735 17.79 -45.86 6.12
CA GLU A 735 16.44 -45.39 6.40
C GLU A 735 15.61 -45.22 5.13
N TRP A 736 16.17 -44.54 4.13
CA TRP A 736 15.37 -44.01 3.03
C TRP A 736 14.69 -45.09 2.20
N LYS A 737 15.23 -46.31 2.18
CA LYS A 737 14.54 -47.40 1.48
C LYS A 737 13.07 -47.44 1.86
N ASP A 738 12.77 -47.17 3.12
CA ASP A 738 11.41 -47.32 3.62
C ASP A 738 10.41 -46.44 2.90
N PHE A 739 10.86 -45.40 2.18
CA PHE A 739 9.93 -44.57 1.42
C PHE A 739 9.26 -45.35 0.29
N GLY A 740 9.85 -46.47 -0.14
CA GLY A 740 9.29 -47.24 -1.23
C GLY A 740 9.28 -46.48 -2.54
N PHE A 741 10.44 -45.94 -2.91
CA PHE A 741 10.52 -45.13 -4.13
C PHE A 741 10.20 -45.96 -5.36
N ARG A 742 9.39 -45.40 -6.25
CA ARG A 742 9.16 -45.90 -7.59
C ARG A 742 9.70 -44.86 -8.56
N PHE A 743 10.89 -45.10 -9.10
CA PHE A 743 11.54 -44.14 -9.98
C PHE A 743 11.32 -44.49 -11.44
N SER A 744 11.20 -43.45 -12.26
CA SER A 744 11.18 -43.61 -13.70
C SER A 744 12.48 -44.27 -14.16
N ASP A 745 12.43 -44.83 -15.37
CA ASP A 745 13.65 -45.30 -16.00
C ASP A 745 14.64 -44.15 -16.10
N THR A 746 15.84 -44.35 -15.56
CA THR A 746 16.81 -43.27 -15.53
C THR A 746 17.11 -42.73 -16.92
N GLN A 747 16.87 -43.51 -17.98
CA GLN A 747 17.08 -43.04 -19.34
C GLN A 747 15.99 -42.04 -19.76
N ARG A 748 14.87 -41.98 -19.04
CA ARG A 748 13.82 -41.01 -19.30
C ARG A 748 14.19 -39.61 -18.82
N TYR A 749 15.13 -39.50 -17.89
CA TYR A 749 15.49 -38.20 -17.33
C TYR A 749 16.30 -37.41 -18.35
N ASN A 750 15.85 -36.19 -18.65
CA ASN A 750 16.63 -35.26 -19.44
C ASN A 750 17.36 -34.24 -18.58
N SER A 751 17.08 -34.21 -17.28
CA SER A 751 17.78 -33.33 -16.37
C SER A 751 17.61 -33.86 -14.95
N ILE A 752 18.59 -33.57 -14.10
CA ILE A 752 18.59 -34.11 -12.75
C ILE A 752 17.39 -33.64 -11.93
N ASP A 753 16.80 -32.50 -12.29
CA ASP A 753 15.69 -31.97 -11.51
C ASP A 753 14.42 -32.80 -11.64
N GLU A 754 14.26 -33.54 -12.74
CA GLU A 754 13.10 -34.43 -12.84
C GLU A 754 13.22 -35.59 -11.86
N PHE A 755 14.44 -36.13 -11.72
CA PHE A 755 14.71 -37.11 -10.67
C PHE A 755 14.48 -36.50 -9.29
N TYR A 756 15.06 -35.32 -9.02
CA TYR A 756 14.86 -34.69 -7.73
C TYR A 756 13.36 -34.50 -7.44
N ARG A 757 12.58 -34.17 -8.47
CA ARG A 757 11.14 -34.03 -8.29
C ARG A 757 10.51 -35.34 -7.83
N GLU A 758 10.85 -36.45 -8.49
CA GLU A 758 10.29 -37.72 -8.04
C GLU A 758 10.73 -38.03 -6.61
N VAL A 759 11.99 -37.77 -6.28
CA VAL A 759 12.50 -38.02 -4.93
C VAL A 759 11.67 -37.25 -3.90
N GLU A 760 11.50 -35.95 -4.11
CA GLU A 760 10.80 -35.14 -3.12
C GLU A 760 9.31 -35.45 -3.08
N ASN A 761 8.70 -35.72 -4.24
CA ASN A 761 7.30 -36.10 -4.26
C ASN A 761 7.05 -37.35 -3.42
N GLN A 762 7.88 -38.38 -3.63
CA GLN A 762 7.67 -39.62 -2.90
C GLN A 762 8.31 -39.62 -1.52
N GLY A 763 9.22 -38.70 -1.25
CA GLY A 763 9.88 -38.66 0.04
C GLY A 763 9.08 -37.93 1.11
N TYR A 764 7.81 -38.29 1.27
CA TYR A 764 6.96 -37.72 2.32
C TYR A 764 5.93 -38.78 2.67
N LYS A 765 5.84 -39.12 3.95
CA LYS A 765 5.02 -40.25 4.36
C LYS A 765 4.46 -39.98 5.74
N LEU A 766 3.17 -40.21 5.91
CA LEU A 766 2.49 -40.04 7.19
C LEU A 766 1.85 -41.37 7.56
N THR A 767 2.27 -41.93 8.70
CA THR A 767 1.66 -43.10 9.30
C THR A 767 1.43 -42.82 10.78
N PHE A 768 0.71 -43.72 11.44
CA PHE A 768 0.24 -43.47 12.80
C PHE A 768 0.60 -44.63 13.72
N GLU A 769 0.89 -44.29 14.98
CA GLU A 769 1.07 -45.25 16.06
C GLU A 769 -0.02 -45.03 17.10
N ASN A 770 -0.61 -46.12 17.59
CA ASN A 770 -1.66 -46.04 18.58
C ASN A 770 -1.06 -46.11 19.97
N ILE A 771 -1.30 -45.08 20.78
CA ILE A 771 -0.71 -44.95 22.10
C ILE A 771 -1.81 -44.95 23.15
N SER A 772 -1.58 -45.67 24.24
CA SER A 772 -2.59 -45.83 25.28
C SER A 772 -2.95 -44.50 25.90
N GLU A 773 -4.24 -44.30 26.13
CA GLU A 773 -4.67 -43.11 26.86
C GLU A 773 -4.03 -43.03 28.24
N SER A 774 -3.77 -44.17 28.88
CA SER A 774 -3.19 -44.13 30.21
C SER A 774 -1.78 -43.55 30.18
N TYR A 775 -0.99 -43.88 29.16
CA TYR A 775 0.35 -43.33 29.06
C TYR A 775 0.34 -41.83 28.80
N ILE A 776 -0.49 -41.36 27.88
CA ILE A 776 -0.62 -39.93 27.65
C ILE A 776 -1.02 -39.23 28.94
N ASP A 777 -2.05 -39.75 29.61
CA ASP A 777 -2.53 -39.17 30.86
C ASP A 777 -1.40 -39.09 31.89
N SER A 778 -0.64 -40.18 32.05
CA SER A 778 0.41 -40.19 33.05
C SER A 778 1.52 -39.20 32.71
N VAL A 779 1.85 -39.08 31.43
CA VAL A 779 2.98 -38.24 31.05
C VAL A 779 2.60 -36.75 31.07
N VAL A 780 1.31 -36.43 30.90
CA VAL A 780 0.89 -35.05 31.09
C VAL A 780 0.74 -34.74 32.58
N ASN A 781 0.17 -35.68 33.35
CA ASN A 781 0.05 -35.49 34.79
C ASN A 781 1.40 -35.25 35.43
N GLN A 782 2.43 -35.94 34.95
CA GLN A 782 3.77 -35.74 35.50
C GLN A 782 4.42 -34.45 35.02
N GLY A 783 3.75 -33.69 34.17
CA GLY A 783 4.37 -32.52 33.58
C GLY A 783 5.47 -32.83 32.60
N LYS A 784 5.52 -34.05 32.08
CA LYS A 784 6.52 -34.39 31.07
C LYS A 784 6.06 -34.06 29.66
N LEU A 785 4.75 -33.95 29.43
CA LEU A 785 4.17 -33.61 28.15
C LEU A 785 3.18 -32.46 28.34
N TYR A 786 3.22 -31.50 27.42
CA TYR A 786 2.26 -30.40 27.40
C TYR A 786 1.30 -30.66 26.25
N LEU A 787 0.07 -31.02 26.58
CA LEU A 787 -0.91 -31.44 25.59
C LEU A 787 -1.91 -30.31 25.34
N PHE A 788 -2.15 -30.00 24.06
CA PHE A 788 -3.14 -29.02 23.67
C PHE A 788 -4.06 -29.63 22.62
N GLN A 789 -5.34 -29.28 22.67
CA GLN A 789 -6.22 -29.55 21.55
C GLN A 789 -6.07 -28.44 20.52
N ILE A 790 -5.91 -28.84 19.25
CA ILE A 790 -5.88 -27.91 18.14
C ILE A 790 -7.32 -27.61 17.75
N TYR A 791 -7.74 -26.37 17.94
CA TYR A 791 -9.16 -26.07 17.96
C TYR A 791 -9.47 -24.81 17.17
N ASN A 792 -10.54 -24.87 16.39
CA ASN A 792 -11.29 -23.70 15.98
C ASN A 792 -12.77 -24.00 16.18
N LYS A 793 -13.61 -23.01 15.89
CA LYS A 793 -15.03 -23.12 16.23
C LYS A 793 -15.69 -24.30 15.53
N ASP A 794 -15.13 -24.77 14.42
CA ASP A 794 -15.73 -25.89 13.72
C ASP A 794 -15.57 -27.22 14.46
N PHE A 795 -14.66 -27.29 15.43
CA PHE A 795 -14.47 -28.51 16.22
C PHE A 795 -15.36 -28.54 17.46
N SER A 796 -16.25 -27.57 17.62
CA SER A 796 -17.21 -27.64 18.71
C SER A 796 -18.26 -28.71 18.44
N ALA A 797 -18.77 -29.31 19.51
CA ALA A 797 -19.81 -30.31 19.35
C ALA A 797 -21.11 -29.71 18.82
N TYR A 798 -21.32 -28.41 19.02
CA TYR A 798 -22.53 -27.74 18.56
C TYR A 798 -22.49 -27.35 17.09
N SER A 799 -21.38 -27.58 16.40
CA SER A 799 -21.15 -27.03 15.06
C SER A 799 -21.73 -27.96 14.01
N LYS A 800 -22.88 -27.58 13.46
CA LYS A 800 -23.56 -28.33 12.42
C LYS A 800 -23.36 -27.75 11.02
N GLY A 801 -22.75 -26.57 10.89
CA GLY A 801 -22.67 -25.88 9.62
C GLY A 801 -21.41 -26.19 8.83
N ARG A 802 -21.35 -25.61 7.64
CA ARG A 802 -20.19 -25.82 6.77
C ARG A 802 -18.94 -25.28 7.46
N PRO A 803 -17.85 -26.04 7.46
CA PRO A 803 -16.63 -25.58 8.12
C PRO A 803 -15.85 -24.59 7.27
N ASN A 804 -14.89 -23.93 7.91
CA ASN A 804 -13.97 -23.05 7.21
C ASN A 804 -13.09 -23.84 6.26
N LEU A 805 -12.70 -23.21 5.16
CA LEU A 805 -11.81 -23.86 4.19
C LEU A 805 -10.55 -24.37 4.88
N HIS A 806 -10.04 -23.64 5.86
CA HIS A 806 -8.82 -24.04 6.53
C HIS A 806 -9.02 -25.27 7.38
N THR A 807 -10.22 -25.46 7.94
CA THR A 807 -10.53 -26.72 8.62
C THR A 807 -10.48 -27.88 7.63
N LEU A 808 -11.04 -27.68 6.43
CA LEU A 808 -11.01 -28.74 5.44
C LEU A 808 -9.58 -29.06 5.01
N TYR A 809 -8.74 -28.03 4.82
CA TYR A 809 -7.35 -28.27 4.46
C TYR A 809 -6.62 -29.03 5.56
N TRP A 810 -6.74 -28.57 6.81
CA TRP A 810 -6.10 -29.23 7.93
C TRP A 810 -6.49 -30.70 8.00
N LYS A 811 -7.79 -30.97 8.03
CA LYS A 811 -8.25 -32.37 8.04
C LYS A 811 -7.68 -33.14 6.85
N ALA A 812 -7.65 -32.51 5.67
CA ALA A 812 -7.15 -33.20 4.49
C ALA A 812 -5.72 -33.67 4.67
N LEU A 813 -4.92 -32.93 5.45
CA LEU A 813 -3.55 -33.37 5.72
C LEU A 813 -3.47 -34.85 6.10
N PHE A 814 -4.33 -35.30 7.01
CA PHE A 814 -4.22 -36.64 7.57
C PHE A 814 -5.20 -37.63 6.94
N ASP A 815 -5.99 -37.19 5.96
CA ASP A 815 -6.99 -38.05 5.35
C ASP A 815 -6.32 -39.18 4.55
N GLU A 816 -6.94 -40.36 4.59
CA GLU A 816 -6.42 -41.49 3.83
C GLU A 816 -6.37 -41.17 2.34
N ARG A 817 -7.48 -40.65 1.80
CA ARG A 817 -7.56 -40.37 0.37
C ARG A 817 -6.49 -39.39 -0.08
N ASN A 818 -6.03 -38.53 0.82
CA ASN A 818 -4.88 -37.67 0.51
C ASN A 818 -3.57 -38.43 0.67
N LEU A 819 -3.46 -39.25 1.72
CA LEU A 819 -2.21 -39.95 1.97
C LEU A 819 -1.85 -40.92 0.86
N GLN A 820 -2.84 -41.46 0.14
CA GLN A 820 -2.53 -42.39 -0.94
C GLN A 820 -1.79 -41.71 -2.08
N ASP A 821 -2.17 -40.48 -2.43
CA ASP A 821 -1.45 -39.71 -3.44
C ASP A 821 -1.51 -38.24 -3.01
N VAL A 822 -0.41 -37.78 -2.41
CA VAL A 822 -0.43 -36.63 -1.53
C VAL A 822 -0.61 -35.35 -2.32
N VAL A 823 -1.60 -34.55 -1.93
CA VAL A 823 -1.75 -33.19 -2.42
C VAL A 823 -1.56 -32.18 -1.29
N TYR A 824 -2.14 -32.43 -0.11
CA TYR A 824 -1.90 -31.61 1.07
C TYR A 824 -0.75 -32.20 1.87
N LYS A 825 0.23 -31.36 2.22
CA LYS A 825 1.42 -31.82 2.92
C LYS A 825 1.75 -30.91 4.11
N LEU A 826 2.11 -31.54 5.22
CA LEU A 826 2.44 -30.81 6.44
C LEU A 826 3.89 -30.32 6.41
N ASN A 827 4.09 -29.04 6.72
CA ASN A 827 5.41 -28.43 6.74
C ASN A 827 5.88 -28.19 8.16
N GLY A 828 7.20 -28.21 8.34
CA GLY A 828 7.80 -27.85 9.59
C GLY A 828 7.88 -26.35 9.76
N GLU A 829 8.55 -25.94 10.84
CA GLU A 829 8.71 -24.52 11.15
C GLU A 829 7.37 -23.90 11.55
N ALA A 830 6.54 -24.69 12.23
CA ALA A 830 5.37 -24.14 12.89
C ALA A 830 5.79 -23.27 14.06
N GLU A 831 4.86 -22.48 14.56
CA GLU A 831 5.14 -21.60 15.69
C GLU A 831 3.96 -21.59 16.64
N LEU A 832 4.26 -21.34 17.92
CA LEU A 832 3.26 -21.24 18.97
C LEU A 832 3.34 -19.87 19.62
N PHE A 833 2.20 -19.34 20.00
CA PHE A 833 2.15 -17.98 20.52
C PHE A 833 1.25 -17.94 21.74
N TYR A 834 1.49 -16.94 22.57
CA TYR A 834 0.66 -16.64 23.73
C TYR A 834 0.15 -15.23 23.57
N ARG A 835 -1.15 -15.03 23.81
CA ARG A 835 -1.77 -13.72 23.75
C ARG A 835 -2.44 -13.43 25.09
N LYS A 836 -1.93 -12.43 25.79
CA LYS A 836 -2.51 -11.99 27.04
C LYS A 836 -3.92 -11.43 26.81
N GLN A 837 -4.72 -11.44 27.87
CA GLN A 837 -6.02 -10.82 27.83
C GLN A 837 -5.87 -9.33 27.52
N SER A 838 -6.52 -8.88 26.46
CA SER A 838 -6.42 -7.48 26.06
C SER A 838 -7.54 -6.60 26.61
N ILE A 839 -8.75 -7.13 26.75
CA ILE A 839 -9.89 -6.30 27.15
C ILE A 839 -10.49 -6.83 28.44
N PRO A 840 -10.98 -5.94 29.30
CA PRO A 840 -11.72 -6.41 30.49
C PRO A 840 -12.99 -7.14 30.07
N LYS A 841 -13.25 -8.26 30.73
CA LYS A 841 -14.42 -9.07 30.40
C LYS A 841 -15.69 -8.34 30.78
N LYS A 842 -16.54 -8.06 29.80
CA LYS A 842 -17.81 -7.39 30.01
C LYS A 842 -18.92 -8.20 29.34
N ILE A 843 -19.97 -8.52 30.10
CA ILE A 843 -21.11 -9.25 29.57
C ILE A 843 -22.02 -8.24 28.88
N THR A 844 -21.97 -8.19 27.54
CA THR A 844 -22.79 -7.23 26.82
C THR A 844 -24.26 -7.59 26.89
N HIS A 845 -24.59 -8.88 26.83
CA HIS A 845 -25.98 -9.33 26.78
C HIS A 845 -26.21 -10.42 27.82
N PRO A 846 -27.00 -10.16 28.86
CA PRO A 846 -27.33 -11.23 29.82
C PRO A 846 -28.20 -12.29 29.17
N ALA A 847 -28.04 -13.52 29.63
CA ALA A 847 -28.81 -14.63 29.08
C ALA A 847 -30.30 -14.42 29.33
N LYS A 848 -31.11 -15.07 28.49
CA LYS A 848 -32.56 -15.14 28.58
C LYS A 848 -33.23 -13.81 28.25
N GLU A 849 -32.49 -12.75 27.98
CA GLU A 849 -33.06 -11.45 27.64
C GLU A 849 -32.97 -11.23 26.13
N ALA A 850 -34.09 -10.90 25.52
CA ALA A 850 -34.15 -10.76 24.07
C ALA A 850 -33.20 -9.67 23.59
N ILE A 851 -32.48 -9.95 22.50
CA ILE A 851 -31.53 -9.02 21.90
C ILE A 851 -32.08 -8.57 20.57
N ALA A 852 -32.03 -7.26 20.32
CA ALA A 852 -32.48 -6.72 19.05
C ALA A 852 -31.58 -7.24 17.91
N ASN A 853 -32.21 -7.79 16.88
CA ASN A 853 -31.47 -8.19 15.69
C ASN A 853 -31.07 -6.95 14.89
N LYS A 854 -29.86 -6.99 14.33
CA LYS A 854 -29.32 -5.81 13.66
C LYS A 854 -29.82 -5.71 12.22
N ASN A 855 -29.95 -6.83 11.53
CA ASN A 855 -30.33 -6.82 10.12
C ASN A 855 -31.82 -6.51 10.00
N LYS A 856 -32.16 -5.43 9.28
CA LYS A 856 -33.56 -5.07 9.11
C LYS A 856 -34.29 -6.01 8.15
N ASP A 857 -33.57 -6.78 7.36
CA ASP A 857 -34.17 -7.80 6.51
C ASP A 857 -34.56 -9.06 7.29
N ASN A 858 -34.14 -9.16 8.54
CA ASN A 858 -34.34 -10.38 9.30
C ASN A 858 -35.82 -10.57 9.64
N PRO A 859 -36.43 -11.70 9.26
CA PRO A 859 -37.82 -11.94 9.69
C PRO A 859 -37.98 -11.87 11.19
N LYS A 860 -37.04 -12.42 11.94
CA LYS A 860 -37.09 -12.39 13.40
C LYS A 860 -36.64 -11.02 13.90
N LYS A 861 -37.52 -10.35 14.65
CA LYS A 861 -37.23 -9.01 15.13
C LYS A 861 -36.16 -9.03 16.21
N GLU A 862 -36.18 -10.04 17.09
CA GLU A 862 -35.24 -10.16 18.18
C GLU A 862 -34.90 -11.63 18.37
N SER A 863 -33.90 -11.88 19.21
CA SER A 863 -33.47 -13.24 19.54
C SER A 863 -33.10 -13.31 21.00
N VAL A 864 -33.43 -14.44 21.63
CA VAL A 864 -33.07 -14.69 23.02
C VAL A 864 -32.19 -15.95 23.05
N PHE A 865 -31.32 -16.02 24.06
CA PHE A 865 -30.39 -17.12 24.20
C PHE A 865 -30.40 -17.64 25.63
N GLU A 866 -30.18 -18.95 25.77
CA GLU A 866 -30.07 -19.55 27.09
C GLU A 866 -28.79 -19.13 27.81
N TYR A 867 -27.77 -18.70 27.06
CA TYR A 867 -26.45 -18.41 27.59
C TYR A 867 -26.12 -16.93 27.39
N ASP A 868 -24.98 -16.52 27.95
CA ASP A 868 -24.51 -15.16 27.80
C ASP A 868 -23.79 -14.97 26.47
N LEU A 869 -23.76 -13.72 26.01
CA LEU A 869 -22.97 -13.31 24.87
C LEU A 869 -22.07 -12.16 25.29
N ILE A 870 -20.76 -12.34 25.08
CA ILE A 870 -19.74 -11.41 25.52
C ILE A 870 -19.05 -10.82 24.31
N LYS A 871 -19.06 -9.49 24.20
CA LYS A 871 -18.42 -8.84 23.07
C LYS A 871 -16.92 -9.08 23.11
N ASP A 872 -16.36 -9.47 21.95
CA ASP A 872 -14.92 -9.73 21.83
C ASP A 872 -14.45 -10.73 22.88
N LYS A 873 -15.24 -11.80 23.07
CA LYS A 873 -14.98 -12.74 24.15
C LYS A 873 -13.55 -13.29 24.09
N ARG A 874 -13.04 -13.55 22.88
CA ARG A 874 -11.73 -14.17 22.76
C ARG A 874 -10.61 -13.29 23.33
N PHE A 875 -10.82 -11.98 23.38
CA PHE A 875 -9.83 -11.08 23.94
C PHE A 875 -9.98 -10.89 25.44
N THR A 876 -11.03 -11.46 26.05
CA THR A 876 -11.26 -11.33 27.48
C THR A 876 -10.42 -12.28 28.31
N GLU A 877 -9.59 -13.11 27.69
CA GLU A 877 -8.83 -14.12 28.41
C GLU A 877 -7.52 -14.39 27.67
N ASP A 878 -6.58 -15.00 28.38
CA ASP A 878 -5.33 -15.42 27.77
C ASP A 878 -5.56 -16.62 26.86
N LYS A 879 -4.74 -16.73 25.82
CA LYS A 879 -4.95 -17.81 24.87
C LYS A 879 -3.64 -18.26 24.23
N PHE A 880 -3.61 -19.54 23.86
CA PHE A 880 -2.51 -20.17 23.14
C PHE A 880 -2.87 -20.30 21.66
N PHE A 881 -1.85 -20.22 20.81
CA PHE A 881 -2.10 -20.21 19.37
C PHE A 881 -1.04 -21.03 18.64
N PHE A 882 -1.46 -21.58 17.51
CA PHE A 882 -0.66 -22.49 16.69
C PHE A 882 -0.75 -22.01 15.25
N HIS A 883 0.39 -21.64 14.68
CA HIS A 883 0.51 -21.32 13.27
C HIS A 883 1.25 -22.47 12.59
N CYS A 884 0.56 -23.17 11.69
CA CYS A 884 1.08 -24.37 11.04
C CYS A 884 1.16 -24.19 9.53
N PRO A 885 2.35 -24.07 8.96
CA PRO A 885 2.46 -23.98 7.50
C PRO A 885 2.22 -25.34 6.85
N ILE A 886 1.60 -25.29 5.66
CA ILE A 886 1.32 -26.46 4.84
C ILE A 886 1.59 -26.11 3.38
N THR A 887 1.74 -27.14 2.56
CA THR A 887 1.94 -26.99 1.13
C THR A 887 0.79 -27.67 0.40
N ILE A 888 0.18 -26.94 -0.53
CA ILE A 888 -0.95 -27.38 -1.33
C ILE A 888 -0.47 -27.73 -2.72
N ASN A 889 -1.00 -28.83 -3.26
CA ASN A 889 -0.52 -29.41 -4.51
C ASN A 889 0.98 -29.72 -4.40
N PHE A 890 1.29 -30.54 -3.38
CA PHE A 890 2.66 -30.86 -3.01
C PHE A 890 3.45 -31.41 -4.18
N LYS A 891 2.81 -32.13 -5.10
CA LYS A 891 3.53 -32.80 -6.17
C LYS A 891 3.54 -32.02 -7.47
N SER A 892 2.97 -30.82 -7.50
CA SER A 892 3.05 -29.91 -8.65
C SER A 892 4.17 -28.89 -8.42
N SER A 893 4.81 -28.51 -9.52
CA SER A 893 5.76 -27.39 -9.49
C SER A 893 4.99 -26.07 -9.51
N GLY A 894 5.73 -24.97 -9.49
CA GLY A 894 5.10 -23.66 -9.52
C GLY A 894 4.48 -23.34 -10.87
N ALA A 895 3.71 -22.26 -10.89
CA ALA A 895 3.01 -21.86 -12.11
C ALA A 895 3.99 -21.38 -13.17
N ASN A 896 3.84 -21.88 -14.39
CA ASN A 896 4.74 -21.54 -15.49
C ASN A 896 3.94 -21.42 -16.78
N LYS A 897 3.96 -20.24 -17.38
CA LYS A 897 3.21 -19.95 -18.62
C LYS A 897 1.74 -20.32 -18.45
N PHE A 898 1.14 -19.79 -17.38
CA PHE A 898 -0.23 -20.14 -17.02
C PHE A 898 -1.23 -19.50 -18.00
N ASN A 899 -1.03 -18.23 -18.32
CA ASN A 899 -1.94 -17.55 -19.24
C ASN A 899 -2.02 -18.28 -20.58
N ASP A 900 -0.90 -18.83 -21.07
CA ASP A 900 -0.93 -19.54 -22.33
C ASP A 900 -1.81 -20.79 -22.25
N GLU A 901 -1.76 -21.51 -21.14
CA GLU A 901 -2.61 -22.69 -20.99
C GLU A 901 -4.08 -22.30 -20.89
N ILE A 902 -4.38 -21.25 -20.10
CA ILE A 902 -5.74 -20.74 -20.06
C ILE A 902 -6.22 -20.40 -21.46
N ASN A 903 -5.41 -19.68 -22.23
CA ASN A 903 -5.84 -19.24 -23.56
C ASN A 903 -6.00 -20.41 -24.50
N LEU A 904 -5.17 -21.45 -24.37
CA LEU A 904 -5.38 -22.68 -25.12
C LEU A 904 -6.74 -23.29 -24.81
N LEU A 905 -7.03 -23.45 -23.52
CA LEU A 905 -8.32 -24.02 -23.12
C LEU A 905 -9.47 -23.20 -23.68
N LEU A 906 -9.39 -21.87 -23.54
CA LEU A 906 -10.47 -21.00 -23.98
C LEU A 906 -10.65 -21.06 -25.50
N LYS A 907 -9.55 -21.08 -26.25
CA LYS A 907 -9.68 -21.26 -27.69
C LYS A 907 -10.40 -22.56 -28.02
N GLU A 908 -9.96 -23.65 -27.39
CA GLU A 908 -10.63 -24.93 -27.61
C GLU A 908 -12.11 -24.87 -27.27
N LYS A 909 -12.46 -24.24 -26.15
CA LYS A 909 -13.83 -24.23 -25.64
C LYS A 909 -14.55 -22.92 -25.91
N ALA A 910 -14.06 -22.11 -26.87
CA ALA A 910 -14.57 -20.77 -27.04
C ALA A 910 -16.09 -20.72 -27.18
N ASN A 911 -16.69 -21.78 -27.75
CA ASN A 911 -18.13 -21.75 -28.01
C ASN A 911 -18.94 -21.63 -26.73
N ASP A 912 -18.41 -22.13 -25.61
CA ASP A 912 -19.18 -22.19 -24.36
C ASP A 912 -18.88 -21.06 -23.38
N VAL A 913 -17.90 -20.21 -23.65
CA VAL A 913 -17.46 -19.28 -22.62
C VAL A 913 -18.41 -18.08 -22.58
N HIS A 914 -18.77 -17.69 -21.36
CA HIS A 914 -19.45 -16.44 -21.10
C HIS A 914 -18.44 -15.38 -20.64
N ILE A 915 -18.86 -14.12 -20.72
CA ILE A 915 -18.06 -13.00 -20.28
C ILE A 915 -18.78 -12.33 -19.11
N LEU A 916 -18.15 -12.37 -17.94
CA LEU A 916 -18.64 -11.71 -16.73
C LEU A 916 -17.85 -10.43 -16.57
N SER A 917 -18.46 -9.31 -16.96
CA SER A 917 -17.80 -8.02 -16.92
C SER A 917 -18.24 -7.24 -15.69
N ILE A 918 -17.28 -6.61 -15.02
CA ILE A 918 -17.51 -5.92 -13.75
C ILE A 918 -17.05 -4.48 -13.89
N ASP A 919 -17.99 -3.56 -13.70
CA ASP A 919 -17.75 -2.13 -13.73
C ASP A 919 -18.00 -1.55 -12.35
N ARG A 920 -17.47 -0.35 -12.12
CA ARG A 920 -17.71 0.38 -10.89
C ARG A 920 -18.35 1.72 -11.23
N GLY A 921 -19.23 2.17 -10.33
CA GLY A 921 -19.95 3.41 -10.56
C GLY A 921 -20.29 4.10 -9.27
N GLU A 922 -21.00 5.22 -9.40
CA GLU A 922 -21.43 5.98 -8.24
C GLU A 922 -22.50 5.22 -7.46
N ARG A 923 -23.36 4.48 -8.17
CA ARG A 923 -24.46 3.78 -7.53
C ARG A 923 -24.06 2.43 -6.94
N HIS A 924 -22.97 1.84 -7.42
CA HIS A 924 -22.60 0.49 -7.00
C HIS A 924 -21.11 0.39 -6.74
N LEU A 925 -20.76 -0.35 -5.68
CA LEU A 925 -19.35 -0.71 -5.45
C LEU A 925 -18.85 -1.60 -6.58
N ALA A 926 -19.64 -2.60 -6.97
CA ALA A 926 -19.35 -3.44 -8.11
C ALA A 926 -20.67 -3.80 -8.79
N TYR A 927 -20.70 -3.69 -10.11
CA TYR A 927 -21.85 -4.06 -10.90
C TYR A 927 -21.39 -4.97 -12.02
N TYR A 928 -22.19 -5.98 -12.36
CA TYR A 928 -21.74 -7.00 -13.30
C TYR A 928 -22.80 -7.30 -14.35
N THR A 929 -22.33 -7.64 -15.54
CA THR A 929 -23.17 -8.21 -16.58
C THR A 929 -22.56 -9.52 -17.03
N LEU A 930 -23.40 -10.55 -17.13
CA LEU A 930 -23.03 -11.84 -17.69
C LEU A 930 -23.54 -11.86 -19.13
N VAL A 931 -22.64 -12.10 -20.09
CA VAL A 931 -22.99 -12.04 -21.50
C VAL A 931 -22.51 -13.31 -22.18
N ASP A 932 -23.17 -13.66 -23.29
CA ASP A 932 -22.79 -14.82 -24.07
C ASP A 932 -21.91 -14.38 -25.25
N GLY A 933 -21.53 -15.36 -26.08
CA GLY A 933 -20.67 -15.08 -27.22
C GLY A 933 -21.31 -14.23 -28.30
N LYS A 934 -22.64 -14.10 -28.28
CA LYS A 934 -23.36 -13.31 -29.26
C LYS A 934 -23.66 -11.89 -28.78
N GLY A 935 -23.27 -11.54 -27.55
CA GLY A 935 -23.52 -10.23 -27.01
C GLY A 935 -24.80 -10.10 -26.21
N ASN A 936 -25.48 -11.20 -25.92
CA ASN A 936 -26.73 -11.16 -25.16
C ASN A 936 -26.44 -11.17 -23.67
N ILE A 937 -27.19 -10.35 -22.94
CA ILE A 937 -27.07 -10.32 -21.49
C ILE A 937 -27.91 -11.45 -20.92
N ILE A 938 -27.23 -12.43 -20.30
CA ILE A 938 -27.89 -13.49 -19.55
C ILE A 938 -28.28 -13.01 -18.16
N LYS A 939 -27.37 -12.30 -17.48
CA LYS A 939 -27.60 -11.80 -16.14
C LYS A 939 -27.01 -10.41 -16.00
N GLN A 940 -27.70 -9.54 -15.28
CA GLN A 940 -27.19 -8.21 -14.95
C GLN A 940 -27.72 -7.82 -13.59
N ASP A 941 -26.83 -7.50 -12.67
CA ASP A 941 -27.21 -7.26 -11.28
C ASP A 941 -26.07 -6.51 -10.59
N THR A 942 -26.33 -6.12 -9.34
CA THR A 942 -25.38 -5.38 -8.51
C THR A 942 -24.77 -6.29 -7.46
N PHE A 943 -23.51 -6.01 -7.10
CA PHE A 943 -22.86 -6.70 -6.01
C PHE A 943 -23.06 -6.00 -4.67
N ASN A 944 -23.91 -4.97 -4.63
CA ASN A 944 -24.18 -4.26 -3.38
C ASN A 944 -24.86 -5.17 -2.35
N ILE A 945 -25.66 -6.12 -2.80
CA ILE A 945 -26.51 -6.92 -1.92
C ILE A 945 -25.98 -8.34 -1.87
N ILE A 946 -25.72 -8.83 -0.66
CA ILE A 946 -25.19 -10.17 -0.42
C ILE A 946 -26.09 -10.85 0.60
N GLY A 947 -26.57 -12.05 0.28
CA GLY A 947 -27.36 -12.75 1.27
C GLY A 947 -27.99 -14.03 0.75
N ASN A 948 -28.59 -14.75 1.67
CA ASN A 948 -29.29 -16.00 1.42
C ASN A 948 -30.68 -15.71 0.87
N ASP A 949 -31.53 -16.75 0.81
CA ASP A 949 -32.95 -16.52 0.57
C ASP A 949 -33.60 -15.86 1.78
N ARG A 950 -33.04 -16.07 2.98
CA ARG A 950 -33.67 -15.61 4.20
C ARG A 950 -33.39 -14.14 4.46
N MET A 951 -32.11 -13.74 4.43
CA MET A 951 -31.72 -12.37 4.72
C MET A 951 -30.80 -11.85 3.64
N LYS A 952 -30.54 -10.55 3.70
CA LYS A 952 -29.64 -9.89 2.77
C LYS A 952 -29.06 -8.65 3.43
N THR A 953 -27.88 -8.25 2.95
CA THR A 953 -27.12 -7.13 3.50
C THR A 953 -26.67 -6.23 2.37
N ASN A 954 -26.73 -4.92 2.59
CA ASN A 954 -26.28 -3.92 1.63
C ASN A 954 -25.05 -3.22 2.18
N TYR A 955 -23.91 -3.44 1.52
CA TYR A 955 -22.64 -2.88 1.95
C TYR A 955 -22.34 -1.50 1.38
N HIS A 956 -23.14 -1.04 0.40
CA HIS A 956 -22.90 0.27 -0.19
C HIS A 956 -23.02 1.38 0.86
N ASP A 957 -24.16 1.41 1.57
CA ASP A 957 -24.34 2.39 2.63
C ASP A 957 -23.20 2.35 3.64
N LYS A 958 -22.87 1.15 4.12
CA LYS A 958 -21.82 1.01 5.12
C LYS A 958 -20.49 1.58 4.62
N LEU A 959 -20.12 1.29 3.37
CA LEU A 959 -18.87 1.83 2.82
C LEU A 959 -18.91 3.35 2.78
N ALA A 960 -20.00 3.93 2.28
CA ALA A 960 -20.13 5.38 2.30
C ALA A 960 -19.87 5.94 3.69
N ALA A 961 -20.57 5.39 4.69
CA ALA A 961 -20.38 5.85 6.06
C ALA A 961 -18.93 5.78 6.48
N ILE A 962 -18.22 4.71 6.09
CA ILE A 962 -16.80 4.61 6.41
C ILE A 962 -16.04 5.81 5.85
N GLU A 963 -16.23 6.09 4.56
CA GLU A 963 -15.47 7.17 3.94
C GLU A 963 -15.76 8.51 4.60
N LYS A 964 -17.00 8.72 5.04
CA LYS A 964 -17.29 9.96 5.78
C LYS A 964 -16.52 9.98 7.10
N ASP A 965 -16.59 8.87 7.85
CA ASP A 965 -15.95 8.80 9.16
C ASP A 965 -14.47 9.20 9.08
N ARG A 966 -13.75 8.65 8.09
CA ARG A 966 -12.33 8.97 7.97
C ARG A 966 -12.08 10.48 7.94
N ASP A 967 -12.54 11.12 6.86
CA ASP A 967 -12.22 12.53 6.65
C ASP A 967 -12.74 13.40 7.78
N SER A 968 -13.95 13.12 8.28
CA SER A 968 -14.46 13.92 9.39
C SER A 968 -13.56 13.80 10.61
N ALA A 969 -13.44 12.58 11.15
CA ALA A 969 -12.71 12.40 12.41
C ALA A 969 -11.23 12.72 12.29
N ARG A 970 -10.69 12.80 11.07
CA ARG A 970 -9.26 13.05 10.92
C ARG A 970 -8.85 14.38 11.53
N LYS A 971 -9.73 15.38 11.51
CA LYS A 971 -9.44 16.69 12.09
C LYS A 971 -9.78 16.77 13.56
N ASP A 972 -10.23 15.68 14.18
CA ASP A 972 -10.52 15.62 15.60
C ASP A 972 -9.43 14.93 16.41
N TRP A 973 -8.30 14.60 15.78
CA TRP A 973 -7.27 13.79 16.43
C TRP A 973 -7.86 12.50 16.98
N LYS A 974 -8.86 11.97 16.29
CA LYS A 974 -9.56 10.76 16.71
C LYS A 974 -9.08 9.57 15.91
N LYS A 975 -8.87 8.45 16.59
CA LYS A 975 -8.36 7.24 15.95
C LYS A 975 -9.37 6.67 14.97
N ILE A 976 -8.91 6.37 13.76
CA ILE A 976 -9.67 5.66 12.74
C ILE A 976 -9.34 4.18 12.85
N ASN A 977 -10.36 3.32 12.78
CA ASN A 977 -10.18 1.91 13.10
C ASN A 977 -10.80 1.00 12.05
N ASN A 978 -9.95 0.23 11.38
CA ASN A 978 -10.35 -0.98 10.65
C ASN A 978 -11.25 -0.69 9.46
N ILE A 979 -10.96 0.40 8.75
CA ILE A 979 -11.71 0.70 7.54
C ILE A 979 -11.29 -0.24 6.42
N LYS A 980 -9.99 -0.43 6.25
CA LYS A 980 -9.52 -1.36 5.23
C LYS A 980 -10.02 -2.77 5.48
N GLU A 981 -10.08 -3.19 6.74
CA GLU A 981 -10.64 -4.50 7.06
C GLU A 981 -12.13 -4.55 6.74
N MET A 982 -12.86 -3.47 7.00
CA MET A 982 -14.29 -3.43 6.68
C MET A 982 -14.53 -3.52 5.19
N LYS A 983 -13.65 -2.92 4.37
CA LYS A 983 -13.77 -3.03 2.92
C LYS A 983 -13.45 -4.45 2.47
N GLU A 984 -12.31 -4.99 2.92
CA GLU A 984 -11.92 -6.32 2.48
C GLU A 984 -12.91 -7.39 2.92
N GLY A 985 -13.65 -7.16 4.00
CA GLY A 985 -14.70 -8.11 4.35
C GLY A 985 -15.74 -8.26 3.24
N TYR A 986 -16.41 -7.14 2.95
CA TYR A 986 -17.32 -7.09 1.82
C TYR A 986 -16.71 -7.76 0.58
N LEU A 987 -15.51 -7.31 0.19
CA LEU A 987 -14.88 -7.91 -0.97
C LEU A 987 -14.75 -9.42 -0.81
N SER A 988 -14.52 -9.91 0.41
CA SER A 988 -14.38 -11.34 0.61
C SER A 988 -15.70 -12.05 0.37
N GLN A 989 -16.83 -11.35 0.50
CA GLN A 989 -18.09 -11.94 0.06
C GLN A 989 -18.22 -11.91 -1.47
N VAL A 990 -17.87 -10.79 -2.10
CA VAL A 990 -18.15 -10.74 -3.53
C VAL A 990 -17.24 -11.69 -4.31
N VAL A 991 -16.02 -11.97 -3.83
CA VAL A 991 -15.18 -12.92 -4.56
C VAL A 991 -15.83 -14.30 -4.57
N HIS A 992 -16.56 -14.65 -3.51
CA HIS A 992 -17.29 -15.92 -3.52
C HIS A 992 -18.43 -15.88 -4.53
N GLU A 993 -19.19 -14.77 -4.57
CA GLU A 993 -20.23 -14.67 -5.58
C GLU A 993 -19.66 -14.82 -6.99
N ILE A 994 -18.55 -14.14 -7.27
CA ILE A 994 -17.95 -14.20 -8.59
C ILE A 994 -17.50 -15.62 -8.91
N ALA A 995 -16.82 -16.27 -7.96
CA ALA A 995 -16.40 -17.64 -8.19
C ALA A 995 -17.58 -18.53 -8.58
N LYS A 996 -18.71 -18.40 -7.87
CA LYS A 996 -19.90 -19.15 -8.24
C LYS A 996 -20.31 -18.86 -9.68
N LEU A 997 -20.43 -17.58 -10.04
CA LEU A 997 -20.82 -17.23 -11.40
C LEU A 997 -19.87 -17.87 -12.41
N VAL A 998 -18.56 -17.76 -12.15
CA VAL A 998 -17.55 -18.19 -13.12
C VAL A 998 -17.66 -19.68 -13.37
N ILE A 999 -17.72 -20.47 -12.30
CA ILE A 999 -17.80 -21.91 -12.51
C ILE A 999 -19.14 -22.28 -13.13
N GLU A 1000 -20.21 -21.61 -12.73
CA GLU A 1000 -21.52 -22.01 -13.23
C GLU A 1000 -21.67 -21.74 -14.72
N TYR A 1001 -21.08 -20.65 -15.23
CA TYR A 1001 -21.34 -20.23 -16.60
C TYR A 1001 -20.12 -20.31 -17.52
N ASN A 1002 -19.09 -21.05 -17.12
CA ASN A 1002 -17.88 -21.16 -17.94
C ASN A 1002 -17.42 -19.78 -18.40
N ALA A 1003 -17.22 -18.90 -17.43
CA ALA A 1003 -17.02 -17.48 -17.71
C ALA A 1003 -15.57 -17.08 -17.52
N ILE A 1004 -15.15 -16.09 -18.29
CA ILE A 1004 -13.96 -15.30 -18.01
C ILE A 1004 -14.43 -14.00 -17.37
N VAL A 1005 -13.57 -13.39 -16.57
CA VAL A 1005 -13.91 -12.19 -15.82
C VAL A 1005 -13.17 -11.02 -16.45
N VAL A 1006 -13.90 -9.96 -16.78
CA VAL A 1006 -13.31 -8.79 -17.44
C VAL A 1006 -13.49 -7.57 -16.55
N PHE A 1007 -12.37 -6.90 -16.28
CA PHE A 1007 -12.32 -5.68 -15.49
C PHE A 1007 -11.84 -4.51 -16.36
N GLN A 1008 -12.16 -3.31 -15.91
CA GLN A 1008 -11.72 -2.09 -16.56
C GLN A 1008 -10.31 -1.71 -16.09
N ASP A 1009 -9.48 -1.31 -17.04
CA ASP A 1009 -8.10 -0.96 -16.73
C ASP A 1009 -8.03 0.24 -15.80
N LEU A 1010 -7.09 0.21 -14.87
CA LEU A 1010 -6.84 1.31 -13.95
C LEU A 1010 -5.36 1.39 -13.58
N LYS A 1020 -10.40 8.29 -6.09
CA LYS A 1020 -9.16 7.53 -5.88
C LYS A 1020 -9.35 6.39 -4.87
N VAL A 1021 -10.07 6.66 -3.78
CA VAL A 1021 -10.32 5.63 -2.79
C VAL A 1021 -11.22 4.53 -3.38
N GLU A 1022 -12.29 4.93 -4.06
CA GLU A 1022 -13.16 3.97 -4.71
C GLU A 1022 -12.37 3.08 -5.66
N LYS A 1023 -11.54 3.70 -6.52
CA LYS A 1023 -10.69 2.93 -7.40
C LYS A 1023 -9.86 1.92 -6.61
N GLN A 1024 -9.36 2.31 -5.44
CA GLN A 1024 -8.59 1.38 -4.64
C GLN A 1024 -9.44 0.19 -4.20
N VAL A 1025 -10.72 0.42 -3.92
CA VAL A 1025 -11.60 -0.71 -3.62
C VAL A 1025 -11.71 -1.63 -4.83
N TYR A 1026 -11.85 -1.06 -6.02
CA TYR A 1026 -11.92 -1.86 -7.25
C TYR A 1026 -10.65 -2.70 -7.43
N GLN A 1027 -9.49 -2.08 -7.24
CA GLN A 1027 -8.21 -2.79 -7.37
C GLN A 1027 -8.09 -3.89 -6.33
N LYS A 1028 -8.47 -3.60 -5.09
CA LYS A 1028 -8.45 -4.64 -4.06
C LYS A 1028 -9.33 -5.81 -4.45
N LEU A 1029 -10.48 -5.53 -5.06
CA LEU A 1029 -11.32 -6.61 -5.56
C LEU A 1029 -10.59 -7.46 -6.59
N GLU A 1030 -9.88 -6.82 -7.53
CA GLU A 1030 -9.12 -7.60 -8.51
C GLU A 1030 -8.09 -8.49 -7.81
N LYS A 1031 -7.36 -7.94 -6.85
CA LYS A 1031 -6.30 -8.72 -6.20
C LYS A 1031 -6.88 -9.89 -5.40
N MET A 1032 -7.92 -9.63 -4.61
CA MET A 1032 -8.50 -10.69 -3.80
C MET A 1032 -9.18 -11.75 -4.66
N LEU A 1033 -9.74 -11.36 -5.81
CA LEU A 1033 -10.29 -12.36 -6.73
C LEU A 1033 -9.19 -13.23 -7.31
N ILE A 1034 -8.08 -12.61 -7.74
CA ILE A 1034 -6.93 -13.38 -8.20
C ILE A 1034 -6.51 -14.41 -7.15
N GLU A 1035 -6.33 -13.95 -5.91
CA GLU A 1035 -5.88 -14.86 -4.85
C GLU A 1035 -6.91 -15.96 -4.60
N LYS A 1036 -8.19 -15.61 -4.57
CA LYS A 1036 -9.24 -16.62 -4.41
C LYS A 1036 -9.14 -17.69 -5.50
N LEU A 1037 -8.91 -17.27 -6.74
CA LEU A 1037 -8.89 -18.20 -7.86
C LEU A 1037 -7.57 -18.94 -7.98
N ASN A 1038 -6.55 -18.60 -7.17
CA ASN A 1038 -5.38 -19.46 -7.06
C ASN A 1038 -5.76 -20.88 -6.69
N TYR A 1039 -6.71 -21.05 -5.76
CA TYR A 1039 -7.06 -22.35 -5.20
C TYR A 1039 -8.53 -22.29 -4.80
N LEU A 1040 -9.39 -22.88 -5.61
CA LEU A 1040 -10.83 -22.68 -5.51
C LEU A 1040 -11.52 -23.98 -5.13
N VAL A 1041 -12.07 -24.04 -3.91
CA VAL A 1041 -12.73 -25.22 -3.39
C VAL A 1041 -14.16 -24.85 -3.03
N PHE A 1042 -15.12 -25.63 -3.53
CA PHE A 1042 -16.53 -25.47 -3.18
C PHE A 1042 -16.89 -26.48 -2.10
N LYS A 1043 -17.46 -26.00 -1.00
CA LYS A 1043 -17.61 -26.83 0.19
C LYS A 1043 -18.58 -27.99 -0.03
N ASP A 1044 -19.60 -27.77 -0.85
CA ASP A 1044 -20.57 -28.84 -1.09
C ASP A 1044 -20.06 -29.89 -2.07
N ASN A 1045 -19.00 -29.61 -2.82
CA ASN A 1045 -18.46 -30.60 -3.74
C ASN A 1045 -17.88 -31.80 -2.99
N GLU A 1046 -17.86 -32.94 -3.67
CA GLU A 1046 -17.35 -34.16 -3.07
C GLU A 1046 -15.82 -34.12 -2.95
N PHE A 1047 -15.33 -34.76 -1.89
CA PHE A 1047 -13.91 -34.70 -1.54
C PHE A 1047 -13.02 -34.98 -2.74
N ASP A 1048 -13.33 -36.03 -3.50
CA ASP A 1048 -12.46 -36.51 -4.57
C ASP A 1048 -12.86 -36.01 -5.95
N LYS A 1049 -13.81 -35.08 -6.04
CA LYS A 1049 -14.28 -34.60 -7.33
C LYS A 1049 -13.84 -33.16 -7.57
N THR A 1050 -13.80 -32.79 -8.85
CA THR A 1050 -13.31 -31.48 -9.23
C THR A 1050 -14.10 -30.38 -8.53
N GLY A 1051 -13.38 -29.42 -7.96
CA GLY A 1051 -13.98 -28.42 -7.12
C GLY A 1051 -13.99 -28.76 -5.65
N GLY A 1052 -13.75 -30.02 -5.28
CA GLY A 1052 -13.67 -30.42 -3.90
C GLY A 1052 -12.28 -30.26 -3.32
N VAL A 1053 -12.15 -30.68 -2.05
CA VAL A 1053 -10.92 -30.43 -1.30
C VAL A 1053 -9.71 -30.96 -2.04
N LEU A 1054 -9.84 -32.13 -2.65
CA LEU A 1054 -8.69 -32.79 -3.29
C LEU A 1054 -8.41 -32.29 -4.69
N ARG A 1055 -9.41 -31.68 -5.34
CA ARG A 1055 -9.37 -31.27 -6.75
C ARG A 1055 -9.92 -29.85 -6.82
N ALA A 1056 -9.05 -28.86 -6.61
CA ALA A 1056 -9.46 -27.46 -6.53
C ALA A 1056 -9.19 -26.76 -7.84
N TYR A 1057 -10.17 -25.99 -8.32
CA TYR A 1057 -9.94 -25.17 -9.50
C TYR A 1057 -8.79 -24.21 -9.25
N GLN A 1058 -7.91 -24.08 -10.25
CA GLN A 1058 -6.86 -23.07 -10.24
C GLN A 1058 -6.99 -22.29 -11.55
N LEU A 1059 -7.57 -21.10 -11.47
CA LEU A 1059 -7.92 -20.30 -12.62
C LEU A 1059 -7.07 -19.04 -12.74
N THR A 1060 -6.16 -18.81 -11.80
CA THR A 1060 -5.21 -17.70 -11.87
C THR A 1060 -3.88 -18.16 -11.30
N ALA A 1061 -2.81 -17.48 -11.72
CA ALA A 1061 -1.50 -17.69 -11.12
C ALA A 1061 -1.34 -16.80 -9.91
N PRO A 1062 -0.30 -17.01 -9.11
CA PRO A 1062 -0.12 -16.22 -7.89
C PRO A 1062 0.00 -14.73 -8.20
N PHE A 1063 -0.61 -13.91 -7.35
CA PHE A 1063 -0.49 -12.46 -7.47
C PHE A 1063 0.95 -12.04 -7.28
N GLU A 1064 1.43 -11.16 -8.15
CA GLU A 1064 2.78 -10.60 -8.06
C GLU A 1064 2.69 -9.15 -7.59
N THR A 1065 2.13 -8.26 -8.40
CA THR A 1065 2.09 -6.84 -8.10
C THR A 1065 1.07 -6.20 -9.03
N PHE A 1066 0.56 -5.04 -8.59
CA PHE A 1066 -0.49 -4.39 -9.37
C PHE A 1066 -0.02 -4.02 -10.77
N LYS A 1067 1.22 -3.55 -10.90
CA LYS A 1067 1.73 -3.22 -12.23
C LYS A 1067 1.78 -4.46 -13.11
N LYS A 1068 2.14 -5.61 -12.54
CA LYS A 1068 2.36 -6.83 -13.31
C LYS A 1068 1.07 -7.57 -13.66
N MET A 1069 -0.10 -7.06 -13.25
CA MET A 1069 -1.35 -7.65 -13.72
C MET A 1069 -1.46 -7.54 -15.24
N GLY A 1070 -1.08 -6.39 -15.80
CA GLY A 1070 -1.11 -6.22 -17.24
C GLY A 1070 -2.51 -6.37 -17.80
N LYS A 1071 -2.62 -7.05 -18.94
CA LYS A 1071 -3.91 -7.26 -19.57
C LYS A 1071 -4.58 -8.58 -19.18
N GLN A 1072 -3.82 -9.54 -18.64
CA GLN A 1072 -4.40 -10.84 -18.31
C GLN A 1072 -3.73 -11.46 -17.09
N THR A 1073 -4.56 -11.93 -16.15
CA THR A 1073 -4.13 -12.79 -15.06
C THR A 1073 -5.06 -14.00 -15.06
N GLY A 1074 -4.66 -15.05 -15.77
CA GLY A 1074 -5.50 -16.24 -15.82
C GLY A 1074 -6.76 -15.97 -16.59
N ILE A 1075 -7.92 -16.28 -15.99
CA ILE A 1075 -9.20 -16.09 -16.65
C ILE A 1075 -9.67 -14.66 -16.47
N ILE A 1076 -8.84 -13.81 -15.89
CA ILE A 1076 -9.19 -12.40 -15.67
C ILE A 1076 -8.46 -11.55 -16.69
N TYR A 1077 -9.20 -10.70 -17.40
CA TYR A 1077 -8.63 -9.80 -18.39
C TYR A 1077 -8.98 -8.36 -18.04
N TYR A 1078 -8.20 -7.43 -18.59
CA TYR A 1078 -8.32 -6.01 -18.25
C TYR A 1078 -8.36 -5.20 -19.53
N VAL A 1079 -9.44 -4.45 -19.72
CA VAL A 1079 -9.65 -3.68 -20.95
C VAL A 1079 -9.71 -2.20 -20.64
N PRO A 1080 -9.38 -1.33 -21.60
CA PRO A 1080 -9.55 0.11 -21.37
C PRO A 1080 -11.01 0.45 -21.13
N ALA A 1081 -11.24 1.45 -20.29
CA ALA A 1081 -12.59 1.87 -19.93
C ALA A 1081 -13.17 2.91 -20.87
N GLY A 1082 -12.43 3.33 -21.89
CA GLY A 1082 -12.89 4.38 -22.77
C GLY A 1082 -14.21 4.10 -23.47
N PHE A 1083 -15.13 5.06 -23.41
CA PHE A 1083 -16.36 5.03 -24.20
C PHE A 1083 -17.21 3.81 -23.89
N THR A 1084 -17.33 3.49 -22.61
CA THR A 1084 -18.26 2.47 -22.15
C THR A 1084 -19.48 3.06 -21.47
N SER A 1085 -19.52 4.37 -21.25
CA SER A 1085 -20.58 5.03 -20.47
C SER A 1085 -21.72 5.47 -21.38
N LYS A 1086 -21.48 6.51 -22.19
CA LYS A 1086 -22.50 7.10 -23.03
C LYS A 1086 -22.33 6.58 -24.45
N ILE A 1087 -23.07 5.53 -24.79
CA ILE A 1087 -22.97 4.89 -26.09
C ILE A 1087 -24.20 4.01 -26.27
N CYS A 1088 -24.65 3.90 -27.51
CA CYS A 1088 -25.88 3.15 -27.77
C CYS A 1088 -25.61 1.65 -27.75
N PRO A 1089 -26.39 0.87 -27.00
CA PRO A 1089 -26.15 -0.58 -26.94
C PRO A 1089 -26.32 -1.29 -28.27
N VAL A 1090 -27.23 -0.83 -29.12
CA VAL A 1090 -27.53 -1.53 -30.36
C VAL A 1090 -26.66 -1.03 -31.51
N THR A 1091 -26.56 0.28 -31.67
CA THR A 1091 -25.82 0.86 -32.78
C THR A 1091 -24.37 1.22 -32.44
N GLY A 1092 -24.01 1.24 -31.16
CA GLY A 1092 -22.69 1.68 -30.80
C GLY A 1092 -22.42 3.15 -31.02
N PHE A 1093 -23.47 3.95 -31.14
CA PHE A 1093 -23.31 5.38 -31.39
C PHE A 1093 -22.81 6.09 -30.14
N VAL A 1094 -21.86 7.00 -30.33
CA VAL A 1094 -21.33 7.84 -29.27
C VAL A 1094 -21.21 9.26 -29.79
N ASN A 1095 -21.58 10.23 -28.95
CA ASN A 1095 -21.62 11.64 -29.36
C ASN A 1095 -20.23 12.24 -29.29
N GLN A 1096 -19.61 12.49 -30.44
CA GLN A 1096 -18.33 13.19 -30.50
C GLN A 1096 -18.47 14.59 -31.07
N LEU A 1097 -19.69 15.07 -31.31
CA LEU A 1097 -19.90 16.40 -31.86
C LEU A 1097 -19.66 17.49 -30.83
N TYR A 1098 -20.24 17.35 -29.65
CA TYR A 1098 -20.11 18.33 -28.58
C TYR A 1098 -20.30 19.76 -29.10
N PRO A 1099 -21.44 20.06 -29.73
CA PRO A 1099 -21.61 21.39 -30.33
C PRO A 1099 -21.88 22.44 -29.26
N LYS A 1100 -21.21 23.57 -29.39
CA LYS A 1100 -21.43 24.71 -28.51
C LYS A 1100 -21.63 25.97 -29.35
N TYR A 1101 -22.43 26.89 -28.83
CA TYR A 1101 -22.72 28.14 -29.53
C TYR A 1101 -21.67 29.18 -29.15
N GLU A 1102 -20.95 29.68 -30.16
CA GLU A 1102 -20.02 30.78 -29.98
C GLU A 1102 -20.45 32.01 -30.76
N SER A 1103 -20.61 31.91 -32.07
CA SER A 1103 -21.01 33.04 -32.89
C SER A 1103 -21.90 32.56 -34.03
N VAL A 1104 -22.65 33.50 -34.62
CA VAL A 1104 -23.49 33.17 -35.76
C VAL A 1104 -22.68 32.60 -36.91
N SER A 1105 -21.50 33.18 -37.15
CA SER A 1105 -20.64 32.69 -38.23
C SER A 1105 -20.25 31.23 -37.99
N LYS A 1106 -19.76 30.93 -36.78
CA LYS A 1106 -19.36 29.57 -36.46
C LYS A 1106 -20.55 28.62 -36.47
N SER A 1107 -21.74 29.10 -36.09
CA SER A 1107 -22.92 28.25 -36.13
C SER A 1107 -23.32 27.90 -37.55
N GLN A 1108 -23.30 28.90 -38.45
CA GLN A 1108 -23.58 28.62 -39.85
C GLN A 1108 -22.55 27.66 -40.44
N GLU A 1109 -21.27 27.88 -40.14
CA GLU A 1109 -20.25 26.96 -40.62
C GLU A 1109 -20.46 25.57 -40.07
N PHE A 1110 -20.91 25.46 -38.82
CA PHE A 1110 -21.11 24.15 -38.20
C PHE A 1110 -22.27 23.41 -38.84
N PHE A 1111 -23.39 24.10 -39.09
CA PHE A 1111 -24.55 23.43 -39.66
C PHE A 1111 -24.43 23.24 -41.16
N SER A 1112 -23.59 24.02 -41.84
CA SER A 1112 -23.34 23.75 -43.26
C SER A 1112 -22.64 22.41 -43.46
N LYS A 1113 -21.77 22.02 -42.52
CA LYS A 1113 -20.97 20.81 -42.68
C LYS A 1113 -21.78 19.53 -42.53
N PHE A 1114 -23.02 19.60 -42.04
CA PHE A 1114 -23.87 18.42 -42.08
C PHE A 1114 -24.14 18.01 -43.52
N ASP A 1115 -24.36 16.71 -43.71
CA ASP A 1115 -24.73 16.22 -45.04
C ASP A 1115 -26.15 16.65 -45.39
N LYS A 1116 -27.13 16.23 -44.60
CA LYS A 1116 -28.51 16.58 -44.90
C LYS A 1116 -29.28 16.73 -43.59
N ILE A 1117 -29.87 17.89 -43.38
CA ILE A 1117 -30.82 18.10 -42.28
C ILE A 1117 -32.18 18.19 -42.93
N CYS A 1118 -32.99 17.14 -42.78
CA CYS A 1118 -34.28 17.10 -43.47
C CYS A 1118 -35.33 16.62 -42.47
N TYR A 1119 -36.59 16.70 -42.86
CA TYR A 1119 -37.69 16.29 -41.99
C TYR A 1119 -38.38 15.06 -42.56
N ASN A 1120 -38.67 14.08 -41.70
CA ASN A 1120 -39.30 12.83 -42.12
C ASN A 1120 -40.80 12.94 -41.87
N LEU A 1121 -41.57 13.02 -42.94
CA LEU A 1121 -43.03 13.06 -42.80
C LEU A 1121 -43.59 11.73 -42.33
N ASP A 1122 -43.08 10.64 -42.91
CA ASP A 1122 -43.55 9.31 -42.51
C ASP A 1122 -43.33 9.07 -41.02
N LYS A 1123 -42.11 9.33 -40.55
CA LYS A 1123 -41.75 8.98 -39.18
C LYS A 1123 -42.22 10.02 -38.17
N GLY A 1124 -42.25 11.30 -38.56
CA GLY A 1124 -42.70 12.34 -37.65
C GLY A 1124 -41.62 13.01 -36.83
N TYR A 1125 -40.37 12.98 -37.29
CA TYR A 1125 -39.28 13.65 -36.60
C TYR A 1125 -38.27 14.17 -37.62
N PHE A 1126 -37.36 15.00 -37.13
CA PHE A 1126 -36.27 15.56 -37.92
C PHE A 1126 -35.07 14.62 -37.93
N GLU A 1127 -34.23 14.77 -38.96
CA GLU A 1127 -33.06 13.91 -39.10
C GLU A 1127 -31.85 14.72 -39.55
N PHE A 1128 -30.77 14.56 -38.78
CA PHE A 1128 -29.48 15.19 -39.04
C PHE A 1128 -28.51 14.09 -39.50
N SER A 1129 -28.12 14.15 -40.76
CA SER A 1129 -27.21 13.18 -41.36
C SER A 1129 -25.87 13.84 -41.64
N PHE A 1130 -24.80 13.22 -41.13
CA PHE A 1130 -23.47 13.82 -41.19
C PHE A 1130 -22.42 12.72 -41.22
N ASP A 1131 -21.18 13.15 -41.42
CA ASP A 1131 -20.01 12.28 -41.39
C ASP A 1131 -18.98 12.92 -40.46
N TYR A 1132 -18.60 12.21 -39.40
CA TYR A 1132 -17.71 12.77 -38.39
C TYR A 1132 -16.41 13.31 -38.98
N LYS A 1133 -15.98 12.79 -40.14
CA LYS A 1133 -14.76 13.31 -40.77
C LYS A 1133 -14.84 14.80 -40.99
N ASN A 1134 -16.00 15.31 -41.42
CA ASN A 1134 -16.12 16.70 -41.84
C ASN A 1134 -16.00 17.69 -40.70
N PHE A 1135 -15.95 17.23 -39.45
CA PHE A 1135 -16.00 18.14 -38.32
C PHE A 1135 -14.60 18.31 -37.71
N GLY A 1136 -14.54 19.13 -36.66
CA GLY A 1136 -13.26 19.70 -36.25
C GLY A 1136 -12.25 18.66 -35.81
N ASP A 1137 -12.66 17.77 -34.91
CA ASP A 1137 -11.70 16.83 -34.33
C ASP A 1137 -11.36 15.75 -35.34
N LYS A 1138 -10.06 15.50 -35.53
CA LYS A 1138 -9.63 14.53 -36.51
C LYS A 1138 -10.00 13.10 -36.13
N ALA A 1139 -10.16 12.83 -34.84
CA ALA A 1139 -10.30 11.45 -34.39
C ALA A 1139 -11.60 10.82 -34.88
N ALA A 1140 -12.69 11.59 -34.91
CA ALA A 1140 -13.99 11.02 -35.17
C ALA A 1140 -14.12 10.53 -36.61
N LYS A 1141 -14.90 9.46 -36.79
CA LYS A 1141 -15.12 8.87 -38.11
C LYS A 1141 -16.46 8.16 -38.15
N GLY A 1142 -17.04 8.10 -39.33
CA GLY A 1142 -18.26 7.33 -39.53
C GLY A 1142 -19.44 8.22 -39.92
N LYS A 1143 -20.36 7.65 -40.70
CA LYS A 1143 -21.59 8.32 -41.10
C LYS A 1143 -22.69 8.00 -40.10
N TRP A 1144 -23.51 9.00 -39.80
CA TRP A 1144 -24.59 8.82 -38.84
C TRP A 1144 -25.77 9.72 -39.19
N THR A 1145 -26.97 9.26 -38.88
CA THR A 1145 -28.18 10.07 -38.93
C THR A 1145 -28.85 9.98 -37.57
N ILE A 1146 -28.90 11.13 -36.88
CA ILE A 1146 -29.52 11.24 -35.56
C ILE A 1146 -30.91 11.84 -35.73
N ALA A 1147 -31.82 11.46 -34.83
CA ALA A 1147 -33.21 11.87 -34.94
C ALA A 1147 -33.63 12.63 -33.68
N SER A 1148 -34.60 13.52 -33.85
CA SER A 1148 -35.19 14.27 -32.75
C SER A 1148 -36.18 13.45 -31.95
N PHE A 1149 -36.29 12.16 -32.25
CA PHE A 1149 -37.33 11.32 -31.67
C PHE A 1149 -37.11 11.14 -30.17
N GLY A 1150 -38.20 10.94 -29.46
CA GLY A 1150 -38.15 10.56 -28.06
C GLY A 1150 -38.39 11.73 -27.14
N SER A 1151 -38.24 11.45 -25.86
CA SER A 1151 -38.25 12.47 -24.82
C SER A 1151 -36.85 12.66 -24.29
N ARG A 1152 -36.65 13.79 -23.62
CA ARG A 1152 -35.38 14.15 -23.02
C ARG A 1152 -35.68 14.84 -21.69
N LEU A 1153 -34.69 14.84 -20.80
CA LEU A 1153 -34.86 15.42 -19.47
C LEU A 1153 -33.78 16.46 -19.24
N ILE A 1154 -34.18 17.61 -18.72
CA ILE A 1154 -33.26 18.72 -18.50
C ILE A 1154 -33.48 19.29 -17.10
N ASN A 1155 -32.38 19.69 -16.45
CA ASN A 1155 -32.42 20.24 -15.11
C ASN A 1155 -32.01 21.71 -15.15
N PHE A 1156 -32.65 22.53 -14.31
CA PHE A 1156 -32.43 23.97 -14.37
C PHE A 1156 -32.94 24.63 -13.09
N ARG A 1157 -32.46 25.85 -12.85
CA ARG A 1157 -32.81 26.62 -11.66
C ARG A 1157 -34.02 27.50 -11.99
N ASN A 1158 -35.19 27.10 -11.53
CA ASN A 1158 -36.42 27.83 -11.80
C ASN A 1158 -36.48 29.11 -10.95
N ASP A 1166 -35.16 22.24 -10.43
CA ASP A 1166 -36.08 21.20 -10.86
C ASP A 1166 -35.81 20.80 -12.31
N THR A 1167 -36.36 19.67 -12.73
CA THR A 1167 -36.15 19.13 -14.07
C THR A 1167 -37.48 19.05 -14.80
N ARG A 1168 -37.42 19.14 -16.12
CA ARG A 1168 -38.61 19.04 -16.96
C ARG A 1168 -38.33 18.17 -18.17
N GLU A 1169 -39.41 17.65 -18.74
CA GLU A 1169 -39.38 16.73 -19.86
C GLU A 1169 -39.59 17.51 -21.15
N VAL A 1170 -38.56 17.51 -22.00
CA VAL A 1170 -38.57 18.28 -23.25
C VAL A 1170 -38.62 17.30 -24.41
N TYR A 1171 -39.44 17.63 -25.41
CA TYR A 1171 -39.53 16.87 -26.65
C TYR A 1171 -38.85 17.66 -27.76
N PRO A 1172 -37.63 17.29 -28.16
CA PRO A 1172 -36.89 18.15 -29.10
C PRO A 1172 -37.53 18.23 -30.48
N THR A 1173 -38.29 17.22 -30.90
CA THR A 1173 -38.97 17.31 -32.19
C THR A 1173 -40.02 18.42 -32.17
N LYS A 1174 -40.84 18.46 -31.12
CA LYS A 1174 -41.80 19.56 -31.00
C LYS A 1174 -41.07 20.90 -30.83
N GLU A 1175 -40.04 20.93 -29.99
CA GLU A 1175 -39.27 22.16 -29.83
C GLU A 1175 -38.78 22.67 -31.18
N LEU A 1176 -38.36 21.75 -32.05
CA LEU A 1176 -37.88 22.15 -33.38
C LEU A 1176 -39.02 22.63 -34.25
N GLU A 1177 -40.19 21.99 -34.16
CA GLU A 1177 -41.35 22.49 -34.88
C GLU A 1177 -41.64 23.93 -34.49
N LYS A 1178 -41.66 24.21 -33.18
CA LYS A 1178 -41.84 25.59 -32.72
C LYS A 1178 -40.80 26.52 -33.34
N LEU A 1179 -39.52 26.15 -33.23
CA LEU A 1179 -38.47 27.06 -33.68
C LEU A 1179 -38.55 27.33 -35.18
N LEU A 1180 -38.81 26.29 -35.98
CA LEU A 1180 -38.87 26.49 -37.43
C LEU A 1180 -40.13 27.26 -37.84
N LYS A 1181 -41.25 27.07 -37.14
CA LYS A 1181 -42.44 27.86 -37.43
C LYS A 1181 -42.21 29.33 -37.07
N ASP A 1182 -41.53 29.60 -35.94
CA ASP A 1182 -41.27 30.97 -35.55
C ASP A 1182 -40.46 31.73 -36.59
N TYR A 1183 -39.50 31.04 -37.22
CA TYR A 1183 -38.67 31.65 -38.25
C TYR A 1183 -39.18 31.36 -39.66
N SER A 1184 -40.40 30.83 -39.76
CA SER A 1184 -41.05 30.61 -41.05
C SER A 1184 -40.19 29.78 -42.00
N ILE A 1185 -39.43 28.84 -41.44
CA ILE A 1185 -38.81 27.79 -42.24
C ILE A 1185 -39.86 26.70 -42.45
N GLU A 1186 -40.10 26.33 -43.71
CA GLU A 1186 -41.11 25.34 -44.04
C GLU A 1186 -40.48 23.95 -44.03
N TYR A 1187 -40.84 23.16 -43.02
CA TYR A 1187 -40.45 21.75 -42.95
C TYR A 1187 -41.60 20.81 -43.28
N GLY A 1188 -42.77 21.34 -43.58
CA GLY A 1188 -43.98 20.53 -43.60
C GLY A 1188 -44.04 19.48 -44.69
N HIS A 1189 -43.40 19.74 -45.83
CA HIS A 1189 -43.40 18.80 -46.94
C HIS A 1189 -42.22 17.83 -46.89
N GLY A 1190 -41.43 17.86 -45.82
CA GLY A 1190 -40.24 17.03 -45.76
C GLY A 1190 -39.06 17.58 -46.50
N GLU A 1191 -39.04 18.89 -46.76
CA GLU A 1191 -37.93 19.49 -47.48
C GLU A 1191 -36.69 19.56 -46.58
N CYS A 1192 -35.55 19.80 -47.20
CA CYS A 1192 -34.29 19.84 -46.46
C CYS A 1192 -34.04 21.25 -45.95
N ILE A 1193 -33.68 21.35 -44.66
CA ILE A 1193 -33.61 22.61 -43.96
C ILE A 1193 -32.22 23.20 -43.92
N LYS A 1194 -31.20 22.44 -44.31
CA LYS A 1194 -29.81 22.87 -44.09
C LYS A 1194 -29.57 24.27 -44.65
N ALA A 1195 -29.87 24.47 -45.94
CA ALA A 1195 -29.69 25.79 -46.53
C ALA A 1195 -30.52 26.84 -45.79
N ALA A 1196 -31.80 26.53 -45.55
CA ALA A 1196 -32.64 27.44 -44.78
C ALA A 1196 -32.03 27.73 -43.42
N ILE A 1197 -31.63 26.68 -42.70
CA ILE A 1197 -31.02 26.87 -41.38
C ILE A 1197 -29.84 27.83 -41.46
N CYS A 1198 -28.96 27.60 -42.43
CA CYS A 1198 -27.77 28.42 -42.57
C CYS A 1198 -28.07 29.82 -43.09
N GLY A 1199 -29.29 30.06 -43.59
CA GLY A 1199 -29.62 31.38 -44.10
C GLY A 1199 -29.97 32.41 -43.05
N GLU A 1200 -30.30 31.98 -41.83
CA GLU A 1200 -30.66 32.92 -40.79
C GLU A 1200 -29.42 33.61 -40.23
N SER A 1201 -29.59 34.86 -39.79
CA SER A 1201 -28.51 35.64 -39.20
C SER A 1201 -28.73 35.92 -37.72
N ASP A 1202 -29.79 35.39 -37.12
CA ASP A 1202 -30.18 35.75 -35.77
C ASP A 1202 -29.47 34.87 -34.75
N LYS A 1203 -29.00 35.51 -33.67
CA LYS A 1203 -28.29 34.77 -32.63
C LYS A 1203 -29.22 33.79 -31.92
N LYS A 1204 -30.42 34.24 -31.55
CA LYS A 1204 -31.33 33.39 -30.79
C LYS A 1204 -31.67 32.11 -31.55
N PHE A 1205 -31.76 32.20 -32.88
CA PHE A 1205 -32.07 31.02 -33.69
C PHE A 1205 -31.00 29.95 -33.52
N PHE A 1206 -29.73 30.32 -33.72
CA PHE A 1206 -28.66 29.34 -33.63
C PHE A 1206 -28.40 28.91 -32.20
N ALA A 1207 -28.56 29.80 -31.23
CA ALA A 1207 -28.45 29.40 -29.84
C ALA A 1207 -29.47 28.32 -29.51
N LYS A 1208 -30.74 28.56 -29.84
CA LYS A 1208 -31.76 27.56 -29.53
C LYS A 1208 -31.59 26.28 -30.35
N LEU A 1209 -31.12 26.40 -31.60
CA LEU A 1209 -30.97 25.21 -32.44
C LEU A 1209 -29.82 24.35 -31.94
N THR A 1210 -28.70 24.98 -31.60
CA THR A 1210 -27.59 24.25 -30.99
C THR A 1210 -28.01 23.63 -29.67
N SER A 1211 -28.82 24.34 -28.89
CA SER A 1211 -29.35 23.77 -27.65
C SER A 1211 -30.19 22.52 -27.93
N VAL A 1212 -31.07 22.60 -28.93
CA VAL A 1212 -31.91 21.46 -29.27
C VAL A 1212 -31.05 20.28 -29.70
N LEU A 1213 -30.08 20.53 -30.57
CA LEU A 1213 -29.16 19.47 -30.99
C LEU A 1213 -28.45 18.87 -29.78
N ASN A 1214 -28.08 19.70 -28.80
CA ASN A 1214 -27.39 19.21 -27.62
C ASN A 1214 -28.27 18.30 -26.80
N THR A 1215 -29.49 18.73 -26.51
CA THR A 1215 -30.39 17.86 -25.75
C THR A 1215 -30.70 16.57 -26.52
N ILE A 1216 -30.81 16.65 -27.85
CA ILE A 1216 -30.97 15.45 -28.65
C ILE A 1216 -29.82 14.49 -28.42
N LEU A 1217 -28.58 14.99 -28.49
CA LEU A 1217 -27.38 14.20 -28.32
C LEU A 1217 -27.18 13.71 -26.89
N GLN A 1218 -28.04 14.11 -25.96
CA GLN A 1218 -27.91 13.74 -24.55
C GLN A 1218 -28.57 12.38 -24.33
N MET A 1219 -27.75 11.32 -24.30
CA MET A 1219 -28.28 9.97 -24.13
C MET A 1219 -28.62 9.66 -22.68
N ALA A 1220 -27.86 10.20 -21.73
CA ALA A 1220 -28.07 9.93 -20.32
C ALA A 1220 -29.00 10.99 -19.73
N ASN A 1221 -30.21 10.57 -19.35
CA ASN A 1221 -31.20 11.45 -18.75
C ASN A 1221 -31.43 11.03 -17.31
N SER A 1222 -31.14 11.92 -16.37
CA SER A 1222 -31.23 11.64 -14.94
C SER A 1222 -32.28 12.54 -14.31
N LYS A 1223 -33.31 11.95 -13.73
CA LYS A 1223 -34.27 12.69 -12.94
C LYS A 1223 -33.62 13.17 -11.65
N THR A 1224 -33.91 14.41 -11.27
CA THR A 1224 -33.25 15.02 -10.12
C THR A 1224 -33.72 14.41 -8.80
N ASP A 1229 -33.62 8.12 -13.88
CA ASP A 1229 -32.33 7.79 -14.47
C ASP A 1229 -32.48 6.71 -15.54
N TYR A 1230 -32.22 7.06 -16.81
CA TYR A 1230 -32.36 6.10 -17.89
C TYR A 1230 -31.52 6.56 -19.08
N LEU A 1231 -31.29 5.63 -20.01
CA LEU A 1231 -30.48 5.87 -21.20
C LEU A 1231 -31.33 5.73 -22.45
N ILE A 1232 -31.05 6.58 -23.45
CA ILE A 1232 -31.79 6.61 -24.71
C ILE A 1232 -30.82 6.93 -25.85
N SER A 1233 -31.20 6.51 -27.05
CA SER A 1233 -30.32 6.62 -28.21
C SER A 1233 -30.96 7.46 -29.31
N PRO A 1234 -30.23 8.41 -29.89
CA PRO A 1234 -30.78 9.19 -31.02
C PRO A 1234 -30.70 8.49 -32.36
N VAL A 1235 -30.00 7.36 -32.46
CA VAL A 1235 -29.81 6.67 -33.73
C VAL A 1235 -30.74 5.47 -33.79
N ALA A 1236 -31.50 5.37 -34.87
CA ALA A 1236 -32.39 4.23 -35.07
C ALA A 1236 -31.59 3.00 -35.49
N ASP A 1237 -32.13 1.83 -35.19
CA ASP A 1237 -31.51 0.57 -35.58
C ASP A 1237 -32.05 0.14 -36.94
N VAL A 1238 -31.70 -1.08 -37.36
CA VAL A 1238 -32.15 -1.58 -38.67
C VAL A 1238 -33.67 -1.54 -38.77
N ASN A 1239 -34.37 -1.78 -37.66
CA ASN A 1239 -35.82 -1.78 -37.65
C ASN A 1239 -36.42 -0.40 -37.43
N GLY A 1240 -35.60 0.66 -37.45
CA GLY A 1240 -36.11 1.97 -37.15
C GLY A 1240 -36.45 2.18 -35.70
N ASN A 1241 -35.90 1.37 -34.80
CA ASN A 1241 -36.17 1.46 -33.37
C ASN A 1241 -35.06 2.23 -32.68
N PHE A 1242 -35.46 3.04 -31.69
CA PHE A 1242 -34.53 3.80 -30.87
C PHE A 1242 -34.44 3.14 -29.50
N PHE A 1243 -33.23 2.84 -29.06
CA PHE A 1243 -33.05 2.12 -27.81
C PHE A 1243 -33.46 2.99 -26.64
N ASP A 1244 -34.27 2.41 -25.74
CA ASP A 1244 -34.78 3.10 -24.56
C ASP A 1244 -34.61 2.18 -23.37
N SER A 1245 -33.79 2.58 -22.39
CA SER A 1245 -33.51 1.72 -21.26
C SER A 1245 -34.75 1.49 -20.40
N ARG A 1246 -35.68 2.45 -20.38
CA ARG A 1246 -36.87 2.32 -19.56
C ARG A 1246 -37.66 1.07 -19.92
N GLN A 1247 -37.94 0.85 -21.20
CA GLN A 1247 -38.58 -0.37 -21.68
C GLN A 1247 -37.61 -1.05 -22.66
N ALA A 1248 -36.94 -2.10 -22.19
CA ALA A 1248 -35.89 -2.74 -22.98
C ALA A 1248 -35.90 -4.23 -22.73
N PRO A 1249 -35.53 -5.03 -23.73
CA PRO A 1249 -35.55 -6.49 -23.56
C PRO A 1249 -34.59 -6.94 -22.47
N LYS A 1250 -34.76 -8.21 -22.07
CA LYS A 1250 -34.01 -8.77 -20.95
C LYS A 1250 -32.52 -8.80 -21.25
N ASN A 1251 -32.15 -9.08 -22.50
CA ASN A 1251 -30.75 -9.23 -22.88
C ASN A 1251 -30.10 -7.91 -23.28
N MET A 1252 -30.71 -6.79 -22.94
CA MET A 1252 -30.12 -5.47 -23.15
C MET A 1252 -30.01 -4.74 -21.83
N PRO A 1253 -29.11 -3.77 -21.73
CA PRO A 1253 -28.94 -3.04 -20.47
C PRO A 1253 -30.24 -2.36 -20.06
N GLN A 1254 -30.63 -2.54 -18.80
CA GLN A 1254 -31.83 -1.92 -18.26
C GLN A 1254 -31.57 -0.56 -17.64
N ASP A 1255 -30.31 -0.10 -17.63
CA ASP A 1255 -29.96 1.21 -17.08
C ASP A 1255 -28.53 1.54 -17.52
N ALA A 1256 -28.04 2.69 -17.08
CA ALA A 1256 -26.74 3.17 -17.54
C ALA A 1256 -25.60 2.34 -16.95
N ASP A 1257 -25.66 2.05 -15.65
CA ASP A 1257 -24.58 1.27 -15.02
C ASP A 1257 -24.42 -0.08 -15.72
N ALA A 1258 -25.52 -0.81 -15.88
CA ALA A 1258 -25.48 -2.04 -16.64
C ALA A 1258 -24.95 -1.81 -18.05
N ASN A 1259 -25.16 -0.61 -18.60
CA ASN A 1259 -24.62 -0.33 -19.93
C ASN A 1259 -23.11 -0.25 -19.91
N GLY A 1260 -22.54 0.38 -18.87
CA GLY A 1260 -21.09 0.42 -18.76
C GLY A 1260 -20.47 -0.95 -18.57
N ALA A 1261 -21.03 -1.74 -17.65
CA ALA A 1261 -20.56 -3.11 -17.51
C ALA A 1261 -20.70 -3.87 -18.82
N TYR A 1262 -21.83 -3.68 -19.51
CA TYR A 1262 -22.08 -4.38 -20.76
C TYR A 1262 -21.00 -4.08 -21.78
N HIS A 1263 -20.59 -2.82 -21.89
CA HIS A 1263 -19.54 -2.51 -22.87
C HIS A 1263 -18.17 -3.02 -22.42
N ILE A 1264 -17.89 -2.99 -21.12
CA ILE A 1264 -16.70 -3.70 -20.64
C ILE A 1264 -16.71 -5.13 -21.16
N GLY A 1265 -17.87 -5.78 -21.06
CA GLY A 1265 -18.00 -7.15 -21.55
C GLY A 1265 -17.88 -7.26 -23.06
N LEU A 1266 -18.23 -6.20 -23.79
CA LEU A 1266 -18.06 -6.23 -25.24
C LEU A 1266 -16.59 -6.17 -25.62
N LYS A 1267 -15.81 -5.35 -24.92
CA LYS A 1267 -14.36 -5.43 -25.11
C LYS A 1267 -13.85 -6.81 -24.76
N GLY A 1268 -14.35 -7.39 -23.66
CA GLY A 1268 -14.07 -8.78 -23.39
C GLY A 1268 -14.39 -9.69 -24.57
N LEU A 1269 -15.51 -9.42 -25.25
CA LEU A 1269 -15.87 -10.20 -26.43
C LEU A 1269 -14.80 -10.09 -27.50
N MET A 1270 -14.31 -8.88 -27.75
CA MET A 1270 -13.19 -8.72 -28.66
C MET A 1270 -12.02 -9.60 -28.23
N LEU A 1271 -11.69 -9.59 -26.94
CA LEU A 1271 -10.62 -10.44 -26.45
C LEU A 1271 -10.90 -11.91 -26.75
N LEU A 1272 -12.15 -12.34 -26.54
CA LEU A 1272 -12.51 -13.73 -26.80
C LEU A 1272 -12.30 -14.09 -28.27
N GLY A 1273 -12.68 -13.19 -29.17
CA GLY A 1273 -12.46 -13.46 -30.59
C GLY A 1273 -10.98 -13.57 -30.93
N ARG A 1274 -10.17 -12.65 -30.43
CA ARG A 1274 -8.73 -12.77 -30.64
C ARG A 1274 -8.20 -14.09 -30.09
N ILE A 1275 -8.64 -14.47 -28.88
CA ILE A 1275 -8.23 -15.74 -28.29
C ILE A 1275 -8.67 -16.90 -29.17
N LYS A 1276 -9.81 -16.77 -29.82
CA LYS A 1276 -10.34 -17.86 -30.62
C LYS A 1276 -9.55 -18.04 -31.92
N ASN A 1277 -9.05 -16.94 -32.48
CA ASN A 1277 -8.28 -17.03 -33.71
C ASN A 1277 -6.78 -17.07 -33.50
N ASN A 1278 -6.32 -17.09 -32.25
CA ASN A 1278 -4.88 -17.12 -32.00
C ASN A 1278 -4.29 -18.46 -32.44
N GLN A 1279 -3.10 -18.40 -33.02
CA GLN A 1279 -2.44 -19.57 -33.56
C GLN A 1279 -1.26 -20.00 -32.68
N GLU A 1280 -0.99 -21.30 -32.70
CA GLU A 1280 0.07 -21.86 -31.86
C GLU A 1280 1.41 -21.26 -32.22
N GLY A 1281 2.19 -20.91 -31.19
CA GLY A 1281 3.49 -20.31 -31.36
C GLY A 1281 3.49 -18.82 -31.58
N LYS A 1282 2.34 -18.22 -31.88
CA LYS A 1282 2.22 -16.79 -32.07
C LYS A 1282 1.72 -16.13 -30.80
N LYS A 1283 2.26 -14.95 -30.49
CA LYS A 1283 1.88 -14.22 -29.29
C LYS A 1283 0.51 -13.58 -29.48
N LEU A 1284 -0.29 -13.61 -28.42
CA LEU A 1284 -1.63 -13.05 -28.43
C LEU A 1284 -1.60 -11.57 -28.05
N ASN A 1285 -2.35 -10.76 -28.79
CA ASN A 1285 -2.36 -9.31 -28.61
C ASN A 1285 -3.62 -8.89 -27.86
N LEU A 1286 -3.44 -8.37 -26.66
CA LEU A 1286 -4.57 -8.03 -25.80
C LEU A 1286 -4.87 -6.54 -25.75
N VAL A 1287 -4.12 -5.71 -26.48
CA VAL A 1287 -4.35 -4.27 -26.48
C VAL A 1287 -5.53 -3.95 -27.39
N ILE A 1288 -6.53 -3.27 -26.85
CA ILE A 1288 -7.67 -2.79 -27.63
C ILE A 1288 -7.48 -1.30 -27.90
N LYS A 1289 -7.62 -0.91 -29.17
CA LYS A 1289 -7.59 0.49 -29.57
C LYS A 1289 -9.00 0.98 -29.85
N ASN A 1290 -9.20 2.28 -29.66
CA ASN A 1290 -10.53 2.86 -29.86
C ASN A 1290 -11.04 2.62 -31.27
N GLU A 1291 -10.15 2.60 -32.27
CA GLU A 1291 -10.61 2.31 -33.62
C GLU A 1291 -11.20 0.89 -33.71
N GLU A 1292 -10.46 -0.10 -33.19
CA GLU A 1292 -10.95 -1.47 -33.19
C GLU A 1292 -12.25 -1.59 -32.41
N TYR A 1293 -12.32 -0.93 -31.25
CA TYR A 1293 -13.51 -0.99 -30.41
C TYR A 1293 -14.71 -0.35 -31.10
N PHE A 1294 -14.51 0.79 -31.75
CA PHE A 1294 -15.60 1.50 -32.43
C PHE A 1294 -16.08 0.72 -33.63
N GLU A 1295 -15.15 0.14 -34.40
CA GLU A 1295 -15.55 -0.68 -35.55
C GLU A 1295 -16.35 -1.89 -35.10
N PHE A 1296 -15.84 -2.61 -34.10
CA PHE A 1296 -16.56 -3.78 -33.60
C PHE A 1296 -17.94 -3.40 -33.07
N VAL A 1297 -17.99 -2.38 -32.22
CA VAL A 1297 -19.23 -2.06 -31.53
C VAL A 1297 -20.25 -1.43 -32.47
N GLN A 1298 -19.79 -0.83 -33.56
CA GLN A 1298 -20.72 -0.25 -34.53
C GLN A 1298 -21.21 -1.29 -35.52
N ASN A 1299 -20.38 -2.25 -35.89
CA ASN A 1299 -20.74 -3.18 -36.95
C ASN A 1299 -21.38 -4.48 -36.47
N ARG A 1300 -21.46 -4.72 -35.17
CA ARG A 1300 -21.89 -6.03 -34.72
C ARG A 1300 -23.39 -6.25 -34.95
N ASN A 1301 -24.20 -5.22 -34.70
CA ASN A 1301 -25.62 -5.28 -35.06
C ASN A 1301 -25.91 -4.56 -36.38
N ASN A 1302 -24.89 -4.01 -37.01
CA ASN A 1302 -25.04 -3.29 -38.26
C ASN A 1302 -24.19 -3.96 -39.33
#